data_8TKP
#
_entry.id   8TKP
#
_cell.length_a   1.00
_cell.length_b   1.00
_cell.length_c   1.00
_cell.angle_alpha   90.00
_cell.angle_beta   90.00
_cell.angle_gamma   90.00
#
_symmetry.space_group_name_H-M   'P 1'
#
loop_
_entity.id
_entity.type
_entity.pdbx_description
1 polymer 'Transmembrane channel-like protein 2'
2 polymer 'CALMyrin (Calcium and Integrin Binding protein) homolog'
3 polymer 'Transmembrane inner ear expressed protein'
4 branched 2-acetamido-2-deoxy-beta-D-glucopyranose-(1-3)-2-acetamido-2-deoxy-beta-D-glucopyranose
5 branched 2-acetamido-2-deoxy-beta-D-glucopyranose-(1-4)-2-acetamido-2-deoxy-beta-D-glucopyranose
6 non-polymer DOCOSANE
7 non-polymer 1,2-dioleoyl-sn-glycero-3-phosphoethanolamine
8 non-polymer HEXADECANE
9 non-polymer CHOLESTEROL
10 non-polymer 2-acetamido-2-deoxy-beta-D-glucopyranose
11 non-polymer 'CALCIUM ION'
12 non-polymer 'PALMITIC ACID'
#
loop_
_entity_poly.entity_id
_entity_poly.type
_entity_poly.pdbx_seq_one_letter_code
_entity_poly.pdbx_strand_id
1 'polypeptide(L)'
;MPKSGAHQPLVRHDTDDGGETGQSVKSLADVSEEEIDSRMSRRSSVIADLLSLFRRSSSVLVRPHTRLGNPNFDDDDDEF
DEEDDKEASKDRILKKIQQKKEIIQKLRGQPWYMKRKRRTLKVAQKHLQQQEAKVSKARLYKAEAGRRLTQASRWLDNLK
IYLIPWEAKIRKIESHFGSVVSSYFTFHRWVLGVNITITFIMCMFVVIPEWLADSRTQFGDDRYNKTKAIKVMPPAVRAR
ADELSTVWDFGGYFQYSLLFYGFYSKETFFGETIKYRVPVAYFFCNIFILGFSLFIILRKMAANNRRGTLSSGKTQQYLF
NWKAFTGWDYTIGNPETAGNVYMANVIKFREAINDDKQKPSDKHPWIRFVARVLTNLFICAMYVFSIWAIMQCGTLKGEH
FFAQNATAITISLITLVFPNIFDLLGKIEKLHPRNALRFQLGRVLVLYILNYYTLIYSLMLQLEHLQKEKNASDNPISAL
GHPGDAIGRTIRETVLPRYPVDNNPHTYYSYAPVTTTPIPATSSWTTVLPDFGPFGVYNPKASVTKDDTVFSSPVVETHM
FGPNSDWNETTVNAASPTGATTRASLRMSQGGLCWETIIGQEITKLVTMDLYMTVASIFLIDFLRGLACRYLNLYWPWDL
ERTFPEYGEFKVAENVLHLVNNQGMIWLGLFFVPLLPMLNNIKLIILMYIRGWAAMTCNVPASQIFRASRSSNFFFALLI
LFLFLCTLPVGFVIASKTPSKSCGPFGNQSFFYSVITDVLHENLDKTLVNGIKYSLSPGIIIPVLVLLSLVIYFLIAMVT
GLSQANQDLSFQLMVERTEEKKKIFELAGGKKKKSKDNTFGKQKPKQLLPPPTKGVSSDDDSQHNRSTAKSVSGRQFVPS
LGSVSEVDHSTGEEQSSDSESTTSSLPPKLSLRQRFLVCIGWADPNKYGRHDDIEMEEGGGRLRELSTGSETDSDDEDSE
KSNRDMSYRTAIQSFDQNSQSASASSSKSTTTAPSNSEMRIEITENPLHTYITPLRIEKKSSASSSSSSHQPSSSIEKQA
ARRLLQPISTTHNIRYGVATVENSSQDPTRPPSTDDSLGDPALHEPLWANLNPHSSYTSAMMSPIMNEVMSNDETTDDEK
GRLIPDRPPIPHSPRELKRLKREKDQQSESGSKPSTPRPPRFRISMSPPRKPPSEKNDSDSSNRKYEMRVEKSPKKPKKS
DND
;
A,D
2 'polypeptide(L)'
;MGNNASSLSELNLFSKGGVFTREQLDEYQDCTFFTRKDIIRLYKRFYALNPHKVPTNMQGNRPAITTLTFEEVEKMPELK
ENPFKRRICEVFSEDGRGNLSFDDFLDMFSVFSEMAPLQLKLKYAFRIYDYDGDELLGHDDLSKMIRSLTRDELSDVEVE
FIIERIIEEADLDGDSSINFAEFEHVVSRSPDFIRTFHIRI
;
B,E
3 'polypeptide(L)'
;MPSGNEEINHLSALDQFVAPGLRLWMLIALVGGVLLIMIVIVCCFMRIRIPRTKRQIDLIAAKRKLRKSTKNSAEANAHN
DERAQAIVMNSMPSGGGGGAPSTSSSRHTGSRIQSQV
;
C,F
#
# COMPACT_ATOMS: atom_id res chain seq x y z
N SER A 89 13.71 24.01 37.04
CA SER A 89 14.81 23.41 37.77
C SER A 89 14.57 21.92 37.99
N LYS A 90 13.29 21.56 38.19
CA LYS A 90 12.93 20.15 38.35
C LYS A 90 13.02 19.37 37.04
N ASP A 91 13.22 20.06 35.91
CA ASP A 91 13.28 19.37 34.63
C ASP A 91 14.43 18.38 34.57
N ARG A 92 15.60 18.78 35.09
CA ARG A 92 16.73 17.87 35.10
C ARG A 92 16.45 16.64 35.95
N ILE A 93 15.81 16.83 37.10
CA ILE A 93 15.50 15.72 37.99
C ILE A 93 14.53 14.76 37.33
N LEU A 94 13.45 15.29 36.74
CA LEU A 94 12.49 14.40 36.09
C LEU A 94 13.11 13.71 34.88
N LYS A 95 13.99 14.39 34.15
CA LYS A 95 14.63 13.78 33.00
C LYS A 95 15.55 12.63 33.42
N LYS A 96 16.38 12.84 34.44
CA LYS A 96 17.25 11.76 34.88
C LYS A 96 16.45 10.61 35.49
N ILE A 97 15.34 10.91 36.18
CA ILE A 97 14.49 9.85 36.72
C ILE A 97 13.87 9.03 35.58
N GLN A 98 13.41 9.72 34.53
CA GLN A 98 12.85 9.00 33.39
C GLN A 98 13.91 8.16 32.69
N GLN A 99 15.14 8.69 32.60
CA GLN A 99 16.23 7.92 32.00
C GLN A 99 16.51 6.65 32.80
N LYS A 100 16.54 6.77 34.12
CA LYS A 100 16.77 5.59 34.96
C LYS A 100 15.62 4.59 34.85
N LYS A 101 14.39 5.11 34.75
CA LYS A 101 13.24 4.23 34.53
C LYS A 101 13.37 3.48 33.22
N GLU A 102 13.82 4.16 32.17
CA GLU A 102 14.03 3.52 30.88
C GLU A 102 15.13 2.46 30.98
N ILE A 103 16.19 2.75 31.74
CA ILE A 103 17.25 1.78 31.95
C ILE A 103 16.72 0.54 32.65
N ILE A 104 15.78 0.74 33.57
CA ILE A 104 15.17 -0.39 34.28
C ILE A 104 14.58 -1.39 33.29
N GLN A 105 13.83 -0.88 32.30
CA GLN A 105 13.22 -1.76 31.31
C GLN A 105 14.25 -2.30 30.33
N LYS A 106 15.21 -1.47 29.93
CA LYS A 106 16.21 -1.88 28.94
C LYS A 106 17.18 -2.91 29.49
N LEU A 107 17.27 -3.04 30.81
CA LEU A 107 18.23 -3.96 31.40
C LEU A 107 17.95 -5.42 31.03
N ARG A 108 16.69 -5.75 30.74
CA ARG A 108 16.33 -7.14 30.46
C ARG A 108 17.04 -7.69 29.23
N GLY A 109 17.39 -6.84 28.27
CA GLY A 109 18.03 -7.31 27.04
C GLY A 109 19.46 -6.84 26.87
N GLN A 110 20.22 -6.83 27.95
CA GLN A 110 21.60 -6.37 27.79
C GLN A 110 22.56 -7.55 27.74
N PRO A 111 23.61 -7.47 26.92
CA PRO A 111 24.62 -8.55 26.85
C PRO A 111 25.60 -8.49 28.00
N TRP A 112 25.07 -8.65 29.22
CA TRP A 112 25.87 -8.55 30.43
C TRP A 112 25.69 -9.81 31.28
N TYR A 113 26.69 -10.07 32.10
CA TYR A 113 26.58 -11.14 33.08
C TYR A 113 25.54 -10.78 34.14
N MET A 114 25.07 -11.80 34.87
CA MET A 114 24.02 -11.58 35.85
C MET A 114 24.46 -10.64 36.96
N LYS A 115 25.74 -10.66 37.32
CA LYS A 115 26.22 -9.74 38.36
C LYS A 115 26.05 -8.28 37.92
N ARG A 116 26.40 -7.98 36.67
CA ARG A 116 26.23 -6.62 36.18
C ARG A 116 24.76 -6.21 36.17
N LYS A 117 23.88 -7.12 35.73
CA LYS A 117 22.46 -6.81 35.73
C LYS A 117 21.94 -6.56 37.14
N ARG A 118 22.35 -7.38 38.10
CA ARG A 118 21.92 -7.20 39.48
C ARG A 118 22.42 -5.87 40.03
N ARG A 119 23.68 -5.54 39.79
CA ARG A 119 24.24 -4.28 40.29
C ARG A 119 23.52 -3.09 39.68
N THR A 120 23.31 -3.10 38.37
CA THR A 120 22.64 -2.00 37.71
C THR A 120 21.20 -1.87 38.19
N LEU A 121 20.50 -2.99 38.34
CA LEU A 121 19.13 -2.94 38.84
C LEU A 121 19.07 -2.36 40.24
N LYS A 122 19.97 -2.80 41.13
CA LYS A 122 19.98 -2.28 42.49
C LYS A 122 20.29 -0.78 42.50
N VAL A 123 21.27 -0.35 41.71
CA VAL A 123 21.64 1.06 41.69
C VAL A 123 20.48 1.90 41.16
N ALA A 124 19.84 1.45 40.07
CA ALA A 124 18.73 2.21 39.51
C ALA A 124 17.55 2.26 40.46
N GLN A 125 17.25 1.16 41.14
CA GLN A 125 16.15 1.16 42.10
C GLN A 125 16.45 2.08 43.28
N LYS A 126 17.70 2.06 43.77
CA LYS A 126 18.09 2.95 44.85
C LYS A 126 17.97 4.40 44.43
N HIS A 127 18.39 4.72 43.20
CA HIS A 127 18.23 6.07 42.69
C HIS A 127 16.76 6.47 42.60
N LEU A 128 15.92 5.55 42.12
CA LEU A 128 14.50 5.85 41.98
C LEU A 128 13.84 6.13 43.32
N GLN A 129 14.12 5.29 44.32
CA GLN A 129 13.48 5.47 45.62
C GLN A 129 14.12 6.63 46.39
N GLN A 130 15.38 6.93 46.12
CA GLN A 130 16.14 7.89 46.91
C GLN A 130 15.73 9.33 46.64
N GLN A 131 15.11 9.60 45.49
CA GLN A 131 14.87 10.98 45.06
C GLN A 131 14.04 11.77 46.06
N GLU A 132 14.66 12.77 46.69
CA GLU A 132 13.95 13.67 47.57
C GLU A 132 13.23 14.74 46.74
N ALA A 133 12.27 15.41 47.38
CA ALA A 133 11.46 16.44 46.74
C ALA A 133 10.80 15.89 45.47
N LYS A 134 9.94 14.89 45.67
CA LYS A 134 9.26 14.23 44.59
C LYS A 134 8.17 15.14 44.01
N VAL A 135 7.42 14.60 43.05
CA VAL A 135 6.31 15.30 42.43
C VAL A 135 5.18 15.41 43.45
N SER A 136 4.17 16.25 43.15
CA SER A 136 3.07 16.51 44.06
C SER A 136 2.33 15.22 44.44
N LYS A 137 1.52 15.29 45.50
CA LYS A 137 0.90 14.08 46.04
C LYS A 137 -0.05 13.44 45.04
N ALA A 138 -0.70 14.23 44.20
CA ALA A 138 -1.58 13.67 43.19
C ALA A 138 -0.79 12.83 42.19
N ARG A 139 0.28 13.40 41.62
CA ARG A 139 1.11 12.65 40.70
C ARG A 139 1.97 11.61 41.42
N LEU A 140 2.24 11.80 42.72
CA LEU A 140 2.89 10.75 43.49
C LEU A 140 1.98 9.52 43.57
N TYR A 141 0.70 9.73 43.85
CA TYR A 141 -0.26 8.62 43.83
C TYR A 141 -0.42 8.06 42.43
N LYS A 142 -0.31 8.91 41.41
CA LYS A 142 -0.33 8.41 40.03
C LYS A 142 0.84 7.46 39.76
N ALA A 143 2.04 7.83 40.22
CA ALA A 143 3.20 6.95 40.07
C ALA A 143 3.03 5.66 40.87
N GLU A 144 2.46 5.77 42.08
CA GLU A 144 2.18 4.58 42.87
C GLU A 144 1.20 3.65 42.14
N ALA A 145 0.16 4.22 41.53
CA ALA A 145 -0.79 3.43 40.78
C ALA A 145 -0.14 2.79 39.56
N GLY A 146 0.77 3.51 38.90
CA GLY A 146 1.49 2.94 37.78
C GLY A 146 2.37 1.76 38.20
N ARG A 147 3.06 1.89 39.33
CA ARG A 147 3.86 0.78 39.84
C ARG A 147 2.99 -0.41 40.19
N ARG A 148 1.83 -0.16 40.83
CA ARG A 148 0.91 -1.24 41.14
C ARG A 148 0.39 -1.91 39.87
N LEU A 149 0.11 -1.11 38.84
CA LEU A 149 -0.35 -1.67 37.57
C LEU A 149 0.73 -2.54 36.92
N THR A 150 1.99 -2.09 36.98
CA THR A 150 3.07 -2.91 36.46
C THR A 150 3.19 -4.23 37.22
N GLN A 151 3.09 -4.16 38.55
CA GLN A 151 3.13 -5.39 39.35
C GLN A 151 1.97 -6.32 38.99
N ALA A 152 0.77 -5.75 38.80
CA ALA A 152 -0.38 -6.57 38.43
C ALA A 152 -0.19 -7.19 37.05
N SER A 153 0.40 -6.45 36.11
CA SER A 153 0.67 -6.99 34.79
C SER A 153 1.65 -8.16 34.86
N ARG A 154 2.71 -8.01 35.66
CA ARG A 154 3.65 -9.11 35.82
C ARG A 154 2.98 -10.32 36.47
N TRP A 155 2.14 -10.08 37.48
CA TRP A 155 1.44 -11.17 38.14
C TRP A 155 0.51 -11.90 37.18
N LEU A 156 -0.23 -11.14 36.35
CA LEU A 156 -1.15 -11.79 35.42
C LEU A 156 -0.40 -12.53 34.32
N ASP A 157 0.76 -12.02 33.91
CA ASP A 157 1.58 -12.76 32.96
C ASP A 157 2.09 -14.07 33.56
N ASN A 158 2.53 -14.02 34.83
CA ASN A 158 2.97 -15.24 35.49
C ASN A 158 1.83 -16.24 35.64
N LEU A 159 0.62 -15.75 35.91
CA LEU A 159 -0.53 -16.63 35.96
C LEU A 159 -0.85 -17.22 34.59
N LYS A 160 -0.73 -16.41 33.55
CA LYS A 160 -1.11 -16.84 32.20
C LYS A 160 -0.13 -17.86 31.64
N ILE A 161 1.14 -17.78 32.03
CA ILE A 161 2.16 -18.66 31.49
C ILE A 161 1.85 -20.11 31.83
N TYR A 162 1.02 -20.32 32.86
CA TYR A 162 0.61 -21.67 33.23
C TYR A 162 -0.46 -22.23 32.30
N LEU A 163 -1.11 -21.38 31.50
CA LEU A 163 -2.25 -21.78 30.70
C LEU A 163 -1.89 -22.04 29.24
N ILE A 164 -0.61 -22.11 28.91
CA ILE A 164 -0.17 -22.44 27.55
C ILE A 164 -0.01 -23.95 27.47
N PRO A 165 -0.84 -24.65 26.71
CA PRO A 165 -0.74 -26.11 26.66
C PRO A 165 0.32 -26.60 25.68
N TRP A 166 0.70 -27.86 25.87
CA TRP A 166 1.55 -28.60 24.93
C TRP A 166 2.93 -27.98 24.77
N GLU A 167 3.41 -27.24 25.77
CA GLU A 167 4.77 -26.73 25.71
C GLU A 167 5.78 -27.88 25.69
N ALA A 168 5.56 -28.89 26.54
CA ALA A 168 6.43 -30.06 26.56
C ALA A 168 6.32 -30.84 25.25
N LYS A 169 5.10 -31.01 24.74
CA LYS A 169 4.90 -31.76 23.50
C LYS A 169 5.57 -31.06 22.32
N ILE A 170 5.36 -29.76 22.20
CA ILE A 170 5.98 -28.99 21.11
C ILE A 170 7.49 -28.99 21.27
N ARG A 171 7.98 -28.90 22.50
CA ARG A 171 9.42 -28.93 22.72
C ARG A 171 10.02 -30.26 22.30
N LYS A 172 9.35 -31.37 22.64
CA LYS A 172 9.85 -32.68 22.25
C LYS A 172 9.84 -32.85 20.74
N ILE A 173 8.75 -32.42 20.08
CA ILE A 173 8.67 -32.53 18.63
C ILE A 173 9.76 -31.69 17.97
N GLU A 174 9.97 -30.47 18.48
CA GLU A 174 11.01 -29.59 17.94
C GLU A 174 12.39 -30.20 18.13
N SER A 175 12.64 -30.79 19.31
CA SER A 175 13.93 -31.42 19.56
C SER A 175 14.16 -32.60 18.62
N HIS A 176 13.12 -33.39 18.37
CA HIS A 176 13.30 -34.58 17.55
C HIS A 176 13.46 -34.22 16.07
N PHE A 177 12.69 -33.24 15.58
CA PHE A 177 12.68 -32.91 14.17
C PHE A 177 13.32 -31.55 13.87
N GLY A 178 12.84 -30.48 14.48
CA GLY A 178 13.40 -29.17 14.21
C GLY A 178 12.40 -28.04 14.27
N SER A 179 12.88 -26.83 13.99
CA SER A 179 12.02 -25.65 14.07
C SER A 179 10.97 -25.65 12.96
N VAL A 180 11.34 -26.13 11.77
CA VAL A 180 10.42 -26.11 10.64
C VAL A 180 9.20 -26.98 10.93
N VAL A 181 9.44 -28.18 11.47
CA VAL A 181 8.34 -29.09 11.77
C VAL A 181 7.50 -28.54 12.92
N SER A 182 8.16 -28.06 13.97
CA SER A 182 7.43 -27.54 15.13
C SER A 182 6.67 -26.26 14.81
N SER A 183 7.02 -25.59 13.70
CA SER A 183 6.25 -24.42 13.28
C SER A 183 4.80 -24.79 13.00
N TYR A 184 4.58 -25.97 12.41
CA TYR A 184 3.21 -26.42 12.18
C TYR A 184 2.46 -26.57 13.49
N PHE A 185 3.10 -27.13 14.52
CA PHE A 185 2.40 -27.37 15.78
C PHE A 185 2.14 -26.06 16.52
N THR A 186 3.08 -25.10 16.43
CA THR A 186 2.82 -23.78 17.00
C THR A 186 1.66 -23.11 16.28
N PHE A 187 1.62 -23.22 14.95
CA PHE A 187 0.49 -22.68 14.20
C PHE A 187 -0.81 -23.36 14.57
N HIS A 188 -0.76 -24.68 14.79
CA HIS A 188 -1.95 -25.42 15.20
C HIS A 188 -2.45 -24.94 16.55
N ARG A 189 -1.54 -24.72 17.50
CA ARG A 189 -1.95 -24.20 18.80
C ARG A 189 -2.54 -22.80 18.69
N TRP A 190 -1.95 -21.96 17.83
CA TRP A 190 -2.50 -20.62 17.63
C TRP A 190 -3.89 -20.67 17.02
N VAL A 191 -4.09 -21.55 16.03
CA VAL A 191 -5.41 -21.70 15.42
C VAL A 191 -6.41 -22.22 16.43
N LEU A 192 -5.96 -23.13 17.32
CA LEU A 192 -6.83 -23.60 18.39
C LEU A 192 -7.22 -22.46 19.32
N GLY A 193 -6.27 -21.57 19.64
CA GLY A 193 -6.61 -20.42 20.45
C GLY A 193 -7.61 -19.50 19.78
N VAL A 194 -7.44 -19.27 18.48
CA VAL A 194 -8.39 -18.45 17.75
C VAL A 194 -9.77 -19.09 17.75
N ASN A 195 -9.83 -20.40 17.54
CA ASN A 195 -11.11 -21.10 17.56
C ASN A 195 -11.73 -21.05 18.96
N ILE A 196 -10.90 -21.12 20.01
CA ILE A 196 -11.42 -21.00 21.37
C ILE A 196 -12.02 -19.62 21.60
N THR A 197 -11.36 -18.58 21.08
CA THR A 197 -11.92 -17.23 21.18
C THR A 197 -13.25 -17.15 20.46
N ILE A 198 -13.33 -17.74 19.26
CA ILE A 198 -14.59 -17.74 18.51
C ILE A 198 -15.69 -18.45 19.29
N THR A 199 -15.35 -19.61 19.88
CA THR A 199 -16.34 -20.34 20.68
C THR A 199 -16.78 -19.53 21.88
N PHE A 200 -15.85 -18.85 22.54
CA PHE A 200 -16.22 -18.02 23.68
C PHE A 200 -17.18 -16.92 23.27
N ILE A 201 -16.91 -16.27 22.14
CA ILE A 201 -17.81 -15.21 21.67
C ILE A 201 -19.19 -15.79 21.37
N MET A 202 -19.23 -16.89 20.61
CA MET A 202 -20.52 -17.47 20.23
C MET A 202 -21.32 -17.90 21.45
N CYS A 203 -20.65 -18.55 22.41
CA CYS A 203 -21.35 -18.99 23.61
C CYS A 203 -21.86 -17.81 24.42
N MET A 204 -20.97 -16.85 24.72
CA MET A 204 -21.35 -15.74 25.59
C MET A 204 -22.49 -14.94 25.00
N PHE A 205 -22.43 -14.64 23.70
CA PHE A 205 -23.41 -13.73 23.12
C PHE A 205 -24.60 -14.43 22.47
N VAL A 206 -24.46 -15.68 22.05
CA VAL A 206 -25.55 -16.33 21.31
C VAL A 206 -26.02 -17.60 22.01
N VAL A 207 -25.11 -18.55 22.21
CA VAL A 207 -25.51 -19.88 22.68
C VAL A 207 -26.04 -19.81 24.10
N ILE A 208 -25.30 -19.14 25.00
CA ILE A 208 -25.71 -19.11 26.41
C ILE A 208 -27.04 -18.38 26.62
N PRO A 209 -27.30 -17.22 26.00
CA PRO A 209 -28.63 -16.61 26.17
C PRO A 209 -29.75 -17.51 25.69
N GLU A 210 -29.57 -18.20 24.56
CA GLU A 210 -30.60 -19.10 24.07
C GLU A 210 -30.80 -20.27 25.04
N TRP A 211 -29.71 -20.81 25.58
CA TRP A 211 -29.82 -21.89 26.54
C TRP A 211 -30.55 -21.43 27.80
N LEU A 212 -30.26 -20.21 28.26
CA LEU A 212 -30.95 -19.68 29.43
C LEU A 212 -32.43 -19.51 29.18
N ALA A 213 -32.78 -18.99 27.99
CA ALA A 213 -34.18 -18.84 27.64
C ALA A 213 -34.89 -20.19 27.58
N ASP A 214 -34.22 -21.20 27.01
CA ASP A 214 -34.81 -22.53 26.96
C ASP A 214 -35.00 -23.11 28.35
N SER A 215 -34.01 -22.92 29.22
CA SER A 215 -34.09 -23.44 30.58
C SER A 215 -35.21 -22.78 31.36
N ARG A 216 -35.34 -21.46 31.25
CA ARG A 216 -36.42 -20.78 31.95
C ARG A 216 -37.79 -21.05 31.35
N THR A 217 -37.85 -21.68 30.17
CA THR A 217 -39.12 -22.01 29.56
C THR A 217 -39.82 -23.13 30.33
N GLN A 218 -41.15 -23.07 30.35
CA GLN A 218 -41.98 -24.06 31.03
C GLN A 218 -43.02 -24.58 30.07
N PHE A 219 -43.55 -25.76 30.38
CA PHE A 219 -44.61 -26.33 29.55
C PHE A 219 -45.85 -25.45 29.62
N GLY A 220 -46.43 -25.16 28.46
CA GLY A 220 -47.57 -24.27 28.37
C GLY A 220 -47.22 -22.80 28.38
N ASP A 221 -45.94 -22.45 28.49
CA ASP A 221 -45.53 -21.05 28.48
C ASP A 221 -45.68 -20.48 27.07
N ASP A 222 -45.86 -19.16 27.01
CA ASP A 222 -46.04 -18.49 25.73
C ASP A 222 -44.86 -18.72 24.81
N ARG A 223 -43.63 -18.62 25.35
CA ARG A 223 -42.46 -18.95 24.55
C ARG A 223 -42.48 -20.41 24.13
N TYR A 224 -42.88 -21.31 25.04
CA TYR A 224 -43.06 -22.70 24.65
C TYR A 224 -44.17 -22.84 23.62
N ASN A 225 -45.28 -22.11 23.82
CA ASN A 225 -46.38 -22.13 22.86
C ASN A 225 -45.89 -21.84 21.46
N LYS A 226 -45.03 -20.84 21.30
CA LYS A 226 -44.61 -20.39 19.98
C LYS A 226 -43.30 -21.02 19.51
N THR A 227 -42.63 -21.81 20.35
CA THR A 227 -41.41 -22.49 19.94
C THR A 227 -41.52 -24.01 19.96
N LYS A 228 -42.70 -24.56 20.27
CA LYS A 228 -42.87 -26.01 20.25
C LYS A 228 -42.61 -26.57 18.85
N ALA A 229 -42.87 -25.79 17.82
CA ALA A 229 -42.71 -26.28 16.46
C ALA A 229 -41.25 -26.60 16.13
N ILE A 230 -40.33 -25.74 16.56
CA ILE A 230 -38.92 -25.87 16.19
C ILE A 230 -38.07 -26.34 17.36
N LYS A 231 -38.68 -26.60 18.52
CA LYS A 231 -37.92 -27.07 19.67
C LYS A 231 -38.38 -28.40 20.23
N VAL A 232 -39.61 -28.83 19.96
CA VAL A 232 -40.14 -30.09 20.47
C VAL A 232 -40.29 -31.04 19.30
N MET A 233 -39.71 -32.23 19.43
CA MET A 233 -39.75 -33.21 18.35
C MET A 233 -41.17 -33.73 18.16
N PRO A 234 -41.58 -34.02 16.92
CA PRO A 234 -42.76 -34.84 16.70
C PRO A 234 -42.47 -36.27 17.08
N PRO A 235 -43.51 -37.07 17.37
CA PRO A 235 -43.25 -38.46 17.81
C PRO A 235 -42.47 -39.29 16.80
N ALA A 236 -42.68 -39.06 15.50
CA ALA A 236 -41.97 -39.85 14.49
C ALA A 236 -40.46 -39.63 14.58
N VAL A 237 -40.04 -38.37 14.66
CA VAL A 237 -38.60 -38.09 14.76
C VAL A 237 -38.05 -38.58 16.08
N ARG A 238 -38.84 -38.46 17.15
CA ARG A 238 -38.38 -38.95 18.45
C ARG A 238 -38.15 -40.45 18.42
N ALA A 239 -39.03 -41.19 17.72
CA ALA A 239 -38.85 -42.62 17.60
C ALA A 239 -37.67 -42.97 16.70
N ARG A 240 -37.50 -42.24 15.60
CA ARG A 240 -36.48 -42.59 14.62
C ARG A 240 -35.09 -42.05 14.95
N ALA A 241 -34.97 -41.18 15.95
CA ALA A 241 -33.67 -40.58 16.24
C ALA A 241 -32.63 -41.63 16.64
N ASP A 242 -33.06 -42.75 17.22
CA ASP A 242 -32.12 -43.75 17.68
C ASP A 242 -31.45 -44.48 16.52
N GLU A 243 -32.07 -44.46 15.33
CA GLU A 243 -31.51 -45.15 14.19
C GLU A 243 -30.17 -44.55 13.78
N LEU A 244 -29.27 -45.41 13.30
CA LEU A 244 -27.94 -44.94 12.90
C LEU A 244 -28.00 -44.02 11.70
N SER A 245 -29.00 -44.19 10.84
CA SER A 245 -29.12 -43.34 9.66
C SER A 245 -29.33 -41.88 10.05
N THR A 246 -30.20 -41.64 11.04
CA THR A 246 -30.42 -40.28 11.51
C THR A 246 -29.17 -39.71 12.17
N VAL A 247 -28.43 -40.54 12.89
CA VAL A 247 -27.20 -40.09 13.54
C VAL A 247 -26.16 -39.69 12.50
N TRP A 248 -26.11 -40.43 11.38
CA TRP A 248 -25.18 -40.07 10.32
C TRP A 248 -25.49 -38.69 9.76
N ASP A 249 -26.76 -38.36 9.59
CA ASP A 249 -27.18 -37.09 9.00
C ASP A 249 -27.36 -35.99 10.04
N PHE A 250 -27.10 -36.27 11.31
CA PHE A 250 -27.30 -35.32 12.41
C PHE A 250 -28.76 -34.87 12.51
N GLY A 251 -29.68 -35.63 11.95
CA GLY A 251 -31.08 -35.30 11.94
C GLY A 251 -31.86 -35.72 13.16
N GLY A 252 -31.21 -36.31 14.15
CA GLY A 252 -31.89 -36.73 15.35
C GLY A 252 -31.92 -35.64 16.40
N TYR A 253 -31.39 -35.94 17.59
CA TYR A 253 -31.35 -34.95 18.66
C TYR A 253 -30.43 -33.79 18.32
N PHE A 254 -29.50 -33.98 17.39
CA PHE A 254 -28.62 -32.89 16.96
C PHE A 254 -29.41 -31.78 16.29
N GLN A 255 -30.36 -32.14 15.42
CA GLN A 255 -31.17 -31.13 14.74
C GLN A 255 -31.98 -30.31 15.72
N TYR A 256 -32.58 -30.96 16.71
CA TYR A 256 -33.34 -30.27 17.75
C TYR A 256 -32.44 -29.95 18.94
N SER A 257 -31.34 -29.27 18.65
CA SER A 257 -30.37 -28.87 19.67
C SER A 257 -29.78 -27.53 19.28
N LEU A 258 -29.02 -26.96 20.22
CA LEU A 258 -28.39 -25.66 20.03
C LEU A 258 -27.26 -25.69 19.02
N LEU A 259 -27.05 -26.83 18.36
CA LEU A 259 -25.98 -26.98 17.38
C LEU A 259 -26.27 -26.31 16.05
N PHE A 260 -27.53 -26.27 15.62
CA PHE A 260 -27.87 -25.84 14.27
C PHE A 260 -28.67 -24.54 14.27
N TYR A 261 -28.79 -23.97 13.07
CA TYR A 261 -29.43 -22.67 12.90
C TYR A 261 -30.90 -22.71 13.25
N GLY A 262 -31.60 -23.77 12.84
CA GLY A 262 -33.05 -23.76 12.91
C GLY A 262 -33.61 -23.78 14.32
N PHE A 263 -32.82 -24.24 15.29
CA PHE A 263 -33.33 -24.39 16.65
C PHE A 263 -33.50 -23.06 17.36
N TYR A 264 -32.81 -22.02 16.90
CA TYR A 264 -32.83 -20.72 17.60
C TYR A 264 -34.12 -19.98 17.27
N SER A 265 -34.90 -19.68 18.29
CA SER A 265 -36.16 -18.97 18.09
C SER A 265 -35.92 -17.53 17.69
N LYS A 266 -36.86 -16.98 16.93
CA LYS A 266 -36.83 -15.58 16.54
C LYS A 266 -37.53 -14.67 17.55
N GLU A 267 -38.07 -15.23 18.63
CA GLU A 267 -38.76 -14.46 19.65
C GLU A 267 -37.98 -14.39 20.96
N THR A 268 -36.68 -14.65 20.92
CA THR A 268 -35.87 -14.73 22.13
C THR A 268 -35.22 -13.36 22.39
N PHE A 269 -35.46 -12.81 23.57
CA PHE A 269 -34.91 -11.52 23.95
C PHE A 269 -34.86 -11.45 25.47
N PHE A 270 -34.08 -10.48 25.97
CA PHE A 270 -33.96 -10.26 27.40
C PHE A 270 -34.04 -8.76 27.70
N GLY A 271 -34.72 -8.43 28.79
CA GLY A 271 -34.86 -7.05 29.19
C GLY A 271 -36.22 -6.46 28.86
N GLU A 272 -36.87 -5.86 29.86
CA GLU A 272 -38.14 -5.18 29.62
C GLU A 272 -37.96 -4.00 28.68
N THR A 273 -36.85 -3.26 28.84
CA THR A 273 -36.51 -2.15 27.98
C THR A 273 -35.12 -2.39 27.42
N ILE A 274 -34.77 -1.64 26.37
CA ILE A 274 -33.54 -1.85 25.60
C ILE A 274 -33.21 -3.33 25.50
N LYS A 275 -34.09 -4.07 24.82
CA LYS A 275 -34.03 -5.53 24.81
C LYS A 275 -32.73 -6.00 24.16
N TYR A 276 -32.28 -7.17 24.60
CA TYR A 276 -31.16 -7.87 23.99
C TYR A 276 -31.75 -8.93 23.06
N ARG A 277 -32.00 -8.51 21.82
CA ARG A 277 -32.64 -9.42 20.86
C ARG A 277 -31.63 -10.43 20.35
N VAL A 278 -31.94 -11.71 20.55
CA VAL A 278 -31.05 -12.82 20.19
C VAL A 278 -30.76 -12.87 18.69
N PRO A 279 -31.74 -12.74 17.79
CA PRO A 279 -31.39 -12.74 16.36
C PRO A 279 -30.42 -11.63 15.96
N VAL A 280 -30.57 -10.45 16.56
CA VAL A 280 -29.62 -9.37 16.32
C VAL A 280 -28.24 -9.78 16.80
N ALA A 281 -28.17 -10.42 17.96
CA ALA A 281 -26.90 -10.93 18.45
C ALA A 281 -26.32 -11.96 17.50
N TYR A 282 -27.15 -12.83 16.95
CA TYR A 282 -26.70 -13.85 16.00
C TYR A 282 -26.03 -13.20 14.79
N PHE A 283 -26.73 -12.26 14.16
CA PHE A 283 -26.21 -11.60 12.97
C PHE A 283 -24.92 -10.83 13.29
N PHE A 284 -24.98 -9.98 14.33
CA PHE A 284 -23.82 -9.16 14.66
C PHE A 284 -22.65 -10.01 15.10
N CYS A 285 -22.90 -11.16 15.73
CA CYS A 285 -21.81 -12.03 16.15
C CYS A 285 -21.16 -12.70 14.95
N ASN A 286 -21.95 -13.13 13.97
CA ASN A 286 -21.35 -13.68 12.76
C ASN A 286 -20.46 -12.65 12.08
N ILE A 287 -20.99 -11.43 11.89
CA ILE A 287 -20.23 -10.39 11.20
C ILE A 287 -18.98 -10.04 12.00
N PHE A 288 -19.13 -9.85 13.31
CA PHE A 288 -18.02 -9.48 14.16
C PHE A 288 -17.00 -10.59 14.28
N ILE A 289 -17.42 -11.85 14.19
CA ILE A 289 -16.46 -12.95 14.24
C ILE A 289 -15.64 -12.99 12.96
N LEU A 290 -16.27 -12.77 11.81
CA LEU A 290 -15.51 -12.66 10.57
C LEU A 290 -14.49 -11.53 10.66
N GLY A 291 -14.95 -10.34 11.05
CA GLY A 291 -14.05 -9.20 11.15
C GLY A 291 -12.95 -9.39 12.18
N PHE A 292 -13.31 -10.00 13.32
CA PHE A 292 -12.35 -10.21 14.39
C PHE A 292 -11.30 -11.26 14.01
N SER A 293 -11.71 -12.30 13.28
CA SER A 293 -10.74 -13.25 12.77
C SER A 293 -9.76 -12.57 11.82
N LEU A 294 -10.29 -11.75 10.91
CA LEU A 294 -9.40 -11.01 10.01
C LEU A 294 -8.44 -10.12 10.78
N PHE A 295 -8.96 -9.41 11.78
CA PHE A 295 -8.14 -8.52 12.59
C PHE A 295 -7.07 -9.28 13.37
N ILE A 296 -7.43 -10.44 13.91
CA ILE A 296 -6.48 -11.23 14.69
C ILE A 296 -5.36 -11.74 13.81
N ILE A 297 -5.69 -12.24 12.61
CA ILE A 297 -4.64 -12.72 11.72
C ILE A 297 -3.73 -11.57 11.29
N LEU A 298 -4.33 -10.42 11.00
CA LEU A 298 -3.52 -9.26 10.63
C LEU A 298 -2.62 -8.83 11.77
N ARG A 299 -3.13 -8.87 13.00
CA ARG A 299 -2.34 -8.49 14.17
C ARG A 299 -1.18 -9.45 14.37
N LYS A 300 -1.43 -10.76 14.19
CA LYS A 300 -0.35 -11.73 14.30
C LYS A 300 0.70 -11.51 13.23
N MET A 301 0.28 -11.22 11.99
CA MET A 301 1.24 -10.94 10.93
C MET A 301 2.07 -9.69 11.25
N ALA A 302 1.41 -8.65 11.76
CA ALA A 302 2.13 -7.43 12.13
C ALA A 302 3.11 -7.69 13.25
N ALA A 303 2.72 -8.52 14.23
CA ALA A 303 3.64 -8.87 15.30
C ALA A 303 4.84 -9.66 14.78
N ASN A 304 4.60 -10.59 13.85
CA ASN A 304 5.70 -11.36 13.29
C ASN A 304 6.66 -10.45 12.52
N ASN A 305 6.13 -9.51 11.74
CA ASN A 305 6.98 -8.55 11.06
C ASN A 305 7.74 -7.68 12.05
N ARG A 306 7.07 -7.27 13.13
CA ARG A 306 7.68 -6.45 14.17
C ARG A 306 8.82 -7.17 14.89
N ARG A 307 8.78 -8.51 14.92
CA ARG A 307 9.77 -9.29 15.64
C ARG A 307 11.19 -9.03 15.15
N GLY A 308 11.36 -8.76 13.85
CA GLY A 308 12.66 -8.43 13.29
C GLY A 308 12.98 -9.13 11.98
N THR A 309 12.27 -10.21 11.65
CA THR A 309 12.53 -10.90 10.40
C THR A 309 12.15 -10.06 9.18
N LEU A 310 11.33 -9.03 9.36
CA LEU A 310 10.95 -8.15 8.26
C LEU A 310 12.12 -7.32 7.73
N SER A 311 13.22 -7.25 8.48
CA SER A 311 14.36 -6.43 8.08
C SER A 311 15.11 -6.97 6.86
N SER A 312 14.62 -8.04 6.24
CA SER A 312 15.27 -8.58 5.05
C SER A 312 15.26 -7.55 3.92
N GLY A 313 16.37 -7.49 3.18
CA GLY A 313 16.55 -6.55 2.10
C GLY A 313 16.07 -7.02 0.75
N LYS A 314 15.42 -8.19 0.68
CA LYS A 314 14.93 -8.75 -0.59
C LYS A 314 16.06 -8.87 -1.61
N THR A 315 17.21 -9.32 -1.15
CA THR A 315 18.39 -9.45 -2.00
C THR A 315 19.12 -10.74 -1.69
N GLN A 316 19.88 -11.22 -2.67
CA GLN A 316 20.68 -12.43 -2.53
C GLN A 316 22.17 -12.14 -2.39
N GLN A 317 22.54 -10.90 -2.05
CA GLN A 317 23.94 -10.52 -1.95
C GLN A 317 24.66 -11.27 -0.84
N TYR A 318 23.94 -11.84 0.12
CA TYR A 318 24.54 -12.49 1.28
C TYR A 318 24.14 -13.96 1.35
N LEU A 319 24.20 -14.67 0.23
CA LEU A 319 23.80 -16.08 0.23
C LEU A 319 24.79 -16.94 1.03
N PHE A 320 26.09 -16.70 0.85
CA PHE A 320 27.09 -17.46 1.60
C PHE A 320 26.97 -17.20 3.09
N ASN A 321 26.82 -15.93 3.48
CA ASN A 321 26.70 -15.59 4.89
C ASN A 321 25.43 -16.19 5.50
N TRP A 322 24.31 -16.12 4.78
CA TRP A 322 23.08 -16.70 5.29
C TRP A 322 23.11 -18.21 5.32
N LYS A 323 23.95 -18.84 4.50
CA LYS A 323 24.11 -20.28 4.56
C LYS A 323 25.15 -20.71 5.59
N ALA A 324 26.00 -19.79 6.05
CA ALA A 324 27.03 -20.13 7.02
C ALA A 324 26.65 -19.73 8.45
N PHE A 325 26.05 -18.56 8.64
CA PHE A 325 25.71 -18.07 9.97
C PHE A 325 24.32 -18.50 10.41
N THR A 326 23.55 -19.17 9.54
CA THR A 326 22.29 -19.79 9.91
C THR A 326 22.28 -21.24 9.47
N GLY A 327 23.46 -21.84 9.33
CA GLY A 327 23.58 -23.19 8.80
C GLY A 327 23.27 -24.30 9.78
N TRP A 328 23.07 -23.99 11.05
CA TRP A 328 22.73 -24.99 12.05
C TRP A 328 21.48 -24.56 12.80
N ASP A 329 20.60 -25.53 13.07
CA ASP A 329 19.41 -25.32 13.87
C ASP A 329 19.73 -25.70 15.31
N TYR A 330 19.66 -24.73 16.22
CA TYR A 330 19.96 -24.97 17.61
C TYR A 330 18.86 -25.72 18.35
N THR A 331 17.72 -25.96 17.69
CA THR A 331 16.60 -26.66 18.30
C THR A 331 16.69 -28.17 18.15
N ILE A 332 17.73 -28.68 17.52
CA ILE A 332 17.85 -30.11 17.25
C ILE A 332 18.36 -30.83 18.49
N GLY A 333 17.75 -31.97 18.80
CA GLY A 333 18.19 -32.78 19.93
C GLY A 333 18.49 -34.22 19.55
N ASN A 334 18.02 -34.64 18.38
CA ASN A 334 18.22 -36.01 17.90
C ASN A 334 19.49 -36.10 17.06
N PRO A 335 20.38 -37.06 17.34
CA PRO A 335 21.62 -37.16 16.56
C PRO A 335 21.41 -37.40 15.09
N GLU A 336 20.38 -38.19 14.73
CA GLU A 336 20.13 -38.47 13.32
C GLU A 336 19.75 -37.20 12.56
N THR A 337 18.91 -36.36 13.18
CA THR A 337 18.60 -35.08 12.57
C THR A 337 19.84 -34.21 12.45
N ALA A 338 20.74 -34.28 13.43
CA ALA A 338 22.00 -33.54 13.35
C ALA A 338 22.82 -33.99 12.15
N GLY A 339 22.93 -35.30 11.95
CA GLY A 339 23.66 -35.79 10.78
C GLY A 339 22.99 -35.38 9.48
N ASN A 340 21.66 -35.40 9.44
CA ASN A 340 20.95 -34.92 8.27
C ASN A 340 21.27 -33.46 8.00
N VAL A 341 21.36 -32.65 9.06
CA VAL A 341 21.70 -31.24 8.90
C VAL A 341 23.12 -31.10 8.37
N TYR A 342 24.05 -31.93 8.86
CA TYR A 342 25.42 -31.90 8.35
C TYR A 342 25.45 -32.18 6.85
N MET A 343 24.76 -33.26 6.44
CA MET A 343 24.74 -33.62 5.01
C MET A 343 24.07 -32.53 4.18
N ALA A 344 22.97 -31.96 4.69
CA ALA A 344 22.28 -30.90 3.95
C ALA A 344 23.17 -29.67 3.80
N ASN A 345 23.91 -29.31 4.85
CA ASN A 345 24.83 -28.17 4.75
C ASN A 345 25.94 -28.45 3.74
N VAL A 346 26.47 -29.68 3.74
CA VAL A 346 27.48 -30.03 2.76
C VAL A 346 26.93 -29.87 1.35
N ILE A 347 25.72 -30.38 1.12
CA ILE A 347 25.10 -30.30 -0.20
C ILE A 347 24.88 -28.84 -0.59
N LYS A 348 24.37 -28.04 0.33
CA LYS A 348 24.07 -26.63 0.03
C LYS A 348 25.34 -25.86 -0.31
N PHE A 349 26.39 -26.04 0.49
CA PHE A 349 27.64 -25.32 0.22
C PHE A 349 28.25 -25.75 -1.10
N ARG A 350 28.28 -27.06 -1.37
CA ARG A 350 28.84 -27.53 -2.63
C ARG A 350 28.04 -27.03 -3.82
N GLU A 351 26.71 -27.03 -3.71
CA GLU A 351 25.86 -26.50 -4.77
C GLU A 351 26.12 -25.01 -4.99
N ALA A 352 26.18 -24.23 -3.91
CA ALA A 352 26.41 -22.80 -4.03
C ALA A 352 27.76 -22.51 -4.68
N ILE A 353 28.77 -23.33 -4.35
CA ILE A 353 30.06 -23.20 -5.02
C ILE A 353 29.91 -23.51 -6.51
N ASN A 354 29.17 -24.55 -6.84
CA ASN A 354 29.02 -24.98 -8.22
C ASN A 354 27.83 -24.36 -8.93
N ASP A 355 27.06 -23.50 -8.27
CA ASP A 355 25.95 -22.81 -8.93
C ASP A 355 26.45 -21.55 -9.62
N ASP A 356 25.50 -20.72 -10.06
CA ASP A 356 25.78 -19.49 -10.80
C ASP A 356 26.57 -19.80 -12.07
N LYS A 357 26.07 -20.76 -12.86
CA LYS A 357 26.60 -21.18 -14.15
C LYS A 357 27.97 -21.85 -14.06
N GLN A 358 28.47 -22.14 -12.86
CA GLN A 358 29.68 -22.97 -12.76
C GLN A 358 29.44 -24.35 -13.32
N LYS A 359 28.28 -24.93 -13.05
CA LYS A 359 27.83 -26.18 -13.66
C LYS A 359 26.56 -25.87 -14.44
N PRO A 360 26.67 -25.61 -15.75
CA PRO A 360 25.49 -25.21 -16.52
C PRO A 360 24.42 -26.29 -16.53
N SER A 361 23.17 -25.86 -16.49
CA SER A 361 22.05 -26.79 -16.46
C SER A 361 21.89 -27.47 -17.82
N ASP A 362 21.71 -28.79 -17.79
CA ASP A 362 21.48 -29.56 -19.00
C ASP A 362 20.68 -30.80 -18.65
N LYS A 363 19.81 -31.19 -19.58
CA LYS A 363 18.93 -32.33 -19.39
C LYS A 363 18.83 -33.05 -20.73
N HIS A 364 17.85 -33.96 -20.86
CA HIS A 364 17.61 -34.63 -22.12
C HIS A 364 17.11 -33.62 -23.16
N PRO A 365 17.34 -33.91 -24.46
CA PRO A 365 17.01 -32.93 -25.50
C PRO A 365 15.58 -32.40 -25.45
N TRP A 366 14.59 -33.29 -25.52
CA TRP A 366 13.19 -32.88 -25.53
C TRP A 366 12.28 -33.70 -24.64
N ILE A 367 12.77 -34.78 -24.03
CA ILE A 367 11.89 -35.70 -23.31
C ILE A 367 11.26 -35.02 -22.11
N ARG A 368 12.05 -34.28 -21.33
CA ARG A 368 11.56 -33.77 -20.06
C ARG A 368 10.53 -32.67 -20.24
N PHE A 369 10.69 -31.84 -21.26
CA PHE A 369 9.69 -30.79 -21.52
C PHE A 369 8.34 -31.40 -21.89
N VAL A 370 8.35 -32.40 -22.77
CA VAL A 370 7.11 -33.08 -23.13
C VAL A 370 6.52 -33.78 -21.92
N ALA A 371 7.37 -34.37 -21.08
CA ALA A 371 6.88 -35.01 -19.86
C ALA A 371 6.20 -34.00 -18.94
N ARG A 372 6.80 -32.82 -18.79
CA ARG A 372 6.19 -31.79 -17.96
C ARG A 372 4.84 -31.34 -18.52
N VAL A 373 4.77 -31.16 -19.84
CA VAL A 373 3.51 -30.76 -20.46
C VAL A 373 2.44 -31.81 -20.24
N LEU A 374 2.80 -33.08 -20.43
CA LEU A 374 1.84 -34.17 -20.25
C LEU A 374 1.39 -34.27 -18.80
N THR A 375 2.32 -34.10 -17.85
CA THR A 375 1.95 -34.16 -16.44
C THR A 375 1.01 -33.01 -16.07
N ASN A 376 1.26 -31.81 -16.58
CA ASN A 376 0.37 -30.70 -16.32
C ASN A 376 -1.02 -30.95 -16.91
N LEU A 377 -1.06 -31.50 -18.13
CA LEU A 377 -2.35 -31.83 -18.73
C LEU A 377 -3.09 -32.87 -17.90
N PHE A 378 -2.38 -33.90 -17.42
CA PHE A 378 -3.01 -34.91 -16.60
C PHE A 378 -3.48 -34.36 -15.26
N ILE A 379 -2.76 -33.39 -14.69
CA ILE A 379 -3.19 -32.79 -13.44
C ILE A 379 -4.44 -31.96 -13.66
N CYS A 380 -4.52 -31.24 -14.79
CA CYS A 380 -5.76 -30.55 -15.13
C CYS A 380 -6.90 -31.54 -15.32
N ALA A 381 -6.59 -32.69 -15.92
CA ALA A 381 -7.60 -33.74 -16.07
C ALA A 381 -8.07 -34.25 -14.71
N MET A 382 -7.14 -34.41 -13.77
CA MET A 382 -7.53 -34.82 -12.42
C MET A 382 -8.36 -33.76 -11.74
N TYR A 383 -8.06 -32.48 -11.99
CA TYR A 383 -8.89 -31.41 -11.45
C TYR A 383 -10.32 -31.50 -11.95
N VAL A 384 -10.49 -31.62 -13.27
CA VAL A 384 -11.84 -31.69 -13.82
C VAL A 384 -12.52 -32.98 -13.39
N PHE A 385 -11.76 -34.06 -13.22
CA PHE A 385 -12.33 -35.30 -12.69
C PHE A 385 -12.83 -35.11 -11.28
N SER A 386 -12.07 -34.39 -10.44
CA SER A 386 -12.52 -34.12 -9.09
C SER A 386 -13.80 -33.31 -9.08
N ILE A 387 -13.86 -32.29 -9.95
CA ILE A 387 -15.08 -31.48 -10.03
C ILE A 387 -16.27 -32.34 -10.43
N TRP A 388 -16.09 -33.15 -11.47
CA TRP A 388 -17.19 -33.99 -11.95
C TRP A 388 -17.58 -35.03 -10.92
N ALA A 389 -16.61 -35.59 -10.20
CA ALA A 389 -16.91 -36.58 -9.18
C ALA A 389 -17.69 -35.97 -8.03
N ILE A 390 -17.31 -34.77 -7.60
CA ILE A 390 -18.07 -34.08 -6.56
C ILE A 390 -19.49 -33.82 -7.04
N MET A 391 -19.65 -33.38 -8.29
CA MET A 391 -20.98 -33.14 -8.82
C MET A 391 -21.81 -34.43 -8.87
N GLN A 392 -21.18 -35.53 -9.30
CA GLN A 392 -21.91 -36.78 -9.47
C GLN A 392 -22.31 -37.37 -8.12
N CYS A 393 -21.40 -37.36 -7.15
CA CYS A 393 -21.75 -37.83 -5.82
C CYS A 393 -22.72 -36.88 -5.13
N GLY A 394 -22.80 -35.63 -5.58
CA GLY A 394 -23.83 -34.74 -5.08
C GLY A 394 -25.22 -35.19 -5.47
N THR A 395 -25.39 -35.64 -6.71
CA THR A 395 -26.68 -36.11 -7.20
C THR A 395 -26.83 -37.61 -6.97
N LEU A 396 -26.78 -37.99 -5.69
CA LEU A 396 -27.00 -39.36 -5.26
C LEU A 396 -28.10 -39.37 -4.21
N LYS A 397 -29.04 -40.29 -4.35
CA LYS A 397 -30.22 -40.34 -3.49
C LYS A 397 -30.26 -41.67 -2.75
N GLY A 398 -31.23 -41.78 -1.85
CA GLY A 398 -31.42 -42.97 -1.06
C GLY A 398 -31.16 -42.72 0.42
N GLU A 399 -31.30 -43.80 1.20
CA GLU A 399 -31.06 -43.76 2.63
C GLU A 399 -29.96 -44.73 3.05
N HIS A 400 -29.12 -45.14 2.12
CA HIS A 400 -28.09 -46.14 2.40
C HIS A 400 -27.01 -45.55 3.29
N PHE A 401 -26.17 -46.44 3.83
CA PHE A 401 -25.07 -46.02 4.70
C PHE A 401 -24.06 -45.14 3.96
N PHE A 402 -24.02 -45.22 2.63
CA PHE A 402 -23.05 -44.48 1.84
C PHE A 402 -23.64 -43.35 1.01
N ALA A 403 -24.90 -43.48 0.57
CA ALA A 403 -25.51 -42.43 -0.23
C ALA A 403 -25.64 -41.13 0.55
N GLN A 404 -25.80 -41.21 1.87
CA GLN A 404 -25.92 -40.01 2.69
C GLN A 404 -24.58 -39.31 2.85
N ASN A 405 -23.50 -40.07 2.99
CA ASN A 405 -22.17 -39.53 3.22
C ASN A 405 -21.28 -39.61 2.00
N ALA A 406 -21.86 -39.77 0.81
CA ALA A 406 -21.05 -39.93 -0.39
C ALA A 406 -20.21 -38.70 -0.68
N THR A 407 -20.80 -37.50 -0.53
CA THR A 407 -20.09 -36.28 -0.87
C THR A 407 -18.91 -36.04 0.05
N ALA A 408 -19.13 -36.16 1.36
CA ALA A 408 -18.05 -35.94 2.32
C ALA A 408 -16.94 -36.96 2.14
N ILE A 409 -17.30 -38.23 1.94
CA ILE A 409 -16.29 -39.26 1.73
C ILE A 409 -15.48 -38.98 0.47
N THR A 410 -16.15 -38.60 -0.61
CA THR A 410 -15.45 -38.31 -1.86
C THR A 410 -14.51 -37.13 -1.71
N ILE A 411 -14.97 -36.05 -1.08
CA ILE A 411 -14.15 -34.87 -0.91
C ILE A 411 -12.94 -35.19 -0.05
N SER A 412 -13.15 -35.92 1.05
CA SER A 412 -12.05 -36.28 1.94
C SER A 412 -11.04 -37.17 1.23
N LEU A 413 -11.52 -38.15 0.47
CA LEU A 413 -10.61 -39.02 -0.26
C LEU A 413 -9.80 -38.25 -1.28
N ILE A 414 -10.44 -37.33 -2.02
CA ILE A 414 -9.70 -36.51 -2.97
C ILE A 414 -8.63 -35.69 -2.25
N THR A 415 -9.02 -35.05 -1.14
CA THR A 415 -8.10 -34.20 -0.39
C THR A 415 -6.91 -34.98 0.13
N LEU A 416 -7.14 -36.22 0.58
CA LEU A 416 -6.07 -37.01 1.16
C LEU A 416 -5.31 -37.86 0.15
N VAL A 417 -5.77 -37.93 -1.09
CA VAL A 417 -5.09 -38.77 -2.08
C VAL A 417 -4.38 -37.95 -3.14
N PHE A 418 -5.06 -36.96 -3.72
CA PHE A 418 -4.48 -36.21 -4.83
C PHE A 418 -3.14 -35.55 -4.51
N PRO A 419 -2.90 -34.98 -3.32
CA PRO A 419 -1.54 -34.46 -3.04
C PRO A 419 -0.45 -35.52 -3.18
N ASN A 420 -0.73 -36.77 -2.81
CA ASN A 420 0.25 -37.83 -3.02
C ASN A 420 0.54 -38.04 -4.50
N ILE A 421 -0.51 -38.00 -5.33
CA ILE A 421 -0.32 -38.15 -6.77
C ILE A 421 0.49 -36.97 -7.32
N PHE A 422 0.22 -35.76 -6.81
CA PHE A 422 1.00 -34.60 -7.23
C PHE A 422 2.47 -34.76 -6.86
N ASP A 423 2.74 -35.25 -5.65
CA ASP A 423 4.12 -35.48 -5.24
C ASP A 423 4.79 -36.53 -6.12
N LEU A 424 4.07 -37.60 -6.46
CA LEU A 424 4.63 -38.62 -7.33
C LEU A 424 4.92 -38.06 -8.71
N LEU A 425 4.01 -37.28 -9.26
CA LEU A 425 4.22 -36.67 -10.58
C LEU A 425 5.35 -35.66 -10.55
N GLY A 426 5.62 -35.06 -9.38
CA GLY A 426 6.76 -34.18 -9.27
C GLY A 426 8.07 -34.88 -9.57
N LYS A 427 8.16 -36.18 -9.25
CA LYS A 427 9.33 -36.95 -9.64
C LYS A 427 9.45 -37.04 -11.15
N ILE A 428 8.32 -37.20 -11.84
CA ILE A 428 8.35 -37.25 -13.31
C ILE A 428 8.77 -35.91 -13.88
N GLU A 429 8.27 -34.82 -13.30
CA GLU A 429 8.56 -33.49 -13.83
C GLU A 429 10.05 -33.16 -13.71
N LYS A 430 10.68 -33.56 -12.60
CA LYS A 430 12.11 -33.31 -12.35
C LYS A 430 12.42 -31.81 -12.41
N LEU A 431 11.78 -31.06 -11.50
CA LEU A 431 12.01 -29.64 -11.36
C LEU A 431 13.01 -29.37 -10.24
N HIS A 432 13.31 -28.10 -10.03
CA HIS A 432 14.11 -27.71 -8.88
C HIS A 432 13.34 -28.02 -7.60
N PRO A 433 14.00 -28.57 -6.57
CA PRO A 433 13.28 -29.01 -5.37
C PRO A 433 12.43 -27.91 -4.73
N ARG A 434 12.98 -26.70 -4.62
CA ARG A 434 12.18 -25.59 -4.13
C ARG A 434 11.07 -25.24 -5.09
N ASN A 435 11.37 -25.20 -6.39
CA ASN A 435 10.34 -24.94 -7.39
C ASN A 435 9.31 -26.06 -7.40
N ALA A 436 9.74 -27.31 -7.27
CA ALA A 436 8.80 -28.41 -7.22
C ALA A 436 7.88 -28.31 -6.01
N LEU A 437 8.44 -27.93 -4.85
CA LEU A 437 7.61 -27.75 -3.67
C LEU A 437 6.62 -26.62 -3.86
N ARG A 438 7.05 -25.51 -4.46
CA ARG A 438 6.14 -24.40 -4.72
C ARG A 438 5.02 -24.82 -5.66
N PHE A 439 5.35 -25.57 -6.72
CA PHE A 439 4.34 -26.03 -7.64
C PHE A 439 3.35 -26.97 -6.96
N GLN A 440 3.84 -27.88 -6.12
CA GLN A 440 2.95 -28.79 -5.43
C GLN A 440 2.03 -28.04 -4.47
N LEU A 441 2.56 -27.06 -3.75
CA LEU A 441 1.73 -26.28 -2.84
C LEU A 441 0.66 -25.50 -3.60
N GLY A 442 1.04 -24.89 -4.72
CA GLY A 442 0.05 -24.20 -5.53
C GLY A 442 -1.01 -25.13 -6.07
N ARG A 443 -0.61 -26.32 -6.49
CA ARG A 443 -1.57 -27.30 -7.01
C ARG A 443 -2.55 -27.75 -5.93
N VAL A 444 -2.04 -28.02 -4.73
CA VAL A 444 -2.92 -28.43 -3.63
C VAL A 444 -3.85 -27.29 -3.24
N LEU A 445 -3.35 -26.06 -3.23
CA LEU A 445 -4.21 -24.92 -2.94
C LEU A 445 -5.32 -24.78 -3.97
N VAL A 446 -4.98 -24.90 -5.25
CA VAL A 446 -5.98 -24.80 -6.31
C VAL A 446 -7.00 -25.92 -6.17
N LEU A 447 -6.54 -27.13 -5.84
CA LEU A 447 -7.46 -28.25 -5.64
C LEU A 447 -8.42 -27.96 -4.49
N TYR A 448 -7.91 -27.43 -3.38
CA TYR A 448 -8.77 -27.10 -2.25
C TYR A 448 -9.81 -26.06 -2.65
N ILE A 449 -9.40 -25.03 -3.37
CA ILE A 449 -10.33 -23.97 -3.75
C ILE A 449 -11.41 -24.51 -4.68
N LEU A 450 -10.99 -25.32 -5.67
CA LEU A 450 -11.94 -25.90 -6.60
C LEU A 450 -12.93 -26.81 -5.88
N ASN A 451 -12.44 -27.65 -4.96
CA ASN A 451 -13.34 -28.52 -4.21
C ASN A 451 -14.31 -27.69 -3.35
N TYR A 452 -13.81 -26.62 -2.74
CA TYR A 452 -14.68 -25.76 -1.94
C TYR A 452 -15.80 -25.17 -2.77
N TYR A 453 -15.46 -24.56 -3.91
CA TYR A 453 -16.49 -23.94 -4.73
C TYR A 453 -17.40 -24.97 -5.38
N THR A 454 -16.87 -26.14 -5.75
CA THR A 454 -17.72 -27.19 -6.28
C THR A 454 -18.70 -27.69 -5.24
N LEU A 455 -18.26 -27.80 -3.98
CA LEU A 455 -19.18 -28.17 -2.92
C LEU A 455 -20.26 -27.11 -2.75
N ILE A 456 -19.89 -25.84 -2.85
CA ILE A 456 -20.89 -24.77 -2.78
C ILE A 456 -21.92 -24.96 -3.89
N TYR A 457 -21.45 -25.16 -5.12
CA TYR A 457 -22.35 -25.30 -6.26
C TYR A 457 -23.25 -26.52 -6.10
N SER A 458 -22.68 -27.64 -5.65
CA SER A 458 -23.46 -28.87 -5.50
C SER A 458 -24.51 -28.71 -4.42
N LEU A 459 -24.17 -28.08 -3.29
CA LEU A 459 -25.16 -27.86 -2.24
C LEU A 459 -26.26 -26.91 -2.72
N MET A 460 -25.88 -25.92 -3.52
CA MET A 460 -26.89 -25.02 -4.10
C MET A 460 -27.87 -25.81 -4.97
N LEU A 461 -27.33 -26.65 -5.86
CA LEU A 461 -28.19 -27.44 -6.74
C LEU A 461 -29.08 -28.40 -5.95
N GLN A 462 -28.51 -29.04 -4.93
CA GLN A 462 -29.28 -29.96 -4.12
C GLN A 462 -30.40 -29.25 -3.38
N LEU A 463 -30.12 -28.05 -2.84
CA LEU A 463 -31.15 -27.28 -2.17
C LEU A 463 -32.25 -26.88 -3.14
N GLU A 464 -31.89 -26.45 -4.34
CA GLU A 464 -32.91 -26.10 -5.33
C GLU A 464 -33.76 -27.31 -5.68
N HIS A 465 -33.13 -28.47 -5.87
CA HIS A 465 -33.87 -29.69 -6.17
C HIS A 465 -34.82 -30.05 -5.05
N LEU A 466 -34.36 -29.97 -3.79
CA LEU A 466 -35.23 -30.30 -2.67
C LEU A 466 -36.38 -29.32 -2.56
N GLN A 467 -36.12 -28.04 -2.83
CA GLN A 467 -37.19 -27.05 -2.80
C GLN A 467 -38.23 -27.35 -3.87
N LYS A 468 -37.79 -27.77 -5.06
CA LYS A 468 -38.73 -28.12 -6.12
C LYS A 468 -39.44 -29.44 -5.85
N GLU A 469 -38.85 -30.32 -5.04
CA GLU A 469 -39.41 -31.66 -4.83
C GLU A 469 -40.79 -31.61 -4.19
N LYS A 470 -40.97 -30.74 -3.19
CA LYS A 470 -42.23 -30.73 -2.45
C LYS A 470 -43.41 -30.40 -3.35
N ASN A 471 -43.26 -29.41 -4.23
CA ASN A 471 -44.33 -29.03 -5.15
C ASN A 471 -43.78 -28.14 -6.27
N ARG A 583 -34.40 -40.63 6.37
CA ARG A 583 -35.30 -40.28 5.29
C ARG A 583 -35.24 -38.79 4.99
N ALA A 584 -35.32 -38.45 3.70
CA ALA A 584 -35.31 -37.03 3.31
C ALA A 584 -36.59 -36.33 3.76
N SER A 585 -37.72 -37.03 3.71
CA SER A 585 -38.99 -36.43 4.10
C SER A 585 -39.01 -36.03 5.57
N LEU A 586 -38.35 -36.80 6.42
CA LEU A 586 -38.32 -36.51 7.85
C LEU A 586 -37.72 -35.14 8.15
N ARG A 587 -36.82 -34.64 7.30
CA ARG A 587 -36.25 -33.32 7.48
C ARG A 587 -37.31 -32.21 7.43
N MET A 588 -38.47 -32.49 6.85
CA MET A 588 -39.54 -31.50 6.84
C MET A 588 -40.27 -31.39 8.17
N SER A 589 -39.95 -32.26 9.14
CA SER A 589 -40.61 -32.20 10.44
C SER A 589 -40.31 -30.91 11.18
N GLN A 590 -39.11 -30.35 10.97
CA GLN A 590 -38.73 -29.10 11.63
C GLN A 590 -39.64 -27.94 11.26
N GLY A 591 -40.32 -28.03 10.11
CA GLY A 591 -41.14 -26.94 9.62
C GLY A 591 -40.55 -26.35 8.36
N GLY A 592 -41.12 -26.69 7.22
CA GLY A 592 -40.55 -26.27 5.95
C GLY A 592 -39.26 -26.98 5.66
N LEU A 593 -38.47 -26.45 4.73
CA LEU A 593 -37.20 -27.09 4.38
C LEU A 593 -36.14 -26.85 5.45
N CYS A 594 -36.06 -25.63 5.99
CA CYS A 594 -34.95 -25.20 6.83
C CYS A 594 -33.62 -25.48 6.13
N TRP A 595 -33.47 -24.89 4.94
CA TRP A 595 -32.30 -25.15 4.12
C TRP A 595 -31.02 -24.72 4.82
N GLU A 596 -31.11 -23.75 5.73
CA GLU A 596 -29.94 -23.40 6.53
C GLU A 596 -29.51 -24.57 7.40
N THR A 597 -30.47 -25.25 8.02
CA THR A 597 -30.16 -26.43 8.82
C THR A 597 -29.60 -27.55 7.95
N ILE A 598 -30.11 -27.69 6.73
CA ILE A 598 -29.60 -28.71 5.82
C ILE A 598 -28.15 -28.41 5.45
N ILE A 599 -27.83 -27.14 5.16
CA ILE A 599 -26.46 -26.76 4.89
C ILE A 599 -25.57 -27.04 6.09
N GLY A 600 -26.08 -26.73 7.29
CA GLY A 600 -25.30 -27.00 8.49
C GLY A 600 -25.04 -28.48 8.70
N GLN A 601 -26.05 -29.31 8.46
CA GLN A 601 -25.87 -30.76 8.60
C GLN A 601 -24.86 -31.27 7.59
N GLU A 602 -24.94 -30.80 6.34
CA GLU A 602 -23.97 -31.22 5.34
C GLU A 602 -22.56 -30.79 5.71
N ILE A 603 -22.40 -29.56 6.20
CA ILE A 603 -21.06 -29.07 6.51
C ILE A 603 -20.49 -29.78 7.73
N THR A 604 -21.33 -30.10 8.72
CA THR A 604 -20.82 -30.81 9.89
C THR A 604 -20.52 -32.27 9.56
N LYS A 605 -21.29 -32.88 8.64
CA LYS A 605 -20.92 -34.19 8.14
C LYS A 605 -19.57 -34.13 7.44
N LEU A 606 -19.35 -33.08 6.64
CA LEU A 606 -18.06 -32.92 5.98
C LEU A 606 -16.93 -32.79 6.99
N VAL A 607 -17.14 -32.02 8.05
CA VAL A 607 -16.09 -31.83 9.05
C VAL A 607 -15.78 -33.13 9.79
N THR A 608 -16.83 -33.83 10.24
CA THR A 608 -16.63 -35.07 10.96
C THR A 608 -15.97 -36.13 10.07
N MET A 609 -16.40 -36.21 8.81
CA MET A 609 -15.77 -37.16 7.89
C MET A 609 -14.33 -36.78 7.59
N ASP A 610 -14.03 -35.48 7.53
CA ASP A 610 -12.65 -35.06 7.34
C ASP A 610 -11.80 -35.53 8.52
N LEU A 611 -12.32 -35.38 9.74
CA LEU A 611 -11.60 -35.87 10.91
C LEU A 611 -11.37 -37.37 10.84
N TYR A 612 -12.43 -38.13 10.55
CA TYR A 612 -12.32 -39.58 10.53
C TYR A 612 -11.35 -40.05 9.44
N MET A 613 -11.46 -39.48 8.24
CA MET A 613 -10.59 -39.89 7.15
C MET A 613 -9.15 -39.44 7.38
N THR A 614 -8.95 -38.31 8.06
CA THR A 614 -7.59 -37.91 8.41
C THR A 614 -6.98 -38.90 9.41
N VAL A 615 -7.76 -39.32 10.39
CA VAL A 615 -7.27 -40.32 11.35
C VAL A 615 -6.93 -41.62 10.63
N ALA A 616 -7.80 -42.05 9.71
CA ALA A 616 -7.55 -43.28 8.96
C ALA A 616 -6.31 -43.14 8.09
N SER A 617 -6.14 -42.00 7.44
CA SER A 617 -4.97 -41.79 6.59
C SER A 617 -3.69 -41.77 7.40
N ILE A 618 -3.72 -41.18 8.59
CA ILE A 618 -2.55 -41.20 9.46
C ILE A 618 -2.25 -42.64 9.88
N PHE A 619 -3.29 -43.41 10.19
CA PHE A 619 -3.08 -44.79 10.62
C PHE A 619 -2.50 -45.65 9.50
N LEU A 620 -2.95 -45.45 8.26
CA LEU A 620 -2.52 -46.29 7.15
C LEU A 620 -1.22 -45.81 6.52
N ILE A 621 -1.19 -44.56 6.05
CA ILE A 621 -0.06 -44.06 5.29
C ILE A 621 1.20 -43.96 6.15
N ASP A 622 1.03 -43.61 7.43
CA ASP A 622 2.17 -43.37 8.30
C ASP A 622 2.52 -44.58 9.18
N PHE A 623 1.54 -45.08 9.93
CA PHE A 623 1.82 -46.13 10.90
C PHE A 623 1.96 -47.50 10.23
N LEU A 624 0.94 -47.92 9.49
CA LEU A 624 0.99 -49.25 8.87
C LEU A 624 2.09 -49.33 7.83
N ARG A 625 2.30 -48.26 7.07
CA ARG A 625 3.42 -48.24 6.13
C ARG A 625 4.75 -48.33 6.86
N GLY A 626 4.86 -47.66 8.01
CA GLY A 626 6.08 -47.77 8.80
C GLY A 626 6.34 -49.19 9.25
N LEU A 627 5.30 -49.87 9.77
CA LEU A 627 5.46 -51.26 10.18
C LEU A 627 5.84 -52.13 8.99
N ALA A 628 5.20 -51.92 7.84
CA ALA A 628 5.52 -52.69 6.66
C ALA A 628 6.98 -52.52 6.26
N CYS A 629 7.41 -51.26 6.14
CA CYS A 629 8.79 -51.00 5.73
C CYS A 629 9.78 -51.53 6.75
N ARG A 630 9.40 -51.58 8.03
CA ARG A 630 10.32 -52.10 9.03
C ARG A 630 10.43 -53.62 8.98
N TYR A 631 9.30 -54.33 8.82
CA TYR A 631 9.28 -55.77 8.99
C TYR A 631 9.29 -56.55 7.68
N LEU A 632 8.43 -56.20 6.73
CA LEU A 632 8.35 -56.93 5.47
C LEU A 632 9.55 -56.66 4.56
N ASN A 633 10.43 -55.73 4.92
CA ASN A 633 11.56 -55.39 4.06
C ASN A 633 12.47 -56.59 3.81
N LEU A 634 12.45 -57.59 4.68
CA LEU A 634 13.24 -58.80 4.48
C LEU A 634 12.79 -59.59 3.26
N TYR A 635 11.54 -59.44 2.84
CA TYR A 635 10.96 -60.26 1.78
C TYR A 635 10.76 -59.53 0.47
N TRP A 636 10.45 -58.24 0.50
CA TRP A 636 10.08 -57.52 -0.71
C TRP A 636 11.28 -57.43 -1.65
N PRO A 637 11.07 -57.57 -2.97
CA PRO A 637 12.16 -57.36 -3.92
C PRO A 637 12.67 -55.92 -3.87
N TRP A 638 11.76 -54.96 -4.02
CA TRP A 638 12.10 -53.57 -3.81
C TRP A 638 12.45 -53.34 -2.35
N ASP A 639 13.54 -52.62 -2.10
CA ASP A 639 13.87 -52.23 -0.74
C ASP A 639 12.89 -51.17 -0.29
N LEU A 640 11.91 -51.55 0.53
CA LEU A 640 10.85 -50.63 0.93
C LEU A 640 11.42 -49.40 1.61
N GLU A 641 12.27 -49.60 2.62
CA GLU A 641 12.82 -48.48 3.36
C GLU A 641 13.69 -47.59 2.48
N ARG A 642 14.56 -48.21 1.67
CA ARG A 642 15.55 -47.44 0.95
C ARG A 642 14.99 -46.82 -0.32
N THR A 643 14.39 -47.63 -1.19
CA THR A 643 13.95 -47.17 -2.50
C THR A 643 12.53 -46.58 -2.46
N PHE A 644 11.55 -47.41 -2.12
CA PHE A 644 10.16 -46.97 -2.17
C PHE A 644 9.26 -47.88 -1.35
N PRO A 645 8.45 -47.34 -0.44
CA PRO A 645 8.42 -45.94 -0.01
C PRO A 645 9.15 -45.75 1.32
N GLU A 646 9.73 -44.59 1.57
CA GLU A 646 10.45 -44.35 2.81
C GLU A 646 9.47 -44.39 3.99
N TYR A 647 10.01 -44.30 5.21
CA TYR A 647 9.18 -44.40 6.40
C TYR A 647 8.15 -43.28 6.46
N GLY A 648 8.45 -42.13 5.86
CA GLY A 648 7.48 -41.05 5.81
C GLY A 648 7.98 -39.76 6.42
N GLU A 649 7.98 -38.70 5.63
CA GLU A 649 8.38 -37.37 6.10
C GLU A 649 7.12 -36.57 6.43
N PHE A 650 7.17 -35.83 7.53
CA PHE A 650 6.04 -35.02 7.97
C PHE A 650 5.90 -33.83 7.03
N LYS A 651 4.92 -33.89 6.12
CA LYS A 651 4.67 -32.82 5.17
C LYS A 651 4.06 -31.64 5.92
N VAL A 652 4.92 -30.71 6.32
CA VAL A 652 4.47 -29.57 7.12
C VAL A 652 3.50 -28.71 6.32
N ALA A 653 3.85 -28.39 5.09
CA ALA A 653 3.03 -27.49 4.29
C ALA A 653 1.68 -28.10 3.95
N GLU A 654 1.66 -29.40 3.61
CA GLU A 654 0.39 -30.05 3.29
C GLU A 654 -0.51 -30.10 4.52
N ASN A 655 0.05 -30.39 5.69
CA ASN A 655 -0.74 -30.38 6.91
C ASN A 655 -1.27 -28.99 7.23
N VAL A 656 -0.45 -27.97 7.01
CA VAL A 656 -0.92 -26.60 7.21
C VAL A 656 -2.07 -26.28 6.26
N LEU A 657 -1.95 -26.69 5.00
CA LEU A 657 -3.03 -26.46 4.04
C LEU A 657 -4.30 -27.18 4.46
N HIS A 658 -4.18 -28.42 4.95
CA HIS A 658 -5.34 -29.14 5.42
C HIS A 658 -5.99 -28.44 6.60
N LEU A 659 -5.18 -27.97 7.54
CA LEU A 659 -5.72 -27.26 8.71
C LEU A 659 -6.42 -25.97 8.29
N VAL A 660 -5.83 -25.23 7.36
CA VAL A 660 -6.43 -23.99 6.91
C VAL A 660 -7.73 -24.27 6.15
N ASN A 661 -7.76 -25.35 5.39
CA ASN A 661 -9.00 -25.75 4.72
C ASN A 661 -10.08 -26.08 5.72
N ASN A 662 -9.73 -26.81 6.78
CA ASN A 662 -10.69 -27.11 7.83
C ASN A 662 -11.21 -25.84 8.49
N GLN A 663 -10.31 -24.89 8.77
CA GLN A 663 -10.73 -23.63 9.38
C GLN A 663 -11.63 -22.84 8.43
N GLY A 664 -11.35 -22.92 7.13
CA GLY A 664 -12.23 -22.27 6.17
C GLY A 664 -13.60 -22.88 6.13
N MET A 665 -13.68 -24.22 6.24
CA MET A 665 -14.98 -24.87 6.33
C MET A 665 -15.73 -24.43 7.59
N ILE A 666 -15.00 -24.28 8.70
CA ILE A 666 -15.61 -23.81 9.94
C ILE A 666 -16.15 -22.40 9.75
N TRP A 667 -15.37 -21.53 9.11
CA TRP A 667 -15.83 -20.17 8.84
C TRP A 667 -17.07 -20.16 7.96
N LEU A 668 -17.09 -21.01 6.93
CA LEU A 668 -18.23 -21.08 6.03
C LEU A 668 -19.48 -21.54 6.76
N GLY A 669 -19.36 -22.59 7.56
CA GLY A 669 -20.51 -23.15 8.24
C GLY A 669 -20.85 -22.52 9.57
N LEU A 670 -20.13 -21.46 9.97
CA LEU A 670 -20.37 -20.87 11.29
C LEU A 670 -21.75 -20.24 11.38
N PHE A 671 -22.23 -19.64 10.27
CA PHE A 671 -23.54 -18.98 10.30
C PHE A 671 -24.66 -19.98 10.58
N PHE A 672 -24.62 -21.14 9.93
CA PHE A 672 -25.65 -22.15 10.11
C PHE A 672 -25.40 -23.05 11.31
N VAL A 673 -24.14 -23.18 11.74
CA VAL A 673 -23.79 -24.03 12.87
C VAL A 673 -23.09 -23.17 13.92
N PRO A 674 -23.82 -22.57 14.86
CA PRO A 674 -23.18 -21.74 15.89
C PRO A 674 -22.18 -22.50 16.74
N LEU A 675 -22.43 -23.79 17.02
CA LEU A 675 -21.52 -24.58 17.82
C LEU A 675 -20.47 -25.30 16.98
N LEU A 676 -20.40 -25.03 15.68
CA LEU A 676 -19.39 -25.66 14.84
C LEU A 676 -17.97 -25.47 15.33
N PRO A 677 -17.52 -24.26 15.70
CA PRO A 677 -16.15 -24.15 16.23
C PRO A 677 -15.93 -24.98 17.48
N MET A 678 -16.92 -25.08 18.36
CA MET A 678 -16.76 -25.86 19.59
C MET A 678 -16.42 -27.30 19.27
N LEU A 679 -17.24 -27.94 18.44
CA LEU A 679 -16.88 -29.27 17.93
C LEU A 679 -15.52 -29.25 17.27
N ASN A 680 -15.27 -28.22 16.44
CA ASN A 680 -13.96 -28.08 15.81
C ASN A 680 -12.85 -28.09 16.84
N ASN A 681 -13.06 -27.43 17.99
CA ASN A 681 -12.07 -27.46 19.05
C ASN A 681 -11.67 -28.88 19.37
N ILE A 682 -12.65 -29.73 19.64
CA ILE A 682 -12.36 -31.14 19.93
C ILE A 682 -11.55 -31.72 18.79
N LYS A 683 -12.02 -31.53 17.55
CA LYS A 683 -11.28 -32.02 16.40
C LYS A 683 -9.85 -31.54 16.44
N LEU A 684 -9.66 -30.23 16.61
CA LEU A 684 -8.30 -29.70 16.66
C LEU A 684 -7.48 -30.44 17.69
N ILE A 685 -8.01 -30.55 18.91
CA ILE A 685 -7.26 -31.21 19.97
C ILE A 685 -6.87 -32.61 19.51
N ILE A 686 -7.85 -33.38 19.04
CA ILE A 686 -7.57 -34.73 18.60
C ILE A 686 -6.48 -34.71 17.54
N LEU A 687 -6.68 -33.89 16.51
CA LEU A 687 -5.68 -33.82 15.45
C LEU A 687 -4.31 -33.56 16.02
N MET A 688 -4.20 -32.55 16.88
CA MET A 688 -2.91 -32.23 17.50
C MET A 688 -2.26 -33.49 18.03
N TYR A 689 -2.94 -34.16 18.97
CA TYR A 689 -2.34 -35.33 19.59
C TYR A 689 -1.94 -36.34 18.54
N ILE A 690 -2.88 -36.67 17.63
CA ILE A 690 -2.58 -37.69 16.64
C ILE A 690 -1.40 -37.25 15.79
N ARG A 691 -1.41 -35.98 15.35
CA ARG A 691 -0.28 -35.51 14.56
C ARG A 691 1.01 -35.65 15.33
N GLY A 692 1.00 -35.24 16.61
CA GLY A 692 2.19 -35.42 17.42
C GLY A 692 2.62 -36.87 17.47
N TRP A 693 1.67 -37.77 17.69
CA TRP A 693 1.98 -39.19 17.67
C TRP A 693 2.54 -39.59 16.31
N ALA A 694 1.88 -39.14 15.24
CA ALA A 694 2.36 -39.47 13.90
C ALA A 694 3.76 -38.92 13.68
N ALA A 695 4.10 -37.83 14.36
CA ALA A 695 5.46 -37.31 14.26
C ALA A 695 6.45 -38.21 14.97
N MET A 696 6.12 -38.63 16.20
CA MET A 696 7.14 -39.23 17.06
C MET A 696 7.36 -40.70 16.74
N THR A 697 6.29 -41.44 16.49
CA THR A 697 6.37 -42.89 16.35
C THR A 697 6.49 -43.37 14.91
N CYS A 698 6.05 -42.58 13.93
CA CYS A 698 5.95 -43.05 12.56
C CYS A 698 6.83 -42.31 11.57
N ASN A 699 7.00 -41.00 11.72
CA ASN A 699 7.71 -40.22 10.72
C ASN A 699 9.22 -40.27 10.95
N VAL A 700 9.95 -39.83 9.93
CA VAL A 700 11.41 -39.78 9.95
C VAL A 700 11.82 -38.37 9.55
N PRO A 701 12.88 -37.81 10.14
CA PRO A 701 13.31 -36.46 9.73
C PRO A 701 13.67 -36.41 8.25
N ALA A 702 13.30 -35.31 7.61
CA ALA A 702 13.56 -35.14 6.18
C ALA A 702 15.05 -35.01 5.92
N SER A 703 15.49 -35.55 4.77
CA SER A 703 16.90 -35.46 4.41
C SER A 703 17.33 -34.02 4.22
N GLN A 704 16.50 -33.20 3.58
CA GLN A 704 16.78 -31.79 3.39
C GLN A 704 15.48 -31.01 3.49
N ILE A 705 15.55 -29.84 4.12
CA ILE A 705 14.38 -29.02 4.38
C ILE A 705 14.35 -27.85 3.40
N PHE A 706 13.24 -27.71 2.69
CA PHE A 706 13.00 -26.60 1.79
C PHE A 706 11.72 -25.89 2.19
N ARG A 707 11.74 -24.56 2.10
CA ARG A 707 10.56 -23.74 2.37
C ARG A 707 10.19 -23.00 1.11
N ALA A 708 8.92 -23.11 0.71
CA ALA A 708 8.47 -22.45 -0.51
C ALA A 708 8.54 -20.94 -0.39
N SER A 709 8.18 -20.40 0.77
CA SER A 709 8.09 -18.95 0.96
C SER A 709 9.29 -18.39 1.70
N ARG A 710 9.85 -19.12 2.66
CA ARG A 710 10.90 -18.63 3.53
C ARG A 710 10.46 -17.39 4.30
N SER A 711 9.17 -17.32 4.65
CA SER A 711 8.62 -16.23 5.43
C SER A 711 7.74 -16.80 6.53
N SER A 712 7.70 -16.10 7.67
CA SER A 712 6.95 -16.61 8.81
C SER A 712 5.46 -16.34 8.71
N ASN A 713 5.04 -15.44 7.82
CA ASN A 713 3.64 -15.09 7.67
C ASN A 713 2.94 -15.84 6.54
N PHE A 714 3.64 -16.79 5.91
CA PHE A 714 3.05 -17.50 4.78
C PHE A 714 1.82 -18.31 5.20
N PHE A 715 1.89 -18.98 6.35
CA PHE A 715 0.74 -19.73 6.83
C PHE A 715 -0.44 -18.78 7.09
N PHE A 716 -0.17 -17.63 7.69
CA PHE A 716 -1.23 -16.67 7.93
C PHE A 716 -1.69 -16.02 6.63
N ALA A 717 -0.81 -15.94 5.63
CA ALA A 717 -1.24 -15.49 4.31
C ALA A 717 -2.25 -16.47 3.70
N LEU A 718 -1.97 -17.77 3.80
CA LEU A 718 -2.94 -18.77 3.36
C LEU A 718 -4.23 -18.66 4.17
N LEU A 719 -4.11 -18.38 5.46
CA LEU A 719 -5.29 -18.29 6.31
C LEU A 719 -6.17 -17.11 5.90
N ILE A 720 -5.57 -15.94 5.63
CA ILE A 720 -6.38 -14.80 5.20
C ILE A 720 -6.95 -15.04 3.81
N LEU A 721 -6.21 -15.73 2.94
CA LEU A 721 -6.75 -16.06 1.63
C LEU A 721 -7.99 -16.92 1.76
N PHE A 722 -7.92 -17.95 2.61
CA PHE A 722 -9.08 -18.83 2.81
C PHE A 722 -10.22 -18.08 3.47
N LEU A 723 -9.92 -17.20 4.43
CA LEU A 723 -10.96 -16.41 5.07
C LEU A 723 -11.68 -15.53 4.05
N PHE A 724 -10.92 -14.87 3.17
CA PHE A 724 -11.52 -14.04 2.13
C PHE A 724 -12.37 -14.87 1.19
N LEU A 725 -11.88 -16.06 0.80
CA LEU A 725 -12.66 -16.89 -0.10
C LEU A 725 -13.94 -17.39 0.56
N CYS A 726 -13.88 -17.70 1.85
CA CYS A 726 -15.05 -18.24 2.54
C CYS A 726 -16.07 -17.15 2.89
N THR A 727 -15.62 -15.91 3.07
CA THR A 727 -16.57 -14.86 3.44
C THR A 727 -17.44 -14.43 2.28
N LEU A 728 -17.13 -14.86 1.05
CA LEU A 728 -17.94 -14.45 -0.10
C LEU A 728 -19.25 -15.22 -0.18
N PRO A 729 -19.27 -16.56 -0.16
CA PRO A 729 -20.56 -17.27 -0.25
C PRO A 729 -21.52 -16.91 0.87
N VAL A 730 -21.04 -16.74 2.09
CA VAL A 730 -21.93 -16.40 3.20
C VAL A 730 -22.49 -15.00 3.02
N GLY A 731 -21.65 -14.06 2.57
CA GLY A 731 -22.16 -12.72 2.30
C GLY A 731 -23.20 -12.70 1.20
N PHE A 732 -22.97 -13.48 0.14
CA PHE A 732 -23.95 -13.57 -0.93
C PHE A 732 -25.25 -14.20 -0.44
N VAL A 733 -25.16 -15.21 0.42
CA VAL A 733 -26.36 -15.83 0.97
C VAL A 733 -27.13 -14.82 1.81
N ILE A 734 -26.43 -14.05 2.64
CA ILE A 734 -27.09 -13.06 3.48
C ILE A 734 -27.76 -12.00 2.63
N ALA A 735 -27.06 -11.52 1.59
CA ALA A 735 -27.58 -10.42 0.80
C ALA A 735 -28.70 -10.85 -0.15
N SER A 736 -28.67 -12.09 -0.63
CA SER A 736 -29.57 -12.54 -1.68
C SER A 736 -30.58 -13.58 -1.21
N LYS A 737 -30.11 -14.68 -0.61
CA LYS A 737 -30.99 -15.78 -0.26
C LYS A 737 -32.03 -15.35 0.77
N THR A 738 -33.26 -15.81 0.60
CA THR A 738 -34.31 -15.50 1.55
C THR A 738 -34.35 -16.57 2.65
N PRO A 739 -34.48 -16.16 3.91
CA PRO A 739 -34.50 -17.14 5.00
C PRO A 739 -35.78 -17.97 4.98
N SER A 740 -35.69 -19.12 5.65
CA SER A 740 -36.82 -20.04 5.70
C SER A 740 -37.98 -19.43 6.48
N LYS A 741 -39.18 -19.94 6.21
CA LYS A 741 -40.39 -19.35 6.75
C LYS A 741 -40.79 -19.92 8.11
N SER A 742 -40.09 -20.93 8.63
CA SER A 742 -40.47 -21.56 9.87
C SER A 742 -39.37 -21.58 10.91
N CYS A 743 -38.12 -21.77 10.47
CA CYS A 743 -36.98 -21.90 11.37
C CYS A 743 -36.36 -20.54 11.63
N GLY A 744 -36.21 -20.18 12.90
CA GLY A 744 -35.59 -18.93 13.27
C GLY A 744 -34.09 -19.00 13.17
N PRO A 745 -33.40 -17.94 13.61
CA PRO A 745 -33.92 -16.71 14.23
C PRO A 745 -34.39 -15.69 13.20
N PHE A 746 -34.24 -16.00 11.92
CA PHE A 746 -34.70 -15.14 10.84
C PHE A 746 -35.90 -15.73 10.11
N GLY A 747 -36.73 -16.49 10.82
CA GLY A 747 -37.87 -17.12 10.19
C GLY A 747 -38.84 -16.12 9.61
N ASN A 748 -39.30 -16.39 8.39
CA ASN A 748 -40.27 -15.56 7.69
C ASN A 748 -39.81 -14.11 7.60
N GLN A 749 -38.57 -13.90 7.20
CA GLN A 749 -38.02 -12.58 6.96
C GLN A 749 -37.81 -12.38 5.46
N SER A 750 -38.00 -11.13 5.02
CA SER A 750 -37.81 -10.81 3.61
C SER A 750 -36.36 -11.05 3.19
N PHE A 751 -35.42 -10.67 4.04
CA PHE A 751 -34.01 -10.92 3.82
C PHE A 751 -33.36 -11.31 5.15
N PHE A 752 -32.10 -11.73 5.08
CA PHE A 752 -31.38 -12.06 6.30
C PHE A 752 -31.01 -10.82 7.10
N TYR A 753 -30.88 -9.68 6.43
CA TYR A 753 -30.53 -8.42 7.08
C TYR A 753 -31.75 -7.60 7.47
N SER A 754 -32.95 -8.13 7.25
CA SER A 754 -34.18 -7.41 7.52
C SER A 754 -34.38 -7.13 9.01
N VAL A 755 -33.77 -7.94 9.89
CA VAL A 755 -33.88 -7.69 11.32
C VAL A 755 -33.19 -6.39 11.70
N ILE A 756 -31.95 -6.21 11.23
CA ILE A 756 -31.21 -4.98 11.53
C ILE A 756 -31.91 -3.78 10.91
N THR A 757 -32.42 -3.95 9.68
CA THR A 757 -33.14 -2.87 9.02
C THR A 757 -34.38 -2.46 9.81
N ASP A 758 -35.14 -3.45 10.30
CA ASP A 758 -36.32 -3.15 11.11
C ASP A 758 -35.93 -2.45 12.40
N VAL A 759 -34.86 -2.92 13.05
CA VAL A 759 -34.42 -2.31 14.31
C VAL A 759 -34.04 -0.85 14.07
N LEU A 760 -33.27 -0.59 13.00
CA LEU A 760 -32.85 0.77 12.71
C LEU A 760 -34.04 1.65 12.34
N HIS A 761 -34.99 1.10 11.58
CA HIS A 761 -36.17 1.86 11.19
C HIS A 761 -36.99 2.24 12.43
N GLU A 762 -37.12 1.32 13.38
CA GLU A 762 -37.85 1.61 14.60
C GLU A 762 -37.11 2.59 15.50
N ASN A 763 -35.80 2.59 15.35
CA ASN A 763 -35.10 3.51 16.16
C ASN A 763 -34.64 4.81 15.54
N LEU A 764 -34.35 4.85 14.26
CA LEU A 764 -34.01 6.13 13.66
C LEU A 764 -34.83 6.23 12.42
N ASP A 765 -36.11 6.44 12.62
CA ASP A 765 -37.06 6.64 11.54
C ASP A 765 -36.56 7.69 10.57
N LYS A 766 -35.53 8.39 10.97
CA LYS A 766 -35.00 9.42 10.19
C LYS A 766 -34.46 8.90 8.92
N THR A 767 -34.73 9.70 7.93
CA THR A 767 -34.32 9.50 6.57
C THR A 767 -32.89 9.12 6.58
N LEU A 768 -32.20 9.59 7.64
CA LEU A 768 -30.85 9.22 7.86
C LEU A 768 -30.67 7.72 7.64
N VAL A 769 -31.65 6.89 8.01
CA VAL A 769 -31.59 5.46 7.76
C VAL A 769 -31.53 5.22 6.27
N ASN A 770 -32.36 6.00 5.55
CA ASN A 770 -32.36 5.99 4.12
C ASN A 770 -31.06 6.50 3.61
N GLY A 771 -30.46 7.46 4.26
CA GLY A 771 -29.17 7.96 3.89
C GLY A 771 -28.17 6.84 4.00
N ILE A 772 -28.23 6.01 5.03
CA ILE A 772 -27.35 4.88 5.08
C ILE A 772 -27.61 3.97 3.91
N LYS A 773 -28.86 3.69 3.64
CA LYS A 773 -29.18 2.84 2.53
C LYS A 773 -28.66 3.48 1.28
N TYR A 774 -28.79 4.79 1.29
CA TYR A 774 -28.33 5.64 0.24
C TYR A 774 -26.89 5.37 0.14
N SER A 775 -26.20 5.21 1.25
CA SER A 775 -24.79 4.98 1.15
C SER A 775 -24.57 3.63 0.68
N LEU A 776 -25.29 2.71 1.27
CA LEU A 776 -25.02 1.32 0.87
C LEU A 776 -25.65 1.17 -0.49
N SER A 777 -24.95 1.65 -1.51
CA SER A 777 -25.49 1.67 -2.86
C SER A 777 -24.39 1.37 -3.87
N PRO A 778 -24.74 0.75 -5.00
CA PRO A 778 -23.71 0.42 -5.99
C PRO A 778 -23.03 1.64 -6.60
N GLY A 779 -23.71 2.79 -6.66
CA GLY A 779 -23.10 3.96 -7.28
C GLY A 779 -22.10 4.67 -6.38
N ILE A 780 -22.11 4.36 -5.09
CA ILE A 780 -21.19 5.00 -4.14
C ILE A 780 -20.07 4.05 -3.69
N ILE A 781 -20.35 2.76 -3.56
CA ILE A 781 -19.35 1.81 -3.07
C ILE A 781 -18.23 1.55 -4.08
N ILE A 782 -18.44 1.83 -5.36
CA ILE A 782 -17.42 1.64 -6.38
C ILE A 782 -16.39 2.78 -6.32
N PRO A 783 -16.81 4.05 -6.23
CA PRO A 783 -15.82 5.09 -5.95
C PRO A 783 -15.06 4.87 -4.66
N VAL A 784 -15.72 4.36 -3.60
CA VAL A 784 -15.00 4.05 -2.38
C VAL A 784 -13.98 2.93 -2.61
N LEU A 785 -14.35 1.92 -3.40
CA LEU A 785 -13.42 0.83 -3.68
C LEU A 785 -12.21 1.32 -4.46
N VAL A 786 -12.42 2.15 -5.48
CA VAL A 786 -11.28 2.67 -6.23
C VAL A 786 -10.45 3.64 -5.39
N LEU A 787 -11.07 4.40 -4.48
CA LEU A 787 -10.32 5.24 -3.56
C LEU A 787 -9.46 4.40 -2.63
N LEU A 788 -9.98 3.28 -2.13
CA LEU A 788 -9.17 2.37 -1.33
C LEU A 788 -8.02 1.77 -2.15
N SER A 789 -8.28 1.39 -3.40
CA SER A 789 -7.21 0.88 -4.25
C SER A 789 -6.13 1.93 -4.49
N LEU A 790 -6.51 3.19 -4.67
CA LEU A 790 -5.53 4.26 -4.82
C LEU A 790 -4.80 4.59 -3.53
N VAL A 791 -5.44 4.40 -2.41
CA VAL A 791 -4.75 4.75 -1.20
C VAL A 791 -3.85 3.62 -0.81
N ILE A 792 -4.27 2.38 -1.04
CA ILE A 792 -3.40 1.29 -0.63
C ILE A 792 -2.09 1.28 -1.38
N TYR A 793 -2.13 1.61 -2.66
CA TYR A 793 -0.95 1.63 -3.49
C TYR A 793 0.05 2.62 -2.91
N PHE A 794 -0.46 3.80 -2.58
CA PHE A 794 0.39 4.83 -2.03
C PHE A 794 0.96 4.36 -0.72
N LEU A 795 0.15 3.75 0.12
CA LEU A 795 0.61 3.29 1.41
C LEU A 795 1.68 2.24 1.31
N ILE A 796 1.56 1.29 0.39
CA ILE A 796 2.57 0.23 0.31
C ILE A 796 3.94 0.83 0.02
N ALA A 797 3.90 1.76 -0.90
CA ALA A 797 5.10 2.42 -1.32
C ALA A 797 5.76 3.16 -0.18
N MET A 798 4.95 3.82 0.63
CA MET A 798 5.50 4.60 1.71
C MET A 798 6.26 3.70 2.65
N VAL A 799 5.67 2.58 3.02
CA VAL A 799 6.39 1.72 3.92
C VAL A 799 7.66 1.17 3.32
N THR A 800 7.61 0.89 2.04
CA THR A 800 8.73 0.41 1.28
C THR A 800 9.86 1.38 1.43
N GLY A 801 9.56 2.62 1.11
CA GLY A 801 10.54 3.67 1.17
C GLY A 801 11.04 3.89 2.57
N LEU A 802 10.14 3.84 3.53
CA LEU A 802 10.54 4.04 4.91
C LEU A 802 11.52 2.97 5.34
N SER A 803 11.24 1.72 4.95
CA SER A 803 12.13 0.64 5.30
C SER A 803 13.48 0.86 4.68
N GLN A 804 13.51 1.28 3.42
CA GLN A 804 14.80 1.51 2.79
C GLN A 804 15.60 2.58 3.52
N ALA A 805 14.91 3.64 3.90
CA ALA A 805 15.55 4.74 4.61
C ALA A 805 16.10 4.27 5.95
N ASN A 806 15.33 3.45 6.64
CA ASN A 806 15.76 2.92 7.91
C ASN A 806 17.02 2.09 7.74
N GLN A 807 16.98 1.40 6.64
CA GLN A 807 18.00 0.56 6.15
C GLN A 807 19.21 1.43 6.11
N ASP A 808 19.06 2.52 5.41
CA ASP A 808 20.14 3.43 5.25
C ASP A 808 20.65 4.03 6.55
N LEU A 809 19.73 4.34 7.45
CA LEU A 809 20.12 4.96 8.69
C LEU A 809 21.02 4.06 9.50
N SER A 810 20.60 2.81 9.53
CA SER A 810 21.33 1.79 10.25
C SER A 810 22.68 1.62 9.64
N PHE A 811 22.74 1.62 8.31
CA PHE A 811 23.98 1.48 7.62
C PHE A 811 24.93 2.57 8.02
N GLN A 812 24.43 3.80 8.07
CA GLN A 812 25.24 4.93 8.42
C GLN A 812 25.84 4.78 9.78
N LEU A 813 25.05 4.32 10.74
CA LEU A 813 25.58 4.09 12.10
C LEU A 813 26.92 3.33 12.19
N SER B 15 1.99 -21.60 42.40
CA SER B 15 3.43 -21.41 42.55
C SER B 15 3.89 -21.82 43.95
N LYS B 16 4.77 -22.82 44.01
CA LYS B 16 5.25 -23.30 45.30
C LYS B 16 6.12 -22.23 45.98
N GLY B 17 7.09 -21.69 45.27
CA GLY B 17 7.93 -20.63 45.81
C GLY B 17 8.72 -21.03 47.04
N GLY B 18 9.33 -22.20 47.02
CA GLY B 18 10.08 -22.68 48.17
C GLY B 18 11.59 -22.61 48.01
N VAL B 19 12.09 -22.95 46.82
CA VAL B 19 13.52 -23.01 46.60
C VAL B 19 14.14 -21.62 46.61
N PHE B 20 13.46 -20.65 46.01
CA PHE B 20 13.94 -19.27 45.95
C PHE B 20 13.07 -18.38 46.81
N THR B 21 13.55 -17.15 47.01
CA THR B 21 12.79 -16.12 47.71
C THR B 21 12.04 -15.26 46.70
N ARG B 22 11.02 -14.57 47.18
CA ARG B 22 10.26 -13.66 46.32
C ARG B 22 11.16 -12.57 45.76
N GLU B 23 12.09 -12.06 46.57
CA GLU B 23 13.01 -11.04 46.10
C GLU B 23 13.90 -11.57 44.97
N GLN B 24 14.42 -12.80 45.13
CA GLN B 24 15.27 -13.37 44.10
C GLN B 24 14.51 -13.59 42.80
N LEU B 25 13.28 -14.12 42.91
CA LEU B 25 12.48 -14.35 41.71
C LEU B 25 12.13 -13.04 41.02
N ASP B 26 11.77 -12.01 41.80
CA ASP B 26 11.48 -10.71 41.21
C ASP B 26 12.72 -10.12 40.54
N GLU B 27 13.88 -10.26 41.17
CA GLU B 27 15.11 -9.77 40.58
C GLU B 27 15.42 -10.48 39.27
N TYR B 28 15.24 -11.81 39.24
CA TYR B 28 15.47 -12.56 38.01
C TYR B 28 14.49 -12.14 36.92
N GLN B 29 13.21 -11.96 37.28
CA GLN B 29 12.22 -11.53 36.28
C GLN B 29 12.57 -10.15 35.74
N ASP B 30 13.10 -9.27 36.59
CA ASP B 30 13.56 -7.98 36.11
C ASP B 30 14.75 -8.13 35.18
N CYS B 31 15.66 -9.04 35.49
CA CYS B 31 16.90 -9.20 34.73
C CYS B 31 16.82 -10.30 33.67
N THR B 32 15.68 -10.97 33.53
CA THR B 32 15.58 -12.08 32.60
C THR B 32 14.17 -12.12 32.02
N PHE B 33 14.05 -12.75 30.85
CA PHE B 33 12.75 -12.90 30.20
C PHE B 33 11.88 -13.99 30.81
N PHE B 34 12.43 -14.79 31.73
CA PHE B 34 11.69 -15.91 32.28
C PHE B 34 10.69 -15.46 33.33
N THR B 35 9.59 -16.20 33.42
CA THR B 35 8.64 -16.06 34.51
C THR B 35 9.09 -16.93 35.68
N ARG B 36 8.30 -16.94 36.75
CA ARG B 36 8.65 -17.77 37.91
C ARG B 36 8.65 -19.24 37.54
N LYS B 37 7.66 -19.68 36.76
CA LYS B 37 7.58 -21.08 36.37
C LYS B 37 8.79 -21.49 35.54
N ASP B 38 9.20 -20.64 34.59
CA ASP B 38 10.36 -20.97 33.77
C ASP B 38 11.62 -21.05 34.61
N ILE B 39 11.79 -20.13 35.56
CA ILE B 39 12.97 -20.15 36.42
C ILE B 39 12.98 -21.42 37.26
N ILE B 40 11.82 -21.80 37.81
CA ILE B 40 11.75 -23.01 38.62
C ILE B 40 12.08 -24.24 37.79
N ARG B 41 11.55 -24.31 36.56
CA ARG B 41 11.84 -25.47 35.71
C ARG B 41 13.31 -25.52 35.33
N LEU B 42 13.92 -24.37 35.04
CA LEU B 42 15.34 -24.33 34.74
C LEU B 42 16.17 -24.77 35.94
N TYR B 43 15.76 -24.37 37.15
CA TYR B 43 16.43 -24.84 38.35
C TYR B 43 16.29 -26.35 38.51
N LYS B 44 15.11 -26.89 38.21
CA LYS B 44 14.91 -28.33 38.29
C LYS B 44 15.85 -29.06 37.34
N ARG B 45 15.96 -28.56 36.11
CA ARG B 45 16.89 -29.17 35.14
C ARG B 45 18.32 -29.07 35.63
N PHE B 46 18.71 -27.90 36.16
CA PHE B 46 20.06 -27.71 36.64
C PHE B 46 20.39 -28.66 37.78
N TYR B 47 19.45 -28.83 38.70
CA TYR B 47 19.65 -29.76 39.82
C TYR B 47 19.70 -31.21 39.33
N ALA B 48 18.83 -31.56 38.37
CA ALA B 48 18.83 -32.92 37.84
C ALA B 48 20.12 -33.23 37.11
N LEU B 49 20.79 -32.21 36.57
CA LEU B 49 22.07 -32.44 35.92
C LEU B 49 23.09 -33.04 36.88
N ASN B 50 23.10 -32.59 38.14
CA ASN B 50 23.98 -33.18 39.14
C ASN B 50 23.43 -32.89 40.55
N PRO B 51 22.55 -33.74 41.07
CA PRO B 51 21.98 -33.47 42.40
C PRO B 51 22.99 -33.52 43.52
N HIS B 52 24.15 -34.14 43.32
CA HIS B 52 25.12 -34.32 44.41
C HIS B 52 25.81 -33.02 44.79
N LYS B 53 25.82 -32.01 43.91
CA LYS B 53 26.46 -30.74 44.20
C LYS B 53 25.54 -29.55 44.12
N VAL B 54 24.41 -29.64 43.43
CA VAL B 54 23.42 -28.57 43.40
C VAL B 54 22.55 -28.69 44.64
N PRO B 55 22.49 -27.68 45.50
CA PRO B 55 21.67 -27.78 46.70
C PRO B 55 20.19 -27.77 46.38
N THR B 56 19.41 -28.40 47.27
CA THR B 56 17.96 -28.41 47.11
C THR B 56 17.35 -27.04 47.37
N ASN B 57 18.02 -26.19 48.13
CA ASN B 57 17.55 -24.84 48.42
C ASN B 57 18.55 -23.83 47.90
N MET B 58 18.07 -22.82 47.17
CA MET B 58 18.92 -21.77 46.60
C MET B 58 18.37 -20.42 47.05
N GLN B 59 18.79 -19.98 48.23
CA GLN B 59 18.41 -18.67 48.75
C GLN B 59 19.67 -17.92 49.17
N GLY B 60 19.84 -16.71 48.67
CA GLY B 60 21.00 -15.92 48.98
C GLY B 60 22.04 -15.90 47.88
N ASN B 61 23.31 -16.09 48.24
CA ASN B 61 24.40 -16.06 47.27
C ASN B 61 24.61 -17.39 46.56
N ARG B 62 23.94 -18.45 47.02
CA ARG B 62 24.19 -19.77 46.45
C ARG B 62 23.89 -19.90 44.95
N PRO B 63 22.89 -19.21 44.36
CA PRO B 63 22.72 -19.32 42.91
C PRO B 63 23.93 -18.92 42.11
N ALA B 64 24.73 -17.97 42.60
CA ALA B 64 25.91 -17.51 41.88
C ALA B 64 27.16 -18.31 42.18
N ILE B 65 27.13 -19.21 43.16
CA ILE B 65 28.33 -19.94 43.55
C ILE B 65 28.28 -21.40 43.15
N THR B 66 27.10 -21.99 43.02
CA THR B 66 27.02 -23.40 42.64
C THR B 66 27.27 -23.56 41.15
N THR B 67 28.32 -24.31 40.82
CA THR B 67 28.76 -24.42 39.44
C THR B 67 28.85 -25.89 39.04
N LEU B 68 28.60 -26.15 37.77
CA LEU B 68 28.78 -27.45 37.15
C LEU B 68 29.89 -27.35 36.12
N THR B 69 30.67 -28.42 35.99
CA THR B 69 31.70 -28.46 34.96
C THR B 69 31.05 -28.43 33.58
N PHE B 70 31.81 -27.99 32.59
CA PHE B 70 31.27 -27.87 31.23
C PHE B 70 30.78 -29.20 30.71
N GLU B 71 31.50 -30.29 31.03
CA GLU B 71 31.09 -31.61 30.56
C GLU B 71 29.73 -31.99 31.15
N GLU B 72 29.52 -31.71 32.42
CA GLU B 72 28.24 -32.04 33.05
C GLU B 72 27.08 -31.27 32.44
N VAL B 73 27.35 -30.06 31.94
CA VAL B 73 26.29 -29.26 31.34
C VAL B 73 26.04 -29.69 29.90
N GLU B 74 27.11 -30.06 29.18
CA GLU B 74 26.95 -30.43 27.78
C GLU B 74 26.22 -31.75 27.61
N LYS B 75 26.19 -32.58 28.65
CA LYS B 75 25.54 -33.88 28.55
C LYS B 75 24.02 -33.77 28.44
N MET B 76 23.47 -32.59 28.70
CA MET B 76 22.02 -32.42 28.54
C MET B 76 21.66 -32.52 27.05
N PRO B 77 20.48 -33.04 26.73
CA PRO B 77 20.13 -33.24 25.32
C PRO B 77 20.07 -31.95 24.51
N GLU B 78 19.75 -30.82 25.15
CA GLU B 78 19.59 -29.57 24.42
C GLU B 78 20.89 -29.07 23.82
N LEU B 79 22.04 -29.56 24.29
CA LEU B 79 23.34 -29.09 23.82
C LEU B 79 24.26 -30.18 23.32
N LYS B 80 24.04 -31.44 23.68
CA LYS B 80 25.01 -32.49 23.36
C LYS B 80 25.15 -32.70 21.86
N GLU B 81 24.11 -32.41 21.09
CA GLU B 81 24.18 -32.56 19.64
C GLU B 81 24.61 -31.27 18.93
N ASN B 82 24.78 -30.18 19.67
CA ASN B 82 25.17 -28.92 19.07
C ASN B 82 26.68 -28.88 18.84
N PRO B 83 27.14 -28.57 17.64
CA PRO B 83 28.59 -28.49 17.41
C PRO B 83 29.27 -27.42 18.24
N PHE B 84 28.56 -26.36 18.60
CA PHE B 84 29.13 -25.23 19.33
C PHE B 84 28.79 -25.24 20.81
N LYS B 85 28.49 -26.41 21.38
CA LYS B 85 28.12 -26.47 22.79
C LYS B 85 29.27 -25.97 23.67
N ARG B 86 30.51 -26.36 23.33
CA ARG B 86 31.66 -25.85 24.07
C ARG B 86 31.76 -24.34 23.95
N ARG B 87 31.53 -23.80 22.75
CA ARG B 87 31.57 -22.36 22.56
C ARG B 87 30.48 -21.66 23.35
N ILE B 88 29.28 -22.22 23.37
CA ILE B 88 28.20 -21.61 24.14
C ILE B 88 28.56 -21.59 25.62
N CYS B 89 29.06 -22.71 26.14
CA CYS B 89 29.43 -22.79 27.55
C CYS B 89 30.53 -21.80 27.88
N GLU B 90 31.54 -21.68 27.01
CA GLU B 90 32.63 -20.74 27.27
C GLU B 90 32.16 -19.30 27.19
N VAL B 91 31.26 -19.00 26.25
CA VAL B 91 30.76 -17.64 26.11
C VAL B 91 29.96 -17.22 27.33
N PHE B 92 29.09 -18.10 27.81
CA PHE B 92 28.22 -17.73 28.92
C PHE B 92 28.84 -17.95 30.29
N SER B 93 30.03 -18.53 30.37
CA SER B 93 30.71 -18.72 31.64
C SER B 93 31.28 -17.39 32.09
N GLU B 94 30.76 -16.86 33.21
CA GLU B 94 31.21 -15.55 33.68
C GLU B 94 32.66 -15.61 34.16
N ASP B 95 33.00 -16.60 34.98
CA ASP B 95 34.34 -16.75 35.51
C ASP B 95 35.20 -17.69 34.69
N GLY B 96 34.63 -18.34 33.67
CA GLY B 96 35.39 -19.31 32.91
C GLY B 96 35.87 -20.44 33.81
N ARG B 97 37.14 -20.79 33.66
CA ARG B 97 37.79 -21.81 34.49
C ARG B 97 37.06 -23.15 34.42
N GLY B 98 36.44 -23.44 33.29
CA GLY B 98 35.74 -24.71 33.11
C GLY B 98 34.60 -24.93 34.08
N ASN B 99 33.80 -23.90 34.32
CA ASN B 99 32.64 -24.02 35.21
C ASN B 99 31.53 -23.12 34.72
N LEU B 100 30.30 -23.45 35.13
CA LEU B 100 29.13 -22.70 34.71
C LEU B 100 28.16 -22.70 35.88
N SER B 101 27.82 -21.50 36.37
CA SER B 101 26.94 -21.38 37.51
C SER B 101 25.48 -21.36 37.05
N PHE B 102 24.57 -21.19 38.01
CA PHE B 102 23.15 -21.16 37.68
C PHE B 102 22.75 -19.83 37.05
N ASP B 103 23.37 -18.73 37.48
CA ASP B 103 23.11 -17.45 36.84
C ASP B 103 23.55 -17.48 35.37
N ASP B 104 24.71 -18.06 35.09
CA ASP B 104 25.16 -18.22 33.72
C ASP B 104 24.22 -19.16 32.96
N PHE B 105 23.70 -20.17 33.64
CA PHE B 105 22.72 -21.07 33.03
C PHE B 105 21.49 -20.31 32.59
N LEU B 106 20.96 -19.45 33.47
CA LEU B 106 19.78 -18.67 33.13
C LEU B 106 20.07 -17.68 32.00
N ASP B 107 21.24 -17.04 32.04
CA ASP B 107 21.61 -16.14 30.94
C ASP B 107 21.66 -16.89 29.61
N MET B 108 22.29 -18.07 29.61
CA MET B 108 22.42 -18.85 28.38
C MET B 108 21.06 -19.22 27.83
N PHE B 109 20.17 -19.74 28.68
CA PHE B 109 18.88 -20.18 28.15
C PHE B 109 17.89 -19.05 28.03
N SER B 110 18.24 -17.83 28.45
CA SER B 110 17.43 -16.65 28.17
C SER B 110 17.78 -16.02 26.84
N VAL B 111 19.08 -15.96 26.51
CA VAL B 111 19.47 -15.42 25.21
C VAL B 111 18.91 -16.28 24.08
N PHE B 112 18.88 -17.60 24.29
CA PHE B 112 18.34 -18.50 23.28
C PHE B 112 16.83 -18.63 23.32
N SER B 113 16.17 -17.93 24.25
CA SER B 113 14.72 -18.03 24.36
C SER B 113 14.03 -17.42 23.14
N GLU B 114 12.73 -17.69 23.02
CA GLU B 114 11.95 -17.15 21.92
C GLU B 114 11.80 -15.64 22.00
N MET B 115 11.68 -15.10 23.21
CA MET B 115 11.37 -13.69 23.40
C MET B 115 12.59 -12.79 23.41
N ALA B 116 13.79 -13.34 23.23
CA ALA B 116 14.98 -12.51 23.21
C ALA B 116 14.98 -11.60 21.99
N PRO B 117 15.42 -10.35 22.13
CA PRO B 117 15.45 -9.45 20.98
C PRO B 117 16.51 -9.88 19.97
N LEU B 118 16.30 -9.48 18.72
CA LEU B 118 17.22 -9.86 17.65
C LEU B 118 18.64 -9.35 17.92
N GLN B 119 18.76 -8.15 18.47
CA GLN B 119 20.08 -7.57 18.70
C GLN B 119 20.87 -8.38 19.73
N LEU B 120 20.21 -8.80 20.81
CA LEU B 120 20.91 -9.58 21.84
C LEU B 120 21.37 -10.93 21.28
N LYS B 121 20.50 -11.61 20.54
CA LYS B 121 20.87 -12.89 19.96
C LYS B 121 21.99 -12.72 18.95
N LEU B 122 21.97 -11.63 18.18
CA LEU B 122 23.06 -11.37 17.24
C LEU B 122 24.37 -11.13 17.98
N LYS B 123 24.33 -10.36 19.06
CA LYS B 123 25.55 -10.10 19.83
C LYS B 123 26.13 -11.40 20.37
N TYR B 124 25.28 -12.25 20.95
CA TYR B 124 25.81 -13.47 21.54
C TYR B 124 26.22 -14.48 20.47
N ALA B 125 25.55 -14.49 19.32
CA ALA B 125 26.00 -15.35 18.23
C ALA B 125 27.37 -14.90 17.71
N PHE B 126 27.57 -13.59 17.58
CA PHE B 126 28.89 -13.08 17.20
C PHE B 126 29.94 -13.47 18.22
N ARG B 127 29.59 -13.39 19.51
CA ARG B 127 30.53 -13.78 20.56
C ARG B 127 30.84 -15.27 20.48
N ILE B 128 29.84 -16.09 20.17
CA ILE B 128 30.04 -17.54 20.05
C ILE B 128 30.98 -17.86 18.90
N TYR B 129 30.70 -17.29 17.73
CA TYR B 129 31.51 -17.59 16.55
C TYR B 129 32.89 -16.97 16.60
N ASP B 130 33.15 -16.07 17.55
CA ASP B 130 34.46 -15.46 17.72
C ASP B 130 35.31 -16.34 18.65
N TYR B 131 35.89 -17.39 18.05
CA TYR B 131 36.65 -18.36 18.82
C TYR B 131 37.83 -17.72 19.54
N ASP B 132 38.64 -16.94 18.80
CA ASP B 132 39.84 -16.36 19.38
C ASP B 132 39.52 -15.24 20.37
N GLY B 133 38.29 -14.75 20.37
CA GLY B 133 37.91 -13.68 21.30
C GLY B 133 38.61 -12.37 21.06
N ASP B 134 38.77 -11.97 19.80
CA ASP B 134 39.40 -10.71 19.45
C ASP B 134 38.43 -9.70 18.84
N GLU B 135 37.13 -9.89 19.05
CA GLU B 135 36.03 -8.99 18.70
C GLU B 135 35.75 -8.96 17.20
N LEU B 136 36.44 -9.75 16.37
CA LEU B 136 36.15 -9.80 14.95
C LEU B 136 36.30 -11.22 14.44
N LEU B 137 35.38 -11.63 13.57
CA LEU B 137 35.40 -12.98 12.99
C LEU B 137 36.47 -13.02 11.92
N GLY B 138 37.63 -13.60 12.25
CA GLY B 138 38.74 -13.68 11.33
C GLY B 138 38.61 -14.82 10.35
N HIS B 139 39.70 -15.08 9.64
CA HIS B 139 39.72 -16.16 8.65
C HIS B 139 39.63 -17.53 9.33
N ASP B 140 40.45 -17.75 10.37
CA ASP B 140 40.49 -19.05 11.00
C ASP B 140 39.19 -19.36 11.75
N ASP B 141 38.54 -18.34 12.32
CA ASP B 141 37.26 -18.56 12.97
C ASP B 141 36.22 -19.07 11.99
N LEU B 142 36.14 -18.44 10.82
CA LEU B 142 35.23 -18.91 9.79
C LEU B 142 35.61 -20.29 9.31
N SER B 143 36.92 -20.55 9.19
CA SER B 143 37.38 -21.87 8.75
C SER B 143 36.90 -22.97 9.70
N LYS B 144 37.15 -22.80 11.00
CA LYS B 144 36.75 -23.82 11.95
C LYS B 144 35.23 -23.89 12.10
N MET B 145 34.53 -22.77 11.94
CA MET B 145 33.08 -22.81 11.94
C MET B 145 32.55 -23.65 10.79
N ILE B 146 33.12 -23.48 9.59
CA ILE B 146 32.72 -24.29 8.45
C ILE B 146 33.05 -25.76 8.69
N ARG B 147 34.24 -26.03 9.25
CA ARG B 147 34.61 -27.41 9.55
C ARG B 147 33.59 -28.05 10.48
N SER B 148 33.20 -27.33 11.54
CA SER B 148 32.21 -27.86 12.47
C SER B 148 30.85 -28.03 11.81
N LEU B 149 30.45 -27.08 10.97
CA LEU B 149 29.14 -27.15 10.31
C LEU B 149 29.04 -28.29 9.32
N THR B 150 30.13 -28.64 8.63
CA THR B 150 30.09 -29.67 7.60
C THR B 150 30.83 -30.93 8.00
N ARG B 151 31.21 -31.06 9.28
CA ARG B 151 31.92 -32.23 9.79
C ARG B 151 33.17 -32.51 8.97
N ASP B 152 33.84 -31.45 8.54
CA ASP B 152 35.09 -31.48 7.79
C ASP B 152 34.96 -32.25 6.47
N GLU B 153 33.73 -32.47 5.99
CA GLU B 153 33.56 -33.20 4.74
C GLU B 153 34.02 -32.38 3.53
N LEU B 154 33.78 -31.07 3.57
CA LEU B 154 34.20 -30.21 2.47
C LEU B 154 35.73 -30.18 2.38
N SER B 155 36.23 -30.03 1.16
CA SER B 155 37.66 -29.98 0.94
C SER B 155 38.21 -28.61 1.35
N ASP B 156 39.54 -28.54 1.45
CA ASP B 156 40.19 -27.30 1.88
C ASP B 156 39.92 -26.16 0.90
N VAL B 157 40.00 -26.45 -0.40
CA VAL B 157 39.77 -25.41 -1.40
C VAL B 157 38.33 -24.89 -1.31
N GLU B 158 37.38 -25.78 -1.10
CA GLU B 158 35.98 -25.36 -0.94
C GLU B 158 35.81 -24.46 0.27
N VAL B 159 36.45 -24.82 1.39
CA VAL B 159 36.34 -24.00 2.60
C VAL B 159 36.96 -22.63 2.36
N GLU B 160 38.13 -22.59 1.72
CA GLU B 160 38.77 -21.31 1.44
C GLU B 160 37.89 -20.45 0.53
N PHE B 161 37.28 -21.07 -0.49
CA PHE B 161 36.40 -20.31 -1.38
C PHE B 161 35.20 -19.76 -0.62
N ILE B 162 34.60 -20.56 0.27
CA ILE B 162 33.45 -20.10 1.03
C ILE B 162 33.85 -18.94 1.96
N ILE B 163 35.02 -19.06 2.60
CA ILE B 163 35.49 -17.99 3.47
C ILE B 163 35.70 -16.71 2.68
N GLU B 164 36.33 -16.83 1.50
CA GLU B 164 36.55 -15.65 0.66
C GLU B 164 35.25 -15.02 0.23
N ARG B 165 34.26 -15.83 -0.14
CA ARG B 165 32.96 -15.29 -0.53
C ARG B 165 32.28 -14.58 0.64
N ILE B 166 32.34 -15.18 1.83
CA ILE B 166 31.73 -14.56 3.00
C ILE B 166 32.38 -13.22 3.30
N ILE B 167 33.72 -13.18 3.26
CA ILE B 167 34.44 -11.95 3.53
C ILE B 167 34.08 -10.89 2.48
N GLU B 168 34.07 -11.28 1.20
CA GLU B 168 33.76 -10.32 0.15
C GLU B 168 32.35 -9.78 0.28
N GLU B 169 31.41 -10.62 0.73
CA GLU B 169 30.04 -10.15 0.92
C GLU B 169 29.95 -9.20 2.12
N ALA B 170 30.66 -9.50 3.20
CA ALA B 170 30.47 -8.77 4.45
C ALA B 170 31.53 -7.72 4.72
N ASP B 171 32.79 -7.96 4.38
CA ASP B 171 33.89 -7.06 4.74
C ASP B 171 33.85 -5.84 3.83
N LEU B 172 33.16 -4.81 4.29
CA LEU B 172 33.13 -3.54 3.58
C LEU B 172 34.19 -2.56 4.06
N ASP B 173 34.97 -2.91 5.08
CA ASP B 173 36.04 -2.07 5.57
C ASP B 173 37.40 -2.40 4.98
N GLY B 174 37.50 -3.50 4.22
CA GLY B 174 38.79 -3.90 3.69
C GLY B 174 39.78 -4.38 4.72
N ASP B 175 39.30 -4.80 5.89
CA ASP B 175 40.16 -5.24 6.98
C ASP B 175 40.30 -6.76 7.05
N SER B 176 39.81 -7.49 6.04
CA SER B 176 39.93 -8.95 5.97
C SER B 176 39.28 -9.64 7.16
N SER B 177 38.32 -8.98 7.80
CA SER B 177 37.62 -9.55 8.94
C SER B 177 36.28 -8.86 9.10
N ILE B 178 35.38 -9.52 9.80
CA ILE B 178 34.01 -9.06 9.96
C ILE B 178 33.87 -8.50 11.37
N ASN B 179 33.78 -7.18 11.48
CA ASN B 179 33.45 -6.56 12.75
C ASN B 179 31.97 -6.81 13.07
N PHE B 180 31.59 -6.51 14.31
CA PHE B 180 30.22 -6.79 14.72
C PHE B 180 29.21 -5.96 13.95
N ALA B 181 29.60 -4.77 13.49
CA ALA B 181 28.67 -3.97 12.69
C ALA B 181 28.38 -4.63 11.36
N GLU B 182 29.42 -5.10 10.67
CA GLU B 182 29.22 -5.80 9.40
C GLU B 182 28.41 -7.08 9.61
N PHE B 183 28.71 -7.82 10.68
CA PHE B 183 27.98 -9.04 10.97
C PHE B 183 26.50 -8.77 11.25
N GLU B 184 26.23 -7.76 12.08
CA GLU B 184 24.84 -7.35 12.36
C GLU B 184 24.12 -6.98 11.07
N HIS B 185 24.75 -6.14 10.25
CA HIS B 185 24.10 -5.68 9.02
C HIS B 185 23.83 -6.84 8.08
N VAL B 186 24.76 -7.77 7.96
CA VAL B 186 24.57 -8.91 7.06
C VAL B 186 23.47 -9.83 7.57
N VAL B 187 23.53 -10.19 8.85
CA VAL B 187 22.68 -11.26 9.36
C VAL B 187 21.27 -10.81 9.73
N SER B 188 21.07 -9.53 10.03
CA SER B 188 19.72 -9.05 10.34
C SER B 188 18.78 -9.25 9.16
N ARG B 189 19.31 -9.24 7.94
CA ARG B 189 18.50 -9.49 6.76
C ARG B 189 18.26 -10.97 6.50
N SER B 190 18.95 -11.85 7.21
CA SER B 190 18.71 -13.28 7.04
C SER B 190 17.34 -13.64 7.60
N PRO B 191 16.49 -14.34 6.85
CA PRO B 191 15.16 -14.70 7.37
C PRO B 191 15.14 -15.94 8.23
N ASP B 192 16.30 -16.56 8.51
CA ASP B 192 16.36 -17.80 9.26
C ASP B 192 17.10 -17.70 10.57
N PHE B 193 17.77 -16.59 10.85
CA PHE B 193 18.55 -16.48 12.09
C PHE B 193 17.66 -16.59 13.32
N ILE B 194 16.50 -15.92 13.30
CA ILE B 194 15.59 -15.99 14.44
C ILE B 194 15.12 -17.42 14.66
N ARG B 195 14.80 -18.14 13.59
CA ARG B 195 14.30 -19.50 13.73
C ARG B 195 15.40 -20.44 14.20
N THR B 196 16.57 -20.38 13.57
CA THR B 196 17.63 -21.33 13.90
C THR B 196 18.23 -21.06 15.27
N PHE B 197 18.57 -19.80 15.55
CA PHE B 197 19.23 -19.43 16.81
C PHE B 197 18.17 -19.41 17.91
N HIS B 198 17.80 -20.61 18.37
CA HIS B 198 16.74 -20.78 19.34
C HIS B 198 16.96 -22.09 20.08
N ILE B 199 16.76 -22.05 21.41
CA ILE B 199 16.82 -23.26 22.21
C ILE B 199 15.64 -23.26 23.17
N ARG B 200 14.60 -24.01 22.83
CA ARG B 200 13.43 -24.11 23.70
C ARG B 200 13.72 -25.06 24.86
N ILE B 201 13.42 -24.62 26.07
CA ILE B 201 13.65 -25.44 27.25
C ILE B 201 12.61 -25.14 28.33
N ASP C 15 -30.31 -54.28 8.27
CA ASP C 15 -30.76 -53.37 9.31
C ASP C 15 -30.52 -53.94 10.69
N GLN C 16 -29.81 -53.18 11.53
CA GLN C 16 -29.67 -53.54 12.94
C GLN C 16 -31.02 -53.46 13.63
N PHE C 17 -31.23 -54.34 14.61
CA PHE C 17 -32.47 -54.36 15.36
C PHE C 17 -32.21 -53.97 16.81
N VAL C 18 -33.29 -53.73 17.54
CA VAL C 18 -33.21 -53.14 18.88
C VAL C 18 -33.06 -54.25 19.91
N ALA C 19 -31.95 -54.23 20.64
CA ALA C 19 -31.73 -55.09 21.79
C ALA C 19 -32.57 -54.62 22.96
N PRO C 20 -32.75 -55.47 24.00
CA PRO C 20 -33.50 -55.02 25.17
C PRO C 20 -32.96 -53.70 25.73
N GLY C 21 -33.73 -52.63 25.54
CA GLY C 21 -33.33 -51.31 26.04
C GLY C 21 -32.06 -50.79 25.44
N LEU C 22 -31.77 -51.12 24.18
CA LEU C 22 -30.52 -50.72 23.54
C LEU C 22 -30.64 -51.04 22.06
N ARG C 23 -29.80 -50.39 21.26
CA ARG C 23 -29.74 -50.63 19.82
C ARG C 23 -28.39 -51.22 19.47
N LEU C 24 -28.38 -52.08 18.45
CA LEU C 24 -27.18 -52.87 18.14
C LEU C 24 -26.01 -51.97 17.76
N TRP C 25 -26.25 -50.97 16.92
CA TRP C 25 -25.18 -50.05 16.56
C TRP C 25 -24.65 -49.31 17.78
N MET C 26 -25.52 -49.06 18.77
CA MET C 26 -25.08 -48.43 20.00
C MET C 26 -24.12 -49.34 20.77
N LEU C 27 -24.41 -50.63 20.84
CA LEU C 27 -23.49 -51.57 21.48
C LEU C 27 -22.16 -51.66 20.74
N ILE C 28 -22.22 -51.69 19.40
CA ILE C 28 -20.99 -51.73 18.61
C ILE C 28 -20.17 -50.47 18.87
N ALA C 29 -20.84 -49.31 18.93
CA ALA C 29 -20.14 -48.07 19.22
C ALA C 29 -19.52 -48.10 20.61
N LEU C 30 -20.23 -48.66 21.60
CA LEU C 30 -19.69 -48.72 22.96
C LEU C 30 -18.44 -49.58 23.02
N VAL C 31 -18.48 -50.77 22.40
CA VAL C 31 -17.32 -51.65 22.47
C VAL C 31 -16.15 -51.05 21.68
N GLY C 32 -16.43 -50.46 20.52
CA GLY C 32 -15.37 -49.79 19.77
C GLY C 32 -14.77 -48.64 20.56
N GLY C 33 -15.60 -47.86 21.25
CA GLY C 33 -15.11 -46.73 22.00
C GLY C 33 -14.26 -47.15 23.19
N VAL C 34 -14.67 -48.19 23.91
CA VAL C 34 -13.87 -48.65 25.03
C VAL C 34 -12.56 -49.25 24.54
N LEU C 35 -12.59 -49.95 23.40
CA LEU C 35 -11.35 -50.45 22.82
C LEU C 35 -10.42 -49.30 22.42
N LEU C 36 -10.98 -48.26 21.81
CA LEU C 36 -10.17 -47.10 21.43
C LEU C 36 -9.58 -46.40 22.66
N ILE C 37 -10.37 -46.28 23.72
CA ILE C 37 -9.87 -45.66 24.95
C ILE C 37 -8.72 -46.49 25.53
N MET C 38 -8.89 -47.81 25.55
CA MET C 38 -7.84 -48.67 26.09
C MET C 38 -6.55 -48.56 25.26
N ILE C 39 -6.67 -48.60 23.93
CA ILE C 39 -5.48 -48.55 23.12
C ILE C 39 -4.81 -47.16 23.21
N VAL C 40 -5.61 -46.10 23.33
CA VAL C 40 -5.04 -44.77 23.52
C VAL C 40 -4.29 -44.70 24.85
N ILE C 41 -4.87 -45.26 25.90
CA ILE C 41 -4.21 -45.28 27.21
C ILE C 41 -2.88 -46.02 27.11
N VAL C 42 -2.88 -47.18 26.44
CA VAL C 42 -1.66 -47.96 26.32
C VAL C 42 -0.60 -47.20 25.52
N CYS C 43 -1.01 -46.61 24.40
CA CYS C 43 -0.06 -45.88 23.56
C CYS C 43 0.45 -44.61 24.24
N CYS C 44 -0.30 -44.06 25.20
CA CYS C 44 0.20 -42.92 25.96
C CYS C 44 1.36 -43.30 26.87
N PHE C 45 1.62 -44.59 27.07
CA PHE C 45 2.73 -45.06 27.88
C PHE C 45 3.77 -45.87 27.12
N MET C 46 3.41 -46.43 25.96
CA MET C 46 4.33 -47.33 25.27
C MET C 46 5.60 -46.61 24.82
N ARG C 47 5.46 -45.42 24.24
CA ARG C 47 6.60 -44.66 23.70
C ARG C 47 7.37 -45.50 22.68
N ILE C 48 6.68 -45.85 21.60
CA ILE C 48 7.24 -46.69 20.56
C ILE C 48 7.94 -45.83 19.51
N ARG C 49 8.79 -46.45 18.72
CA ARG C 49 9.51 -45.76 17.64
C ARG C 49 9.72 -46.76 16.51
N ILE C 50 8.95 -46.63 15.44
CA ILE C 50 8.96 -47.58 14.33
C ILE C 50 10.19 -47.39 13.44
N PRO C 51 10.45 -46.22 12.87
CA PRO C 51 11.52 -46.12 11.86
C PRO C 51 12.88 -46.43 12.43
N ARG C 52 13.74 -46.99 11.58
CA ARG C 52 15.12 -47.27 11.93
C ARG C 52 16.00 -46.08 11.58
N THR C 53 17.10 -45.95 12.33
CA THR C 53 18.10 -44.94 12.00
C THR C 53 18.94 -45.41 10.82
N LYS C 54 19.65 -44.46 10.20
CA LYS C 54 20.51 -44.81 9.08
C LYS C 54 21.61 -45.77 9.52
N ARG C 55 22.11 -45.61 10.74
CA ARG C 55 23.07 -46.57 11.29
C ARG C 55 22.44 -47.95 11.45
N GLN C 56 21.12 -48.00 11.67
CA GLN C 56 20.41 -49.27 11.73
C GLN C 56 19.97 -49.76 10.36
N ILE C 57 20.15 -48.95 9.31
CA ILE C 57 19.72 -49.31 7.97
C ILE C 57 20.88 -49.78 7.11
N ASP C 58 22.03 -49.10 7.18
CA ASP C 58 23.16 -49.43 6.32
C ASP C 58 23.72 -50.83 6.60
N LEU C 59 23.37 -51.43 7.73
CA LEU C 59 23.89 -52.74 8.08
C LEU C 59 23.21 -53.88 7.32
N ILE C 60 22.14 -53.61 6.57
CA ILE C 60 21.41 -54.66 5.88
C ILE C 60 22.21 -55.27 4.74
N ALA C 61 23.34 -54.68 4.36
CA ALA C 61 24.16 -55.25 3.30
C ALA C 61 24.67 -56.63 3.67
N ALA C 62 25.06 -56.82 4.92
CA ALA C 62 25.54 -58.11 5.39
C ALA C 62 24.41 -59.13 5.45
N SER D 89 32.40 -18.47 -27.52
CA SER D 89 33.08 -17.49 -28.36
C SER D 89 32.07 -16.73 -29.22
N LYS D 90 31.02 -17.43 -29.64
CA LYS D 90 29.98 -16.79 -30.45
C LYS D 90 29.27 -15.69 -29.66
N ASP D 91 28.98 -15.95 -28.38
CA ASP D 91 28.30 -14.96 -27.56
C ASP D 91 29.16 -13.76 -27.21
N ARG D 92 30.49 -13.85 -27.41
CA ARG D 92 31.36 -12.72 -27.13
C ARG D 92 31.06 -11.55 -28.06
N ILE D 93 30.78 -11.85 -29.33
CA ILE D 93 30.40 -10.80 -30.27
C ILE D 93 29.10 -10.14 -29.84
N LEU D 94 28.13 -10.94 -29.42
CA LEU D 94 26.86 -10.38 -28.93
C LEU D 94 27.10 -9.51 -27.71
N LYS D 95 27.97 -9.94 -26.80
CA LYS D 95 28.27 -9.15 -25.61
C LYS D 95 28.91 -7.82 -25.98
N LYS D 96 29.87 -7.83 -26.90
CA LYS D 96 30.50 -6.58 -27.31
C LYS D 96 29.50 -5.65 -27.98
N ILE D 97 28.61 -6.21 -28.81
CA ILE D 97 27.61 -5.39 -29.49
C ILE D 97 26.67 -4.76 -28.48
N GLN D 98 26.20 -5.55 -27.51
CA GLN D 98 25.28 -5.03 -26.51
C GLN D 98 25.95 -3.98 -25.63
N GLN D 99 27.22 -4.20 -25.26
CA GLN D 99 27.94 -3.21 -24.47
C GLN D 99 28.12 -1.90 -25.23
N LYS D 100 28.46 -1.98 -26.51
CA LYS D 100 28.60 -0.76 -27.30
C LYS D 100 27.25 -0.05 -27.45
N LYS D 101 26.18 -0.82 -27.64
CA LYS D 101 24.85 -0.21 -27.76
C LYS D 101 24.44 0.51 -26.47
N GLU D 102 24.69 -0.12 -25.31
CA GLU D 102 24.33 0.53 -24.07
C GLU D 102 25.24 1.73 -23.78
N ILE D 103 26.49 1.69 -24.22
CA ILE D 103 27.36 2.85 -24.10
C ILE D 103 26.81 4.00 -24.95
N ILE D 104 26.36 3.69 -26.17
CA ILE D 104 25.74 4.70 -27.02
C ILE D 104 24.51 5.29 -26.33
N GLN D 105 23.68 4.42 -25.74
CA GLN D 105 22.47 4.90 -25.07
C GLN D 105 22.80 5.80 -23.89
N LYS D 106 23.81 5.42 -23.09
CA LYS D 106 24.12 6.16 -21.87
C LYS D 106 25.03 7.36 -22.12
N LEU D 107 25.58 7.51 -23.31
CA LEU D 107 26.49 8.62 -23.59
C LEU D 107 25.81 9.97 -23.45
N ARG D 108 24.49 10.03 -23.60
CA ARG D 108 23.78 11.31 -23.56
C ARG D 108 23.94 12.01 -22.22
N GLY D 109 24.13 11.25 -21.13
CA GLY D 109 24.21 11.84 -19.82
C GLY D 109 25.55 11.65 -19.14
N GLN D 110 26.63 11.77 -19.90
CA GLN D 110 27.93 11.59 -19.23
C GLN D 110 28.54 12.95 -18.90
N PRO D 111 29.21 13.07 -17.75
CA PRO D 111 29.88 14.34 -17.38
C PRO D 111 31.19 14.53 -18.13
N TRP D 112 31.11 14.56 -19.45
CA TRP D 112 32.27 14.67 -20.31
C TRP D 112 32.16 15.90 -21.21
N TYR D 113 33.31 16.40 -21.64
CA TYR D 113 33.33 17.47 -22.62
C TYR D 113 32.73 16.99 -23.95
N MET D 114 32.35 17.95 -24.78
CA MET D 114 31.69 17.62 -26.04
C MET D 114 32.60 16.81 -26.95
N LYS D 115 33.87 17.16 -27.01
CA LYS D 115 34.81 16.42 -27.86
C LYS D 115 34.93 14.97 -27.41
N ARG D 116 35.00 14.74 -26.10
CA ARG D 116 35.07 13.37 -25.59
C ARG D 116 33.82 12.58 -25.96
N LYS D 117 32.64 13.17 -25.79
CA LYS D 117 31.41 12.47 -26.13
C LYS D 117 31.35 12.15 -27.61
N ARG D 118 31.74 13.10 -28.47
CA ARG D 118 31.72 12.85 -29.90
C ARG D 118 32.71 11.74 -30.27
N ARG D 119 33.90 11.75 -29.69
CA ARG D 119 34.89 10.72 -29.98
C ARG D 119 34.39 9.35 -29.54
N THR D 120 33.82 9.27 -28.33
CA THR D 120 33.31 7.99 -27.86
C THR D 120 32.15 7.50 -28.71
N LEU D 121 31.29 8.40 -29.16
CA LEU D 121 30.21 8.02 -30.06
C LEU D 121 30.76 7.49 -31.38
N LYS D 122 31.78 8.15 -31.93
CA LYS D 122 32.38 7.69 -33.17
C LYS D 122 33.00 6.30 -33.00
N VAL D 123 33.72 6.08 -31.90
CA VAL D 123 34.34 4.78 -31.67
C VAL D 123 33.27 3.70 -31.50
N ALA D 124 32.21 4.00 -30.75
CA ALA D 124 31.14 3.02 -30.56
C ALA D 124 30.43 2.71 -31.87
N GLN D 125 30.23 3.72 -32.72
CA GLN D 125 29.63 3.46 -34.03
C GLN D 125 30.57 2.64 -34.91
N LYS D 126 31.87 2.88 -34.81
CA LYS D 126 32.83 2.06 -35.54
C LYS D 126 32.76 0.61 -35.10
N HIS D 127 32.62 0.38 -33.79
CA HIS D 127 32.48 -1.00 -33.31
C HIS D 127 31.14 -1.59 -33.72
N LEU D 128 30.08 -0.78 -33.78
CA LEU D 128 28.81 -1.24 -34.31
C LEU D 128 28.95 -1.62 -35.77
N GLN D 129 29.89 -1.00 -36.48
CA GLN D 129 30.19 -1.43 -37.84
C GLN D 129 31.02 -2.72 -37.84
N GLN D 130 31.97 -2.84 -36.90
CA GLN D 130 32.84 -4.01 -36.74
C GLN D 130 32.08 -5.24 -36.32
N GLN D 131 30.83 -5.03 -35.91
CA GLN D 131 29.92 -6.12 -35.61
C GLN D 131 29.66 -7.03 -36.82
N GLU D 132 30.27 -6.74 -37.98
CA GLU D 132 29.93 -7.44 -39.21
C GLU D 132 30.09 -8.96 -39.08
N ALA D 133 30.84 -9.42 -38.07
CA ALA D 133 30.88 -10.84 -37.74
C ALA D 133 29.61 -11.24 -36.99
N LYS D 134 28.48 -11.07 -37.67
CA LYS D 134 27.16 -11.29 -37.10
C LYS D 134 26.33 -12.13 -38.06
N VAL D 135 25.46 -12.96 -37.49
CA VAL D 135 24.58 -13.80 -38.31
C VAL D 135 23.57 -12.93 -39.03
N SER D 136 23.38 -13.20 -40.32
CA SER D 136 22.44 -12.46 -41.14
C SER D 136 21.02 -12.96 -40.88
N LYS D 137 20.09 -12.60 -41.77
CA LYS D 137 18.70 -13.06 -41.72
C LYS D 137 17.95 -12.45 -40.55
N ALA D 138 17.53 -13.28 -39.60
CA ALA D 138 16.66 -12.81 -38.52
C ALA D 138 17.34 -11.73 -37.70
N ARG D 139 18.61 -11.95 -37.34
CA ARG D 139 19.32 -10.97 -36.53
C ARG D 139 19.59 -9.68 -37.31
N LEU D 140 19.97 -9.81 -38.58
CA LEU D 140 20.20 -8.63 -39.41
C LEU D 140 18.93 -7.81 -39.58
N TYR D 141 17.81 -8.48 -39.85
CA TYR D 141 16.55 -7.76 -40.00
C TYR D 141 16.08 -7.17 -38.68
N LYS D 142 16.34 -7.85 -37.56
CA LYS D 142 16.02 -7.28 -36.25
C LYS D 142 16.81 -6.01 -36.00
N ALA D 143 18.10 -6.02 -36.32
CA ALA D 143 18.92 -4.82 -36.15
C ALA D 143 18.43 -3.69 -37.05
N GLU D 144 18.11 -4.02 -38.31
CA GLU D 144 17.59 -3.00 -39.22
C GLU D 144 16.28 -2.41 -38.71
N ALA D 145 15.38 -3.26 -38.22
CA ALA D 145 14.12 -2.78 -37.67
C ALA D 145 14.35 -1.90 -36.45
N GLY D 146 15.28 -2.28 -35.58
CA GLY D 146 15.56 -1.46 -34.42
C GLY D 146 16.11 -0.10 -34.79
N ARG D 147 17.05 -0.06 -35.74
CA ARG D 147 17.58 1.22 -36.18
C ARG D 147 16.50 2.08 -36.83
N ARG D 148 15.65 1.48 -37.67
CA ARG D 148 14.57 2.24 -38.28
C ARG D 148 13.61 2.77 -37.24
N LEU D 149 13.29 1.95 -36.23
CA LEU D 149 12.35 2.37 -35.19
C LEU D 149 12.93 3.51 -34.35
N THR D 150 14.22 3.44 -34.00
CA THR D 150 14.79 4.53 -33.20
C THR D 150 14.91 5.80 -34.02
N GLN D 151 15.21 5.69 -35.33
CA GLN D 151 15.20 6.87 -36.18
C GLN D 151 13.81 7.47 -36.26
N ALA D 152 12.79 6.63 -36.40
CA ALA D 152 11.41 7.13 -36.44
C ALA D 152 11.02 7.79 -35.13
N SER D 153 11.45 7.22 -34.00
CA SER D 153 11.17 7.82 -32.70
C SER D 153 11.83 9.19 -32.57
N ARG D 154 13.09 9.31 -33.01
CA ARG D 154 13.76 10.60 -32.96
C ARG D 154 13.05 11.63 -33.85
N TRP D 155 12.64 11.21 -35.05
CA TRP D 155 11.91 12.12 -35.94
C TRP D 155 10.58 12.54 -35.32
N LEU D 156 9.88 11.59 -34.69
CA LEU D 156 8.62 11.92 -34.04
C LEU D 156 8.82 12.90 -32.89
N ASP D 157 9.87 12.73 -32.11
CA ASP D 157 10.16 13.67 -31.03
C ASP D 157 10.50 15.05 -31.58
N ASN D 158 11.28 15.10 -32.67
CA ASN D 158 11.61 16.38 -33.28
C ASN D 158 10.37 17.09 -33.79
N LEU D 159 9.43 16.34 -34.37
CA LEU D 159 8.18 16.95 -34.82
C LEU D 159 7.32 17.38 -33.64
N LYS D 160 7.34 16.59 -32.56
CA LYS D 160 6.50 16.89 -31.40
C LYS D 160 6.97 18.16 -30.68
N ILE D 161 8.29 18.37 -30.61
CA ILE D 161 8.80 19.50 -29.85
C ILE D 161 8.34 20.84 -30.40
N TYR D 162 7.90 20.86 -31.66
CA TYR D 162 7.37 22.10 -32.24
C TYR D 162 5.96 22.42 -31.75
N LEU D 163 5.24 21.43 -31.23
CA LEU D 163 3.83 21.60 -30.89
C LEU D 163 3.60 21.99 -29.44
N ILE D 164 4.65 22.16 -28.64
CA ILE D 164 4.49 22.58 -27.25
C ILE D 164 4.35 24.10 -27.23
N PRO D 165 3.21 24.62 -26.78
CA PRO D 165 3.01 26.07 -26.78
C PRO D 165 3.53 26.73 -25.50
N TRP D 166 3.62 28.05 -25.56
CA TRP D 166 3.91 28.90 -24.40
C TRP D 166 5.27 28.60 -23.79
N GLU D 167 6.20 27.99 -24.54
CA GLU D 167 7.54 27.79 -24.02
C GLU D 167 8.22 29.13 -23.74
N ALA D 168 8.10 30.07 -24.67
CA ALA D 168 8.66 31.40 -24.45
C ALA D 168 7.96 32.12 -23.32
N LYS D 169 6.63 32.00 -23.25
CA LYS D 169 5.87 32.68 -22.20
C LYS D 169 6.23 32.13 -20.82
N ILE D 170 6.25 30.80 -20.69
CA ILE D 170 6.61 30.18 -19.42
C ILE D 170 8.06 30.50 -19.06
N ARG D 171 8.94 30.54 -20.07
CA ARG D 171 10.33 30.88 -19.81
C ARG D 171 10.47 32.30 -19.28
N LYS D 172 9.75 33.25 -19.88
CA LYS D 172 9.81 34.63 -19.40
C LYS D 172 9.24 34.75 -17.99
N ILE D 173 8.11 34.09 -17.72
CA ILE D 173 7.53 34.14 -16.39
C ILE D 173 8.48 33.55 -15.36
N GLU D 174 9.09 32.41 -15.69
CA GLU D 174 10.04 31.78 -14.79
C GLU D 174 11.26 32.66 -14.55
N SER D 175 11.75 33.32 -15.61
CA SER D 175 12.89 34.20 -15.46
C SER D 175 12.56 35.38 -14.55
N HIS D 176 11.35 35.93 -14.68
CA HIS D 176 10.99 37.09 -13.87
C HIS D 176 10.72 36.70 -12.43
N PHE D 177 10.01 35.60 -12.20
CA PHE D 177 9.58 35.22 -10.85
C PHE D 177 10.37 34.04 -10.30
N GLY D 178 10.38 32.90 -10.98
CA GLY D 178 11.08 31.75 -10.46
C GLY D 178 10.41 30.42 -10.74
N SER D 179 10.99 29.34 -10.23
CA SER D 179 10.48 28.01 -10.51
C SER D 179 9.12 27.77 -9.86
N VAL D 180 8.92 28.30 -8.64
CA VAL D 180 7.67 28.07 -7.93
C VAL D 180 6.50 28.67 -8.69
N VAL D 181 6.66 29.91 -9.16
CA VAL D 181 5.58 30.58 -9.88
C VAL D 181 5.33 29.88 -11.21
N SER D 182 6.40 29.57 -11.95
CA SER D 182 6.25 28.91 -13.24
C SER D 182 5.71 27.50 -13.11
N SER D 183 5.78 26.91 -11.92
CA SER D 183 5.18 25.59 -11.71
C SER D 183 3.68 25.64 -11.94
N TYR D 184 3.03 26.73 -11.53
CA TYR D 184 1.60 26.87 -11.78
C TYR D 184 1.30 26.89 -13.28
N PHE D 185 2.12 27.59 -14.06
CA PHE D 185 1.85 27.67 -15.49
C PHE D 185 2.16 26.36 -16.20
N THR D 186 3.19 25.64 -15.75
CA THR D 186 3.43 24.30 -16.28
C THR D 186 2.26 23.38 -15.97
N PHE D 187 1.74 23.45 -14.75
CA PHE D 187 0.57 22.65 -14.37
C PHE D 187 -0.65 23.06 -15.20
N HIS D 188 -0.79 24.35 -15.47
CA HIS D 188 -1.89 24.83 -16.29
C HIS D 188 -1.81 24.27 -17.71
N ARG D 189 -0.60 24.27 -18.29
CA ARG D 189 -0.44 23.70 -19.63
C ARG D 189 -0.71 22.20 -19.62
N TRP D 190 -0.28 21.50 -18.57
CA TRP D 190 -0.56 20.07 -18.48
C TRP D 190 -2.06 19.80 -18.37
N VAL D 191 -2.76 20.60 -17.57
CA VAL D 191 -4.21 20.44 -17.45
C VAL D 191 -4.89 20.76 -18.76
N LEU D 192 -4.39 21.76 -19.50
CA LEU D 192 -4.93 22.05 -20.82
C LEU D 192 -4.73 20.87 -21.75
N GLY D 193 -3.56 20.23 -21.69
CA GLY D 193 -3.34 19.05 -22.52
C GLY D 193 -4.28 17.91 -22.17
N VAL D 194 -4.51 17.69 -20.88
CA VAL D 194 -5.46 16.66 -20.46
C VAL D 194 -6.86 16.98 -20.96
N ASN D 195 -7.25 18.25 -20.86
CA ASN D 195 -8.57 18.66 -21.33
C ASN D 195 -8.68 18.51 -22.84
N ILE D 196 -7.60 18.77 -23.57
CA ILE D 196 -7.61 18.58 -25.02
C ILE D 196 -7.75 17.11 -25.36
N THR D 197 -7.08 16.24 -24.60
CA THR D 197 -7.24 14.80 -24.81
C THR D 197 -8.69 14.38 -24.56
N ILE D 198 -9.29 14.89 -23.48
CA ILE D 198 -10.69 14.57 -23.19
C ILE D 198 -11.59 15.07 -24.30
N THR D 199 -11.34 16.28 -24.80
CA THR D 199 -12.14 16.84 -25.88
C THR D 199 -12.02 16.00 -27.14
N PHE D 200 -10.81 15.55 -27.46
CA PHE D 200 -10.62 14.70 -28.63
C PHE D 200 -11.39 13.39 -28.49
N ILE D 201 -11.35 12.79 -27.30
CA ILE D 201 -12.09 11.55 -27.08
C ILE D 201 -13.57 11.78 -27.25
N MET D 202 -14.10 12.83 -26.62
CA MET D 202 -15.53 13.12 -26.69
C MET D 202 -15.96 13.38 -28.13
N CYS D 203 -15.17 14.16 -28.87
CA CYS D 203 -15.52 14.49 -30.25
C CYS D 203 -15.47 13.25 -31.13
N MET D 204 -14.38 12.50 -31.08
CA MET D 204 -14.21 11.37 -31.99
C MET D 204 -15.23 10.28 -31.71
N PHE D 205 -15.52 10.02 -30.44
CA PHE D 205 -16.39 8.90 -30.11
C PHE D 205 -17.86 9.28 -29.94
N VAL D 206 -18.16 10.53 -29.65
CA VAL D 206 -19.55 10.91 -29.38
C VAL D 206 -20.00 12.06 -30.27
N VAL D 207 -19.30 13.19 -30.21
CA VAL D 207 -19.79 14.40 -30.84
C VAL D 207 -19.78 14.29 -32.36
N ILE D 208 -18.66 13.84 -32.92
CA ILE D 208 -18.55 13.74 -34.39
C ILE D 208 -19.54 12.74 -34.98
N PRO D 209 -19.71 11.54 -34.42
CA PRO D 209 -20.75 10.65 -34.97
C PRO D 209 -22.14 11.26 -34.95
N GLU D 210 -22.50 11.95 -33.86
CA GLU D 210 -23.81 12.58 -33.80
C GLU D 210 -23.93 13.70 -34.83
N TRP D 211 -22.86 14.47 -35.02
CA TRP D 211 -22.88 15.52 -36.04
C TRP D 211 -23.03 14.92 -37.43
N LEU D 212 -22.37 13.78 -37.68
CA LEU D 212 -22.50 13.12 -38.98
C LEU D 212 -23.94 12.64 -39.19
N ALA D 213 -24.56 12.09 -38.14
CA ALA D 213 -25.95 11.68 -38.25
C ALA D 213 -26.85 12.87 -38.56
N ASP D 214 -26.63 13.99 -37.88
CA ASP D 214 -27.43 15.18 -38.12
C ASP D 214 -27.25 15.70 -39.54
N SER D 215 -25.99 15.73 -40.01
CA SER D 215 -25.71 16.26 -41.34
C SER D 215 -26.31 15.37 -42.42
N ARG D 216 -26.19 14.05 -42.27
CA ARG D 216 -26.77 13.15 -43.26
C ARG D 216 -28.29 13.12 -43.22
N THR D 217 -28.91 13.72 -42.20
CA THR D 217 -30.35 13.74 -42.09
C THR D 217 -30.96 14.68 -43.11
N GLN D 218 -32.15 14.32 -43.59
CA GLN D 218 -32.89 15.13 -44.54
C GLN D 218 -34.30 15.36 -44.01
N PHE D 219 -34.94 16.42 -44.51
CA PHE D 219 -36.31 16.71 -44.09
C PHE D 219 -37.25 15.60 -44.55
N GLY D 220 -38.17 15.23 -43.67
CA GLY D 220 -39.08 14.14 -43.94
C GLY D 220 -38.51 12.76 -43.75
N ASP D 221 -37.23 12.65 -43.39
CA ASP D 221 -36.62 11.35 -43.15
C ASP D 221 -37.16 10.74 -41.86
N ASP D 222 -37.13 9.40 -41.80
CA ASP D 222 -37.58 8.70 -40.60
C ASP D 222 -36.77 9.14 -39.39
N ARG D 223 -35.45 9.23 -39.54
CA ARG D 223 -34.61 9.73 -38.45
C ARG D 223 -34.99 11.17 -38.12
N TYR D 224 -35.23 12.00 -39.14
CA TYR D 224 -35.73 13.35 -38.87
C TYR D 224 -37.11 13.30 -38.23
N ASN D 225 -37.99 12.43 -38.72
CA ASN D 225 -39.32 12.30 -38.13
C ASN D 225 -39.24 12.03 -36.64
N LYS D 226 -38.29 11.21 -36.22
CA LYS D 226 -38.19 10.81 -34.82
C LYS D 226 -37.36 11.76 -33.97
N THR D 227 -36.42 12.50 -34.57
CA THR D 227 -35.60 13.43 -33.83
C THR D 227 -36.08 14.88 -33.91
N LYS D 228 -37.18 15.13 -34.61
CA LYS D 228 -37.71 16.48 -34.70
C LYS D 228 -38.10 17.04 -33.33
N ALA D 229 -38.50 16.17 -32.41
CA ALA D 229 -38.96 16.64 -31.11
C ALA D 229 -37.83 17.31 -30.32
N ILE D 230 -36.62 16.75 -30.39
CA ILE D 230 -35.51 17.23 -29.58
C ILE D 230 -34.43 17.88 -30.43
N LYS D 231 -34.66 18.06 -31.72
CA LYS D 231 -33.66 18.70 -32.58
C LYS D 231 -34.14 19.97 -33.26
N VAL D 232 -35.43 20.08 -33.57
CA VAL D 232 -35.97 21.26 -34.24
C VAL D 232 -36.67 22.13 -33.20
N MET D 233 -36.25 23.38 -33.11
CA MET D 233 -36.84 24.29 -32.13
C MET D 233 -38.28 24.63 -32.53
N PRO D 234 -39.21 24.66 -31.58
CA PRO D 234 -40.57 25.11 -31.91
C PRO D 234 -40.57 26.58 -32.25
N PRO D 235 -41.58 27.06 -32.97
CA PRO D 235 -41.58 28.47 -33.40
C PRO D 235 -41.51 29.47 -32.26
N ALA D 236 -42.10 29.16 -31.11
CA ALA D 236 -42.01 30.06 -29.97
C ALA D 236 -40.56 30.21 -29.51
N VAL D 237 -39.84 29.09 -29.42
CA VAL D 237 -38.43 29.15 -29.04
C VAL D 237 -37.63 29.86 -30.13
N ARG D 238 -38.00 29.67 -31.39
CA ARG D 238 -37.33 30.37 -32.48
C ARG D 238 -37.47 31.88 -32.30
N ALA D 239 -38.69 32.34 -31.99
CA ALA D 239 -38.90 33.77 -31.78
C ALA D 239 -38.16 34.27 -30.55
N ARG D 240 -38.14 33.48 -29.49
CA ARG D 240 -37.51 33.88 -28.23
C ARG D 240 -36.03 33.52 -28.15
N ALA D 241 -35.47 32.91 -29.19
CA ALA D 241 -34.10 32.42 -29.12
C ALA D 241 -33.09 33.55 -28.96
N ASP D 242 -33.33 34.68 -29.62
CA ASP D 242 -32.34 35.76 -29.65
C ASP D 242 -32.43 36.70 -28.45
N GLU D 243 -33.42 36.52 -27.58
CA GLU D 243 -33.52 37.35 -26.38
C GLU D 243 -32.31 37.14 -25.48
N LEU D 244 -31.88 38.22 -24.83
CA LEU D 244 -30.72 38.14 -23.94
C LEU D 244 -30.97 37.22 -22.75
N SER D 245 -32.22 37.15 -22.29
CA SER D 245 -32.54 36.27 -21.17
C SER D 245 -32.27 34.81 -21.50
N THR D 246 -32.64 34.39 -22.71
CA THR D 246 -32.40 33.01 -23.12
C THR D 246 -30.90 32.75 -23.31
N VAL D 247 -30.17 33.76 -23.79
CA VAL D 247 -28.73 33.60 -23.97
C VAL D 247 -28.04 33.45 -22.61
N TRP D 248 -28.49 34.20 -21.61
CA TRP D 248 -27.95 34.03 -20.26
C TRP D 248 -28.24 32.64 -19.72
N ASP D 249 -29.34 32.03 -20.14
CA ASP D 249 -29.72 30.71 -19.66
C ASP D 249 -29.20 29.58 -20.54
N PHE D 250 -28.42 29.89 -21.57
CA PHE D 250 -27.91 28.92 -22.52
C PHE D 250 -29.03 28.13 -23.19
N GLY D 251 -30.20 28.73 -23.34
CA GLY D 251 -31.30 28.12 -24.05
C GLY D 251 -31.31 28.50 -25.52
N GLY D 252 -32.47 28.31 -26.13
CA GLY D 252 -32.60 28.64 -27.54
C GLY D 252 -31.70 27.78 -28.40
N TYR D 253 -30.84 28.43 -29.18
CA TYR D 253 -29.94 27.70 -30.06
C TYR D 253 -28.94 26.86 -29.28
N PHE D 254 -28.48 27.35 -28.13
CA PHE D 254 -27.53 26.58 -27.33
C PHE D 254 -28.14 25.27 -26.85
N GLN D 255 -29.39 25.31 -26.39
CA GLN D 255 -30.04 24.09 -25.92
C GLN D 255 -30.23 23.11 -27.07
N TYR D 256 -30.66 23.60 -28.22
CA TYR D 256 -30.82 22.77 -29.41
C TYR D 256 -29.51 22.70 -30.20
N SER D 257 -28.49 22.17 -29.54
CA SER D 257 -27.17 22.04 -30.14
C SER D 257 -26.44 20.88 -29.48
N LEU D 258 -25.35 20.44 -30.12
CA LEU D 258 -24.55 19.34 -29.62
C LEU D 258 -23.89 19.65 -28.28
N LEU D 259 -24.11 20.84 -27.73
CA LEU D 259 -23.49 21.22 -26.47
C LEU D 259 -24.07 20.47 -25.27
N PHE D 260 -25.33 20.08 -25.31
CA PHE D 260 -26.01 19.56 -24.14
C PHE D 260 -26.47 18.12 -24.33
N TYR D 261 -26.82 17.50 -23.21
CA TYR D 261 -27.22 16.09 -23.19
C TYR D 261 -28.47 15.84 -24.01
N GLY D 262 -29.43 16.77 -24.00
CA GLY D 262 -30.74 16.49 -24.58
C GLY D 262 -30.71 16.31 -26.08
N PHE D 263 -29.83 17.02 -26.78
CA PHE D 263 -29.85 17.04 -28.23
C PHE D 263 -29.51 15.69 -28.84
N TYR D 264 -28.80 14.84 -28.12
CA TYR D 264 -28.33 13.57 -28.65
C TYR D 264 -29.49 12.57 -28.73
N SER D 265 -29.73 12.03 -29.91
CA SER D 265 -30.81 11.08 -30.09
C SER D 265 -30.48 9.73 -29.48
N LYS D 266 -31.53 8.98 -29.14
CA LYS D 266 -31.39 7.62 -28.64
C LYS D 266 -31.50 6.57 -29.74
N GLU D 267 -31.69 7.00 -30.99
CA GLU D 267 -31.90 6.09 -32.10
C GLU D 267 -30.83 6.26 -33.18
N THR D 268 -29.58 6.39 -32.79
CA THR D 268 -28.48 6.65 -33.72
C THR D 268 -27.49 5.49 -33.66
N PHE D 269 -27.41 4.73 -34.75
CA PHE D 269 -26.49 3.61 -34.88
C PHE D 269 -25.76 3.71 -36.22
N PHE D 270 -24.48 3.35 -36.22
CA PHE D 270 -23.67 3.48 -37.43
C PHE D 270 -23.03 2.17 -37.82
N GLY D 271 -23.80 1.08 -37.79
CA GLY D 271 -23.32 -0.19 -38.26
C GLY D 271 -24.42 -1.03 -38.88
N GLU D 272 -24.23 -1.43 -40.13
CA GLU D 272 -25.23 -2.26 -40.79
C GLU D 272 -25.18 -3.69 -40.27
N THR D 273 -23.99 -4.23 -40.05
CA THR D 273 -23.83 -5.57 -39.50
C THR D 273 -23.64 -5.52 -37.98
N ILE D 274 -22.60 -4.83 -37.52
CA ILE D 274 -22.36 -4.60 -36.10
C ILE D 274 -22.54 -3.12 -35.83
N LYS D 275 -23.54 -2.78 -35.02
CA LYS D 275 -23.91 -1.38 -34.85
C LYS D 275 -22.95 -0.67 -33.91
N TYR D 276 -22.63 0.58 -34.26
CA TYR D 276 -21.92 1.48 -33.36
C TYR D 276 -22.96 2.40 -32.73
N ARG D 277 -23.57 1.91 -31.65
CA ARG D 277 -24.66 2.63 -31.01
C ARG D 277 -24.13 3.88 -30.32
N VAL D 278 -24.65 5.05 -30.72
CA VAL D 278 -24.16 6.30 -30.15
C VAL D 278 -24.46 6.41 -28.65
N PRO D 279 -25.64 6.04 -28.14
CA PRO D 279 -25.82 6.07 -26.67
C PRO D 279 -24.84 5.19 -25.91
N VAL D 280 -24.53 4.00 -26.45
CA VAL D 280 -23.55 3.13 -25.81
C VAL D 280 -22.18 3.79 -25.81
N ALA D 281 -21.81 4.40 -26.94
CA ALA D 281 -20.55 5.13 -27.01
C ALA D 281 -20.54 6.29 -26.02
N TYR D 282 -21.68 6.96 -25.86
CA TYR D 282 -21.78 8.06 -24.91
C TYR D 282 -21.50 7.60 -23.49
N PHE D 283 -22.20 6.55 -23.06
CA PHE D 283 -22.03 6.04 -21.71
C PHE D 283 -20.61 5.55 -21.47
N PHE D 284 -20.12 4.67 -22.36
CA PHE D 284 -18.79 4.13 -22.19
C PHE D 284 -17.71 5.19 -22.32
N CYS D 285 -17.95 6.22 -23.13
CA CYS D 285 -16.99 7.30 -23.27
C CYS D 285 -16.89 8.12 -22.01
N ASN D 286 -18.04 8.41 -21.38
CA ASN D 286 -17.98 9.12 -20.10
C ASN D 286 -17.25 8.30 -19.04
N ILE D 287 -17.59 7.02 -18.93
CA ILE D 287 -16.94 6.16 -17.94
C ILE D 287 -15.44 6.06 -18.21
N PHE D 288 -15.09 5.83 -19.47
CA PHE D 288 -13.69 5.68 -19.85
C PHE D 288 -12.93 6.98 -19.69
N ILE D 289 -13.60 8.12 -19.85
CA ILE D 289 -12.93 9.40 -19.65
C ILE D 289 -12.63 9.61 -18.17
N LEU D 290 -13.57 9.26 -17.30
CA LEU D 290 -13.27 9.31 -15.87
C LEU D 290 -12.07 8.42 -15.54
N GLY D 291 -12.11 7.16 -15.99
CA GLY D 291 -11.03 6.25 -15.71
C GLY D 291 -9.71 6.68 -16.32
N PHE D 292 -9.75 7.23 -17.52
CA PHE D 292 -8.55 7.66 -18.23
C PHE D 292 -7.96 8.91 -17.60
N SER D 293 -8.79 9.82 -17.10
CA SER D 293 -8.29 10.95 -16.34
C SER D 293 -7.57 10.46 -15.09
N LEU D 294 -8.19 9.50 -14.37
CA LEU D 294 -7.53 8.94 -13.20
C LEU D 294 -6.18 8.32 -13.57
N PHE D 295 -6.16 7.55 -14.66
CA PHE D 295 -4.94 6.89 -15.10
C PHE D 295 -3.86 7.90 -15.48
N ILE D 296 -4.24 8.95 -16.20
CA ILE D 296 -3.27 9.95 -16.62
C ILE D 296 -2.69 10.69 -15.42
N ILE D 297 -3.54 11.05 -14.46
CA ILE D 297 -3.03 11.73 -13.27
C ILE D 297 -2.10 10.81 -12.49
N LEU D 298 -2.49 9.55 -12.32
CA LEU D 298 -1.62 8.60 -11.62
C LEU D 298 -0.29 8.41 -12.33
N ARG D 299 -0.33 8.28 -13.66
CA ARG D 299 0.90 8.08 -14.43
C ARG D 299 1.81 9.29 -14.33
N LYS D 300 1.24 10.50 -14.46
CA LYS D 300 2.05 11.71 -14.33
C LYS D 300 2.65 11.82 -12.94
N MET D 301 1.86 11.52 -11.91
CA MET D 301 2.36 11.61 -10.54
C MET D 301 3.49 10.59 -10.31
N ALA D 302 3.33 9.38 -10.83
CA ALA D 302 4.38 8.37 -10.69
C ALA D 302 5.65 8.79 -11.43
N ALA D 303 5.50 9.31 -12.65
CA ALA D 303 6.66 9.74 -13.42
C ALA D 303 7.34 10.93 -12.77
N ASN D 304 6.59 11.75 -12.05
CA ASN D 304 7.18 12.89 -11.35
C ASN D 304 7.80 12.49 -10.02
N ASN D 305 7.31 11.42 -9.39
CA ASN D 305 7.87 10.98 -8.12
C ASN D 305 9.12 10.12 -8.35
N ARG D 306 8.94 8.98 -9.00
CA ARG D 306 10.03 8.08 -9.37
C ARG D 306 10.34 8.26 -10.86
N ARG D 307 11.19 7.38 -11.38
CA ARG D 307 11.55 7.31 -12.80
C ARG D 307 11.68 8.70 -13.42
N GLY D 308 12.59 9.49 -12.84
CA GLY D 308 12.82 10.84 -13.30
C GLY D 308 12.97 11.86 -12.20
N THR D 309 12.98 11.42 -10.95
CA THR D 309 13.17 12.32 -9.82
C THR D 309 13.86 11.57 -8.70
N LEU D 310 14.04 12.25 -7.58
CA LEU D 310 14.77 11.66 -6.46
C LEU D 310 13.98 10.54 -5.79
N SER D 311 12.69 10.76 -5.55
CA SER D 311 11.85 9.83 -4.80
C SER D 311 12.48 9.50 -3.44
N SER D 312 13.01 10.53 -2.79
CA SER D 312 13.68 10.37 -1.50
C SER D 312 13.37 11.59 -0.65
N GLY D 313 14.05 11.69 0.49
CA GLY D 313 13.90 12.83 1.37
C GLY D 313 12.94 12.63 2.52
N LYS D 314 13.07 11.52 3.22
CA LYS D 314 12.22 11.20 4.37
C LYS D 314 12.87 11.60 5.70
N THR D 315 14.02 12.23 5.68
CA THR D 315 14.76 12.61 6.88
C THR D 315 14.76 14.11 7.07
N GLN D 316 15.44 14.56 8.13
CA GLN D 316 15.50 15.97 8.46
C GLN D 316 16.91 16.44 8.82
N GLN D 317 17.86 15.51 9.01
CA GLN D 317 19.19 15.88 9.49
C GLN D 317 19.96 16.76 8.50
N TYR D 318 19.51 16.84 7.25
CA TYR D 318 20.22 17.57 6.19
C TYR D 318 19.67 18.97 5.98
N LEU D 319 19.23 19.62 7.06
CA LEU D 319 18.61 20.94 6.94
C LEU D 319 19.59 21.97 6.40
N PHE D 320 20.76 22.08 7.03
CA PHE D 320 21.75 23.06 6.61
C PHE D 320 22.27 22.76 5.21
N ASN D 321 22.55 21.49 4.91
CA ASN D 321 23.03 21.13 3.59
C ASN D 321 22.00 21.44 2.52
N TRP D 322 20.73 21.16 2.79
CA TRP D 322 19.69 21.42 1.80
C TRP D 322 19.44 22.91 1.63
N LYS D 323 19.58 23.71 2.69
CA LYS D 323 19.40 25.14 2.54
C LYS D 323 20.63 25.84 2.01
N ALA D 324 21.79 25.18 2.00
CA ALA D 324 22.99 25.78 1.43
C ALA D 324 23.22 25.38 -0.01
N PHE D 325 23.03 24.12 -0.35
CA PHE D 325 23.28 23.62 -1.70
C PHE D 325 22.09 23.79 -2.62
N THR D 326 20.93 24.20 -2.10
CA THR D 326 19.77 24.53 -2.90
C THR D 326 19.30 25.95 -2.60
N GLY D 327 20.20 26.79 -2.12
CA GLY D 327 19.85 28.13 -1.69
C GLY D 327 19.65 29.15 -2.79
N TRP D 328 20.03 28.83 -4.02
CA TRP D 328 19.84 29.73 -5.14
C TRP D 328 19.02 29.06 -6.23
N ASP D 329 18.06 29.81 -6.78
CA ASP D 329 17.29 29.35 -7.92
C ASP D 329 17.99 29.82 -9.19
N TYR D 330 18.40 28.86 -10.02
CA TYR D 330 19.13 29.18 -11.24
C TYR D 330 18.22 29.67 -12.35
N THR D 331 16.91 29.66 -12.14
CA THR D 331 15.93 30.13 -13.12
C THR D 331 15.62 31.61 -13.00
N ILE D 332 16.28 32.32 -12.10
CA ILE D 332 16.00 33.72 -11.84
C ILE D 332 16.73 34.57 -12.87
N GLY D 333 16.01 35.51 -13.48
CA GLY D 333 16.60 36.43 -14.43
C GLY D 333 16.47 37.89 -14.05
N ASN D 334 15.47 38.20 -13.23
CA ASN D 334 15.23 39.58 -12.81
C ASN D 334 16.10 39.93 -11.60
N PRO D 335 16.79 41.07 -11.61
CA PRO D 335 17.65 41.42 -10.47
C PRO D 335 16.92 41.54 -9.14
N GLU D 336 15.70 42.08 -9.15
CA GLU D 336 14.98 42.25 -7.89
C GLU D 336 14.61 40.92 -7.27
N THR D 337 14.22 39.95 -8.09
CA THR D 337 13.99 38.61 -7.56
C THR D 337 15.27 38.01 -6.98
N ALA D 338 16.41 38.29 -7.61
CA ALA D 338 17.69 37.83 -7.06
C ALA D 338 17.95 38.45 -5.69
N GLY D 339 17.71 39.75 -5.55
CA GLY D 339 17.86 40.39 -4.24
C GLY D 339 16.92 39.81 -3.21
N ASN D 340 15.68 39.53 -3.60
CA ASN D 340 14.74 38.89 -2.69
C ASN D 340 15.24 37.52 -2.26
N VAL D 341 15.84 36.77 -3.18
CA VAL D 341 16.42 35.47 -2.84
C VAL D 341 17.57 35.65 -1.85
N TYR D 342 18.40 36.66 -2.05
CA TYR D 342 19.49 36.94 -1.11
C TYR D 342 18.95 37.20 0.29
N MET D 343 17.94 38.08 0.39
CA MET D 343 17.36 38.40 1.69
C MET D 343 16.71 37.17 2.32
N ALA D 344 16.00 36.38 1.52
CA ALA D 344 15.35 35.18 2.06
C ALA D 344 16.38 34.19 2.58
N ASN D 345 17.49 34.01 1.85
CA ASN D 345 18.54 33.12 2.33
C ASN D 345 19.14 33.64 3.63
N VAL D 346 19.36 34.96 3.72
CA VAL D 346 19.87 35.53 4.96
C VAL D 346 18.93 35.22 6.12
N ILE D 347 17.63 35.42 5.90
CA ILE D 347 16.64 35.19 6.96
C ILE D 347 16.62 33.73 7.36
N LYS D 348 16.64 32.83 6.37
CA LYS D 348 16.59 31.40 6.67
C LYS D 348 17.81 30.95 7.45
N PHE D 349 19.00 31.39 7.05
CA PHE D 349 20.21 31.01 7.75
C PHE D 349 20.23 31.56 9.17
N ARG D 350 19.81 32.82 9.33
CA ARG D 350 19.77 33.40 10.68
C ARG D 350 18.79 32.65 11.56
N GLU D 351 17.63 32.29 11.02
CA GLU D 351 16.65 31.51 11.79
C GLU D 351 17.21 30.16 12.18
N ALA D 352 17.90 29.50 11.24
CA ALA D 352 18.45 28.19 11.53
C ALA D 352 19.52 28.25 12.62
N ILE D 353 20.40 29.25 12.55
CA ILE D 353 21.53 29.29 13.48
C ILE D 353 21.20 29.97 14.79
N ASN D 354 20.11 30.73 14.87
CA ASN D 354 19.81 31.52 16.06
C ASN D 354 18.43 31.28 16.64
N ASP D 355 17.46 30.84 15.84
CA ASP D 355 16.08 30.74 16.29
C ASP D 355 15.53 29.33 16.28
N ASP D 356 15.94 28.50 15.31
CA ASP D 356 15.36 27.17 15.18
C ASP D 356 15.72 26.25 16.35
N LYS D 357 16.90 26.42 16.94
CA LYS D 357 17.33 25.53 17.99
C LYS D 357 17.88 26.27 19.21
N GLN D 358 17.57 27.54 19.38
CA GLN D 358 18.19 28.28 20.48
C GLN D 358 17.19 28.95 21.41
N LYS D 359 16.10 29.50 20.88
CA LYS D 359 15.22 30.37 21.68
C LYS D 359 13.75 30.11 21.35
N PRO D 360 13.05 29.33 22.17
CA PRO D 360 11.58 29.35 22.16
C PRO D 360 11.06 30.33 23.19
N SER D 361 10.01 31.05 22.83
CA SER D 361 9.50 32.11 23.70
C SER D 361 8.01 32.33 23.46
N ASP D 362 7.37 32.95 24.45
CA ASP D 362 5.98 33.38 24.36
C ASP D 362 5.87 34.76 24.99
N LYS D 363 4.90 35.55 24.51
CA LYS D 363 4.74 36.93 24.94
C LYS D 363 3.45 37.18 25.70
N HIS D 364 2.31 36.74 25.18
CA HIS D 364 1.00 36.98 25.78
C HIS D 364 0.27 35.65 25.93
N PRO D 365 0.57 34.90 26.99
CA PRO D 365 -0.13 33.63 27.21
C PRO D 365 -1.61 33.86 27.47
N TRP D 366 -2.43 32.90 27.03
CA TRP D 366 -3.88 32.92 27.20
C TRP D 366 -4.52 34.15 26.56
N ILE D 367 -3.86 34.75 25.57
CA ILE D 367 -4.39 35.90 24.86
C ILE D 367 -4.43 35.60 23.38
N ARG D 368 -3.27 35.17 22.84
CA ARG D 368 -3.20 34.79 21.43
C ARG D 368 -4.10 33.60 21.12
N PHE D 369 -4.16 32.64 22.04
CA PHE D 369 -5.00 31.46 21.83
C PHE D 369 -6.47 31.85 21.75
N VAL D 370 -6.89 32.84 22.55
CA VAL D 370 -8.26 33.33 22.48
C VAL D 370 -8.55 33.90 21.09
N ALA D 371 -7.61 34.67 20.55
CA ALA D 371 -7.78 35.21 19.20
C ALA D 371 -7.85 34.10 18.17
N ARG D 372 -7.02 33.06 18.32
CA ARG D 372 -7.06 31.93 17.40
C ARG D 372 -8.43 31.26 17.43
N VAL D 373 -8.96 31.02 18.63
CA VAL D 373 -10.26 30.36 18.76
C VAL D 373 -11.36 31.22 18.16
N LEU D 374 -11.32 32.53 18.42
CA LEU D 374 -12.34 33.42 17.86
C LEU D 374 -12.27 33.43 16.33
N THR D 375 -11.06 33.47 15.78
CA THR D 375 -10.92 33.47 14.32
C THR D 375 -11.43 32.16 13.72
N ASN D 376 -11.12 31.03 14.35
CA ASN D 376 -11.63 29.75 13.85
C ASN D 376 -13.15 29.70 13.91
N LEU D 377 -13.74 30.20 15.00
CA LEU D 377 -15.19 30.23 15.10
C LEU D 377 -15.79 31.13 14.01
N PHE D 378 -15.17 32.28 13.75
CA PHE D 378 -15.67 33.16 12.71
C PHE D 378 -15.52 32.54 11.33
N ILE D 379 -14.47 31.75 11.10
CA ILE D 379 -14.31 31.07 9.82
C ILE D 379 -15.38 30.00 9.65
N CYS D 380 -15.70 29.27 10.72
CA CYS D 380 -16.80 28.33 10.66
C CYS D 380 -18.11 29.06 10.38
N ALA D 381 -18.29 30.24 10.97
CA ALA D 381 -19.46 31.06 10.69
C ALA D 381 -19.49 31.47 9.22
N MET D 382 -18.33 31.80 8.65
CA MET D 382 -18.26 32.14 7.23
C MET D 382 -18.65 30.94 6.38
N TYR D 383 -18.20 29.74 6.77
CA TYR D 383 -18.57 28.54 6.03
C TYR D 383 -20.07 28.31 6.04
N VAL D 384 -20.69 28.37 7.22
CA VAL D 384 -22.13 28.14 7.30
C VAL D 384 -22.89 29.25 6.58
N PHE D 385 -22.37 30.48 6.64
CA PHE D 385 -22.99 31.57 5.90
C PHE D 385 -22.90 31.34 4.40
N SER D 386 -21.77 30.84 3.91
CA SER D 386 -21.64 30.54 2.50
C SER D 386 -22.62 29.46 2.06
N ILE D 387 -22.76 28.41 2.87
CA ILE D 387 -23.70 27.34 2.55
C ILE D 387 -25.13 27.89 2.51
N TRP D 388 -25.50 28.67 3.54
CA TRP D 388 -26.84 29.23 3.60
C TRP D 388 -27.10 30.18 2.44
N ALA D 389 -26.11 31.00 2.09
CA ALA D 389 -26.27 31.93 0.98
C ALA D 389 -26.42 31.20 -0.35
N ILE D 390 -25.66 30.13 -0.56
CA ILE D 390 -25.82 29.34 -1.78
C ILE D 390 -27.22 28.77 -1.84
N MET D 391 -27.72 28.23 -0.72
CA MET D 391 -29.07 27.69 -0.70
C MET D 391 -30.11 28.77 -1.01
N GLN D 392 -29.96 29.95 -0.39
CA GLN D 392 -30.94 31.01 -0.56
C GLN D 392 -30.95 31.51 -2.01
N CYS D 393 -29.77 31.80 -2.56
CA CYS D 393 -29.70 32.25 -3.94
C CYS D 393 -30.15 31.16 -4.91
N GLY D 394 -30.06 29.89 -4.51
CA GLY D 394 -30.71 28.84 -5.27
C GLY D 394 -32.22 28.96 -5.22
N THR D 395 -32.75 29.35 -4.07
CA THR D 395 -34.20 29.55 -3.93
C THR D 395 -34.68 30.86 -4.54
N LEU D 396 -33.78 31.73 -4.98
CA LEU D 396 -34.18 33.03 -5.50
C LEU D 396 -34.59 32.92 -6.96
N LYS D 397 -35.75 33.52 -7.29
CA LYS D 397 -36.27 33.54 -8.65
C LYS D 397 -36.48 35.00 -9.07
N GLY D 398 -37.05 35.19 -10.26
CA GLY D 398 -37.34 36.53 -10.74
C GLY D 398 -37.13 36.72 -12.22
N GLU D 399 -36.53 35.73 -12.89
CA GLU D 399 -36.27 35.73 -14.33
C GLU D 399 -35.74 37.07 -14.83
N HIS D 400 -34.83 37.65 -14.08
CA HIS D 400 -34.20 38.92 -14.43
C HIS D 400 -32.75 38.68 -14.82
N PHE D 401 -32.03 39.78 -15.08
CA PHE D 401 -30.63 39.69 -15.46
C PHE D 401 -29.75 39.10 -14.37
N PHE D 402 -30.23 39.08 -13.13
CA PHE D 402 -29.48 38.56 -12.00
C PHE D 402 -30.13 37.36 -11.32
N ALA D 403 -31.46 37.25 -11.36
CA ALA D 403 -32.13 36.13 -10.70
C ALA D 403 -31.74 34.80 -11.33
N GLN D 404 -31.60 34.75 -12.65
CA GLN D 404 -31.23 33.52 -13.32
C GLN D 404 -29.78 33.13 -13.04
N ASN D 405 -28.91 34.12 -12.88
CA ASN D 405 -27.48 33.89 -12.65
C ASN D 405 -27.08 34.09 -11.20
N ALA D 406 -28.04 34.14 -10.28
CA ALA D 406 -27.74 34.48 -8.90
C ALA D 406 -26.81 33.46 -8.26
N THR D 407 -27.07 32.17 -8.47
CA THR D 407 -26.29 31.13 -7.81
C THR D 407 -24.84 31.13 -8.30
N ALA D 408 -24.65 31.25 -9.62
CA ALA D 408 -23.31 31.27 -10.18
C ALA D 408 -22.53 32.48 -9.69
N ILE D 409 -23.18 33.64 -9.67
CA ILE D 409 -22.52 34.86 -9.19
C ILE D 409 -22.14 34.71 -7.73
N THR D 410 -23.04 34.16 -6.91
CA THR D 410 -22.76 33.99 -5.49
C THR D 410 -21.57 33.06 -5.28
N ILE D 411 -21.57 31.92 -5.98
CA ILE D 411 -20.49 30.95 -5.81
C ILE D 411 -19.17 31.55 -6.26
N SER D 412 -19.16 32.23 -7.40
CA SER D 412 -17.92 32.83 -7.89
C SER D 412 -17.41 33.91 -6.95
N LEU D 413 -18.32 34.75 -6.43
CA LEU D 413 -17.90 35.80 -5.51
C LEU D 413 -17.34 35.21 -4.23
N ILE D 414 -17.98 34.16 -3.69
CA ILE D 414 -17.46 33.52 -2.49
C ILE D 414 -16.07 32.96 -2.76
N THR D 415 -15.92 32.26 -3.89
CA THR D 415 -14.64 31.65 -4.24
C THR D 415 -13.54 32.71 -4.37
N LEU D 416 -13.87 33.86 -4.94
CA LEU D 416 -12.86 34.88 -5.18
C LEU D 416 -12.64 35.83 -4.00
N VAL D 417 -13.54 35.84 -3.02
CA VAL D 417 -13.46 36.80 -1.91
C VAL D 417 -12.99 36.11 -0.63
N PHE D 418 -13.61 35.00 -0.26
CA PHE D 418 -13.30 34.37 1.02
C PHE D 418 -11.82 34.05 1.24
N PRO D 419 -11.06 33.59 0.24
CA PRO D 419 -9.61 33.40 0.48
C PRO D 419 -8.90 34.65 0.94
N ASN D 420 -9.28 35.83 0.46
CA ASN D 420 -8.66 37.06 0.94
C ASN D 420 -8.98 37.31 2.41
N ILE D 421 -10.22 37.07 2.81
CA ILE D 421 -10.59 37.21 4.22
C ILE D 421 -9.83 36.20 5.07
N PHE D 422 -9.67 34.97 4.55
CA PHE D 422 -8.91 33.96 5.26
C PHE D 422 -7.46 34.39 5.43
N ASP D 423 -6.87 34.98 4.40
CA ASP D 423 -5.50 35.49 4.50
C ASP D 423 -5.41 36.59 5.55
N LEU D 424 -6.38 37.50 5.57
CA LEU D 424 -6.38 38.56 6.58
C LEU D 424 -6.49 37.98 7.99
N LEU D 425 -7.36 36.98 8.17
CA LEU D 425 -7.52 36.35 9.48
C LEU D 425 -6.24 35.62 9.88
N GLY D 426 -5.59 34.94 8.93
CA GLY D 426 -4.30 34.34 9.22
C GLY D 426 -3.26 35.37 9.63
N LYS D 427 -3.34 36.55 9.02
CA LYS D 427 -2.49 37.66 9.46
C LYS D 427 -2.80 38.04 10.91
N ILE D 428 -4.08 38.08 11.27
CA ILE D 428 -4.44 38.42 12.65
C ILE D 428 -4.27 37.25 13.62
N GLU D 429 -4.03 36.04 13.10
CA GLU D 429 -3.79 34.89 13.96
C GLU D 429 -2.33 34.71 14.34
N LYS D 430 -1.43 35.55 13.82
CA LYS D 430 0.01 35.55 14.12
C LYS D 430 0.56 34.12 14.20
N LEU D 431 0.24 33.33 13.19
CA LEU D 431 0.69 31.95 13.10
C LEU D 431 2.00 31.87 12.32
N HIS D 432 2.65 30.71 12.40
CA HIS D 432 3.88 30.49 11.66
C HIS D 432 3.59 30.54 10.17
N PRO D 433 4.44 31.20 9.38
CA PRO D 433 4.11 31.41 7.95
C PRO D 433 3.86 30.12 7.18
N ARG D 434 4.65 29.08 7.41
CA ARG D 434 4.41 27.81 6.74
C ARG D 434 3.12 27.18 7.23
N ASN D 435 2.91 27.17 8.54
CA ASN D 435 1.66 26.67 9.10
C ASN D 435 0.49 27.54 8.67
N ALA D 436 0.70 28.86 8.56
CA ALA D 436 -0.35 29.75 8.10
C ALA D 436 -0.75 29.41 6.67
N LEU D 437 0.22 29.16 5.79
CA LEU D 437 -0.11 28.82 4.42
C LEU D 437 -0.79 27.46 4.35
N ARG D 438 -0.35 26.50 5.16
CA ARG D 438 -1.03 25.20 5.20
C ARG D 438 -2.48 25.36 5.64
N PHE D 439 -2.72 26.18 6.67
CA PHE D 439 -4.08 26.43 7.12
C PHE D 439 -4.91 27.11 6.03
N GLN D 440 -4.31 28.07 5.32
CA GLN D 440 -5.02 28.72 4.22
C GLN D 440 -5.40 27.73 3.14
N LEU D 441 -4.47 26.84 2.78
CA LEU D 441 -4.75 25.82 1.77
C LEU D 441 -5.89 24.92 2.22
N GLY D 442 -5.83 24.44 3.47
CA GLY D 442 -6.89 23.59 3.97
C GLY D 442 -8.24 24.29 4.01
N ARG D 443 -8.24 25.56 4.43
CA ARG D 443 -9.49 26.30 4.54
C ARG D 443 -10.11 26.53 3.16
N VAL D 444 -9.29 26.90 2.16
CA VAL D 444 -9.83 27.10 0.83
C VAL D 444 -10.31 25.79 0.23
N LEU D 445 -9.60 24.69 0.50
CA LEU D 445 -10.04 23.38 0.02
C LEU D 445 -11.39 23.00 0.63
N VAL D 446 -11.54 23.21 1.95
CA VAL D 446 -12.81 22.91 2.61
C VAL D 446 -13.92 23.79 2.05
N LEU D 447 -13.62 25.07 1.80
CA LEU D 447 -14.61 25.96 1.23
C LEU D 447 -15.05 25.47 -0.15
N TYR D 448 -14.10 25.06 -0.98
CA TYR D 448 -14.44 24.55 -2.31
C TYR D 448 -15.31 23.31 -2.21
N ILE D 449 -14.96 22.38 -1.32
CA ILE D 449 -15.75 21.15 -1.20
C ILE D 449 -17.15 21.45 -0.71
N LEU D 450 -17.27 22.31 0.31
CA LEU D 450 -18.58 22.66 0.85
C LEU D 450 -19.44 23.36 -0.19
N ASN D 451 -18.86 24.31 -0.93
CA ASN D 451 -19.61 24.98 -1.99
C ASN D 451 -20.03 23.99 -3.07
N TYR D 452 -19.15 23.06 -3.41
CA TYR D 452 -19.46 22.05 -4.41
C TYR D 452 -20.68 21.22 -4.01
N TYR D 453 -20.65 20.66 -2.81
CA TYR D 453 -21.73 19.78 -2.40
C TYR D 453 -23.01 20.57 -2.09
N THR D 454 -22.89 21.81 -1.60
CA THR D 454 -24.07 22.65 -1.42
C THR D 454 -24.70 22.98 -2.76
N LEU D 455 -23.87 23.22 -3.78
CA LEU D 455 -24.40 23.45 -5.13
C LEU D 455 -25.14 22.22 -5.63
N ILE D 456 -24.58 21.03 -5.40
CA ILE D 456 -25.25 19.80 -5.82
C ILE D 456 -26.60 19.66 -5.11
N TYR D 457 -26.61 19.92 -3.80
CA TYR D 457 -27.85 19.82 -3.03
C TYR D 457 -28.90 20.81 -3.52
N SER D 458 -28.48 22.05 -3.77
CA SER D 458 -29.41 23.06 -4.26
C SER D 458 -29.95 22.68 -5.63
N LEU D 459 -29.09 22.13 -6.50
CA LEU D 459 -29.54 21.70 -7.81
C LEU D 459 -30.57 20.59 -7.70
N MET D 460 -30.33 19.61 -6.82
CA MET D 460 -31.29 18.53 -6.69
C MET D 460 -32.61 19.03 -6.11
N LEU D 461 -32.55 19.97 -5.16
CA LEU D 461 -33.78 20.52 -4.60
C LEU D 461 -34.56 21.30 -5.64
N GLN D 462 -33.86 22.10 -6.45
CA GLN D 462 -34.54 22.84 -7.51
C GLN D 462 -35.15 21.92 -8.54
N LEU D 463 -34.44 20.85 -8.91
CA LEU D 463 -35.00 19.88 -9.84
C LEU D 463 -36.25 19.23 -9.27
N GLU D 464 -36.21 18.83 -8.00
CA GLU D 464 -37.38 18.20 -7.40
C GLU D 464 -38.56 19.16 -7.35
N HIS D 465 -38.30 20.43 -6.98
CA HIS D 465 -39.36 21.43 -6.93
C HIS D 465 -39.98 21.65 -8.30
N LEU D 466 -39.14 21.77 -9.32
CA LEU D 466 -39.65 22.01 -10.67
C LEU D 466 -40.43 20.81 -11.19
N GLN D 467 -39.94 19.60 -10.91
CA GLN D 467 -40.64 18.39 -11.36
C GLN D 467 -42.00 18.25 -10.67
N LYS D 468 -42.05 18.54 -9.37
CA LYS D 468 -43.32 18.49 -8.66
C LYS D 468 -44.26 19.59 -9.13
N GLU D 469 -43.71 20.75 -9.48
CA GLU D 469 -44.53 21.87 -9.94
C GLU D 469 -45.18 21.58 -11.29
N LYS D 470 -44.68 20.59 -12.03
CA LYS D 470 -45.26 20.26 -13.33
C LYS D 470 -46.73 19.89 -13.20
N ASN D 471 -47.09 19.15 -12.16
CA ASN D 471 -48.47 18.75 -11.93
C ASN D 471 -48.71 18.44 -10.46
N ARG D 583 -37.86 30.66 -19.08
CA ARG D 583 -39.04 30.32 -18.29
C ARG D 583 -39.38 28.84 -18.41
N ALA D 584 -40.47 28.43 -17.75
CA ALA D 584 -40.89 27.03 -17.80
C ALA D 584 -41.32 26.62 -19.20
N SER D 585 -41.91 27.54 -19.96
CA SER D 585 -42.34 27.22 -21.32
C SER D 585 -41.15 26.83 -22.19
N LEU D 586 -40.03 27.55 -22.06
CA LEU D 586 -38.84 27.21 -22.82
C LEU D 586 -38.15 25.98 -22.26
N ARG D 587 -38.23 25.78 -20.94
CA ARG D 587 -37.61 24.62 -20.32
C ARG D 587 -38.29 23.33 -20.77
N MET D 588 -39.62 23.34 -20.87
CA MET D 588 -40.39 22.16 -21.25
C MET D 588 -40.55 22.01 -22.76
N SER D 589 -39.64 22.60 -23.54
CA SER D 589 -39.79 22.58 -25.00
C SER D 589 -39.46 21.21 -25.57
N GLN D 590 -38.41 20.55 -25.06
CA GLN D 590 -37.97 19.29 -25.64
C GLN D 590 -38.76 18.10 -25.13
N GLY D 591 -40.08 18.16 -25.25
CA GLY D 591 -40.92 17.03 -24.92
C GLY D 591 -41.13 16.76 -23.45
N GLY D 592 -40.65 17.64 -22.58
CA GLY D 592 -40.82 17.45 -21.16
C GLY D 592 -39.69 18.10 -20.40
N LEU D 593 -39.64 17.82 -19.10
CA LEU D 593 -38.62 18.39 -18.21
C LEU D 593 -37.34 17.58 -18.36
N CYS D 594 -36.44 18.06 -19.21
CA CYS D 594 -35.15 17.42 -19.42
C CYS D 594 -34.18 17.92 -18.35
N TRP D 595 -34.25 17.29 -17.17
CA TRP D 595 -33.49 17.76 -16.03
C TRP D 595 -31.99 17.63 -16.26
N GLU D 596 -31.56 16.68 -17.10
CA GLU D 596 -30.15 16.57 -17.42
C GLU D 596 -29.66 17.82 -18.14
N THR D 597 -30.45 18.30 -19.11
CA THR D 597 -30.09 19.52 -19.82
C THR D 597 -30.09 20.71 -18.87
N ILE D 598 -31.03 20.76 -17.93
CA ILE D 598 -31.08 21.86 -16.98
C ILE D 598 -29.82 21.86 -16.10
N ILE D 599 -29.43 20.68 -15.61
CA ILE D 599 -28.22 20.59 -14.80
C ILE D 599 -27.00 21.01 -15.62
N GLY D 600 -26.93 20.56 -16.87
CA GLY D 600 -25.81 20.97 -17.72
C GLY D 600 -25.78 22.47 -17.95
N GLN D 601 -26.95 23.09 -18.13
CA GLN D 601 -27.01 24.53 -18.29
C GLN D 601 -26.55 25.25 -17.04
N GLU D 602 -26.94 24.76 -15.87
CA GLU D 602 -26.48 25.38 -14.63
C GLU D 602 -24.97 25.27 -14.48
N ILE D 603 -24.40 24.12 -14.85
CA ILE D 603 -22.95 23.94 -14.75
C ILE D 603 -22.24 24.85 -15.74
N THR D 604 -22.79 25.00 -16.94
CA THR D 604 -22.20 25.92 -17.92
C THR D 604 -22.29 27.36 -17.44
N LYS D 605 -23.40 27.73 -16.82
CA LYS D 605 -23.50 29.04 -16.18
C LYS D 605 -22.39 29.22 -15.16
N LEU D 606 -22.18 28.20 -14.33
CA LEU D 606 -21.13 28.27 -13.32
C LEU D 606 -19.76 28.49 -13.96
N VAL D 607 -19.46 27.75 -15.03
CA VAL D 607 -18.15 27.84 -15.65
C VAL D 607 -17.95 29.22 -16.27
N THR D 608 -18.93 29.69 -17.03
CA THR D 608 -18.80 30.97 -17.71
C THR D 608 -18.74 32.12 -16.71
N MET D 609 -19.57 32.07 -15.66
CA MET D 609 -19.52 33.11 -14.65
C MET D 609 -18.22 33.07 -13.87
N ASP D 610 -17.67 31.87 -13.64
CA ASP D 610 -16.37 31.78 -12.99
C ASP D 610 -15.30 32.44 -13.85
N LEU D 611 -15.33 32.20 -15.16
CA LEU D 611 -14.37 32.85 -16.05
C LEU D 611 -14.53 34.36 -16.01
N TYR D 612 -15.75 34.86 -16.13
CA TYR D 612 -15.99 36.30 -16.15
C TYR D 612 -15.56 36.94 -14.83
N MET D 613 -15.94 36.33 -13.71
CA MET D 613 -15.57 36.88 -12.41
C MET D 613 -14.08 36.80 -12.15
N THR D 614 -13.41 35.76 -12.66
CA THR D 614 -11.96 35.69 -12.53
C THR D 614 -11.30 36.81 -13.32
N VAL D 615 -11.78 37.08 -14.54
CA VAL D 615 -11.25 38.18 -15.33
C VAL D 615 -11.45 39.50 -14.60
N ALA D 616 -12.66 39.70 -14.06
CA ALA D 616 -12.95 40.95 -13.34
C ALA D 616 -12.07 41.08 -12.10
N SER D 617 -11.87 39.99 -11.36
CA SER D 617 -11.04 40.04 -10.17
C SER D 617 -9.59 40.35 -10.51
N ILE D 618 -9.07 39.73 -11.58
CA ILE D 618 -7.71 40.03 -12.00
C ILE D 618 -7.58 41.48 -12.41
N PHE D 619 -8.58 42.01 -13.12
CA PHE D 619 -8.55 43.41 -13.52
C PHE D 619 -8.67 44.34 -12.32
N LEU D 620 -9.32 43.90 -11.24
CA LEU D 620 -9.61 44.77 -10.10
C LEU D 620 -8.48 44.76 -9.07
N ILE D 621 -8.18 43.59 -8.50
CA ILE D 621 -7.25 43.53 -7.37
C ILE D 621 -5.79 43.43 -7.80
N ASP D 622 -5.52 43.36 -9.10
CA ASP D 622 -4.14 43.35 -9.60
C ASP D 622 -3.82 44.57 -10.45
N PHE D 623 -4.63 44.86 -11.46
CA PHE D 623 -4.35 45.98 -12.35
C PHE D 623 -4.74 47.30 -11.70
N LEU D 624 -6.03 47.43 -11.34
CA LEU D 624 -6.49 48.67 -10.73
C LEU D 624 -5.83 48.90 -9.37
N ARG D 625 -5.63 47.83 -8.59
CA ARG D 625 -4.92 47.97 -7.34
C ARG D 625 -3.49 48.43 -7.57
N GLY D 626 -2.82 47.89 -8.59
CA GLY D 626 -1.48 48.32 -8.90
C GLY D 626 -1.42 49.79 -9.27
N LEU D 627 -2.35 50.22 -10.12
CA LEU D 627 -2.38 51.64 -10.50
C LEU D 627 -2.65 52.53 -9.30
N ALA D 628 -3.58 52.14 -8.44
CA ALA D 628 -3.90 52.94 -7.26
C ALA D 628 -2.71 53.03 -6.32
N CYS D 629 -2.00 51.91 -6.12
CA CYS D 629 -0.83 51.93 -5.26
C CYS D 629 0.33 52.72 -5.88
N ARG D 630 0.42 52.77 -7.20
CA ARG D 630 1.52 53.46 -7.85
C ARG D 630 1.30 54.98 -7.89
N TYR D 631 0.11 55.40 -8.32
CA TYR D 631 -0.12 56.81 -8.59
C TYR D 631 -0.78 57.56 -7.44
N LEU D 632 -1.56 56.88 -6.60
CA LEU D 632 -2.22 57.52 -5.48
C LEU D 632 -1.41 57.43 -4.18
N ASN D 633 -0.19 56.89 -4.24
CA ASN D 633 0.59 56.70 -3.03
C ASN D 633 0.94 58.04 -2.37
N LEU D 634 1.31 59.04 -3.17
CA LEU D 634 1.72 60.33 -2.62
C LEU D 634 0.56 61.13 -2.04
N TYR D 635 -0.68 60.80 -2.39
CA TYR D 635 -1.83 61.50 -1.85
C TYR D 635 -2.44 60.81 -0.63
N TRP D 636 -2.18 59.51 -0.46
CA TRP D 636 -2.86 58.76 0.57
C TRP D 636 -2.33 59.12 1.96
N PRO D 637 -3.19 59.06 2.98
CA PRO D 637 -2.72 59.29 4.35
C PRO D 637 -1.64 58.32 4.80
N TRP D 638 -1.69 57.06 4.35
CA TRP D 638 -0.68 56.08 4.69
C TRP D 638 -0.11 55.48 3.42
N ASP D 639 1.09 54.90 3.53
CA ASP D 639 1.77 54.36 2.37
C ASP D 639 1.01 53.16 1.82
N LEU D 640 0.63 53.24 0.55
CA LEU D 640 -0.12 52.16 -0.09
C LEU D 640 0.77 51.10 -0.72
N GLU D 641 2.09 51.22 -0.57
CA GLU D 641 3.01 50.24 -1.16
C GLU D 641 3.82 49.49 -0.12
N ARG D 642 4.08 50.08 1.04
CA ARG D 642 4.72 49.37 2.14
C ARG D 642 3.73 48.88 3.19
N THR D 643 2.55 49.47 3.26
CA THR D 643 1.48 49.05 4.14
C THR D 643 0.32 48.51 3.31
N PHE D 644 -0.76 48.15 3.99
CA PHE D 644 -1.90 47.57 3.30
C PHE D 644 -2.54 48.60 2.37
N PRO D 645 -2.84 48.23 1.11
CA PRO D 645 -2.51 46.97 0.46
C PRO D 645 -1.28 47.09 -0.42
N GLU D 646 -0.26 46.26 -0.22
CA GLU D 646 0.94 46.36 -1.02
C GLU D 646 0.66 45.88 -2.44
N TYR D 647 1.70 45.90 -3.28
CA TYR D 647 1.55 45.44 -4.65
C TYR D 647 1.18 43.96 -4.67
N GLY D 648 0.39 43.57 -5.66
CA GLY D 648 -0.11 42.22 -5.72
C GLY D 648 0.99 41.19 -5.84
N GLU D 649 0.75 40.02 -5.27
CA GLU D 649 1.67 38.90 -5.35
C GLU D 649 0.93 37.70 -5.91
N PHE D 650 1.59 36.98 -6.81
CA PHE D 650 0.95 35.84 -7.46
C PHE D 650 0.76 34.71 -6.45
N LYS D 651 -0.49 34.41 -6.13
CA LYS D 651 -0.82 33.38 -5.17
C LYS D 651 -0.90 32.05 -5.91
N VAL D 652 0.22 31.33 -5.94
CA VAL D 652 0.31 30.11 -6.74
C VAL D 652 -0.68 29.06 -6.23
N ALA D 653 -0.73 28.86 -4.92
CA ALA D 653 -1.57 27.82 -4.35
C ALA D 653 -3.05 28.09 -4.60
N GLU D 654 -3.48 29.34 -4.40
CA GLU D 654 -4.88 29.68 -4.63
C GLU D 654 -5.26 29.55 -6.09
N ASN D 655 -4.36 29.95 -6.99
CA ASN D 655 -4.64 29.79 -8.42
C ASN D 655 -4.73 28.31 -8.80
N VAL D 656 -3.86 27.48 -8.23
CA VAL D 656 -3.93 26.04 -8.49
C VAL D 656 -5.26 25.48 -7.98
N LEU D 657 -5.67 25.91 -6.78
CA LEU D 657 -6.95 25.45 -6.24
C LEU D 657 -8.11 25.87 -7.13
N HIS D 658 -8.08 27.10 -7.64
CA HIS D 658 -9.13 27.55 -8.54
C HIS D 658 -9.15 26.74 -9.82
N LEU D 659 -7.97 26.46 -10.38
CA LEU D 659 -7.90 25.66 -11.61
C LEU D 659 -8.44 24.25 -11.37
N VAL D 660 -8.09 23.65 -10.24
CA VAL D 660 -8.57 22.30 -9.94
C VAL D 660 -10.07 22.31 -9.70
N ASN D 661 -10.59 23.38 -9.07
CA ASN D 661 -12.03 23.51 -8.91
C ASN D 661 -12.73 23.59 -10.27
N ASN D 662 -12.17 24.36 -11.19
CA ASN D 662 -12.75 24.43 -12.54
C ASN D 662 -12.72 23.07 -13.21
N GLN D 663 -11.60 22.36 -13.11
CA GLN D 663 -11.51 21.04 -13.74
C GLN D 663 -12.49 20.06 -13.11
N GLY D 664 -12.69 20.16 -11.79
CA GLY D 664 -13.68 19.31 -11.14
C GLY D 664 -15.09 19.62 -11.60
N MET D 665 -15.40 20.90 -11.78
CA MET D 665 -16.72 21.26 -12.32
C MET D 665 -16.89 20.70 -13.73
N ILE D 666 -15.82 20.73 -14.53
CA ILE D 666 -15.88 20.13 -15.87
C ILE D 666 -16.16 18.64 -15.75
N TRP D 667 -15.49 17.97 -14.81
CA TRP D 667 -15.69 16.54 -14.60
C TRP D 667 -17.12 16.23 -14.21
N LEU D 668 -17.70 17.03 -13.31
CA LEU D 668 -19.08 16.80 -12.90
C LEU D 668 -20.04 17.05 -14.05
N GLY D 669 -19.83 18.12 -14.82
CA GLY D 669 -20.72 18.48 -15.88
C GLY D 669 -20.49 17.81 -17.20
N LEU D 670 -19.48 16.94 -17.27
CA LEU D 670 -19.11 16.31 -18.54
C LEU D 670 -20.21 15.38 -19.04
N PHE D 671 -20.90 14.68 -18.14
CA PHE D 671 -21.94 13.76 -18.57
C PHE D 671 -23.09 14.52 -19.25
N PHE D 672 -23.50 15.64 -18.68
CA PHE D 672 -24.60 16.41 -19.24
C PHE D 672 -24.16 17.37 -20.33
N VAL D 673 -22.90 17.80 -20.33
CA VAL D 673 -22.39 18.72 -21.34
C VAL D 673 -21.24 18.04 -22.08
N PRO D 674 -21.53 17.37 -23.19
CA PRO D 674 -20.44 16.70 -23.93
C PRO D 674 -19.35 17.64 -24.41
N LEU D 675 -19.72 18.85 -24.81
CA LEU D 675 -18.75 19.83 -25.29
C LEU D 675 -18.22 20.72 -24.18
N LEU D 676 -18.46 20.37 -22.92
CA LEU D 676 -17.95 21.15 -21.81
C LEU D 676 -16.43 21.31 -21.83
N PRO D 677 -15.62 20.26 -22.03
CA PRO D 677 -14.17 20.48 -22.10
C PRO D 677 -13.77 21.43 -23.22
N MET D 678 -14.41 21.34 -24.38
CA MET D 678 -14.05 22.19 -25.51
C MET D 678 -14.16 23.65 -25.12
N LEU D 679 -15.32 24.07 -24.63
CA LEU D 679 -15.45 25.42 -24.09
C LEU D 679 -14.42 25.65 -22.99
N ASN D 680 -14.27 24.69 -22.08
CA ASN D 680 -13.26 24.80 -21.05
C ASN D 680 -11.88 25.07 -21.64
N ASN D 681 -11.56 24.42 -22.77
CA ASN D 681 -10.29 24.66 -23.43
C ASN D 681 -10.10 26.15 -23.66
N ILE D 682 -11.10 26.79 -24.29
CA ILE D 682 -11.00 28.23 -24.53
C ILE D 682 -10.76 28.94 -23.21
N LYS D 683 -11.58 28.63 -22.20
CA LYS D 683 -11.41 29.25 -20.89
C LYS D 683 -9.98 29.09 -20.42
N LEU D 684 -9.47 27.86 -20.43
CA LEU D 684 -8.10 27.62 -19.99
C LEU D 684 -7.15 28.54 -20.73
N ILE D 685 -7.23 28.54 -22.06
CA ILE D 685 -6.32 29.35 -22.84
C ILE D 685 -6.41 30.80 -22.39
N ILE D 686 -7.63 31.32 -22.32
CA ILE D 686 -7.81 32.71 -21.93
C ILE D 686 -7.18 32.92 -20.56
N LEU D 687 -7.55 32.06 -19.59
CA LEU D 687 -7.02 32.21 -18.25
C LEU D 687 -5.50 32.28 -18.30
N MET D 688 -4.88 31.32 -19.01
CA MET D 688 -3.43 31.29 -19.11
C MET D 688 -2.91 32.67 -19.46
N TYR D 689 -3.33 33.18 -20.63
CA TYR D 689 -2.81 34.47 -21.07
C TYR D 689 -3.04 35.52 -20.00
N ILE D 690 -4.28 35.63 -19.52
CA ILE D 690 -4.60 36.68 -18.56
C ILE D 690 -3.70 36.54 -17.34
N ARG D 691 -3.60 35.32 -16.80
CA ARG D 691 -2.76 35.13 -15.63
C ARG D 691 -1.34 35.60 -15.92
N GLY D 692 -0.77 35.13 -17.03
CA GLY D 692 0.57 35.55 -17.38
C GLY D 692 0.65 37.06 -17.47
N TRP D 693 -0.32 37.66 -18.16
CA TRP D 693 -0.32 39.12 -18.28
C TRP D 693 -0.27 39.76 -16.91
N ALA D 694 -1.16 39.33 -16.01
CA ALA D 694 -1.16 39.88 -14.66
C ALA D 694 0.21 39.74 -14.03
N ALA D 695 0.77 38.53 -14.09
CA ALA D 695 2.06 38.29 -13.46
C ALA D 695 3.12 39.24 -13.99
N MET D 696 3.07 39.55 -15.28
CA MET D 696 4.12 40.38 -15.85
C MET D 696 3.86 41.86 -15.61
N THR D 697 2.60 42.23 -15.36
CA THR D 697 2.23 43.64 -15.38
C THR D 697 1.75 44.17 -14.04
N CYS D 698 1.37 43.30 -13.11
CA CYS D 698 0.73 43.77 -11.89
C CYS D 698 1.36 43.20 -10.63
N ASN D 699 2.00 42.04 -10.75
CA ASN D 699 2.44 41.31 -9.57
C ASN D 699 3.91 41.58 -9.26
N VAL D 700 4.23 41.53 -7.97
CA VAL D 700 5.59 41.70 -7.46
C VAL D 700 6.06 40.35 -6.91
N PRO D 701 7.30 39.95 -7.17
CA PRO D 701 7.79 38.68 -6.60
C PRO D 701 7.70 38.66 -5.09
N ALA D 702 7.31 37.51 -4.55
CA ALA D 702 7.15 37.39 -3.11
C ALA D 702 8.49 37.51 -2.40
N SER D 703 8.46 38.09 -1.20
CA SER D 703 9.69 38.22 -0.41
C SER D 703 10.25 36.85 -0.05
N GLN D 704 9.39 35.92 0.35
CA GLN D 704 9.79 34.55 0.62
C GLN D 704 8.73 33.61 0.07
N ILE D 705 9.14 32.37 -0.19
CA ILE D 705 8.24 31.33 -0.71
C ILE D 705 8.29 30.19 0.30
N PHE D 706 7.36 30.20 1.25
CA PHE D 706 7.20 29.10 2.20
C PHE D 706 6.21 28.11 1.63
N ARG D 707 6.69 27.31 0.67
CA ARG D 707 5.82 26.37 -0.02
C ARG D 707 5.19 25.39 0.97
N ALA D 708 3.88 25.23 0.87
CA ALA D 708 3.15 24.42 1.84
C ALA D 708 3.56 22.95 1.77
N SER D 709 3.73 22.43 0.56
CA SER D 709 4.03 21.01 0.35
C SER D 709 5.45 20.87 -0.18
N ARG D 710 6.24 20.03 0.48
CA ARG D 710 7.60 19.75 -0.01
C ARG D 710 7.55 18.95 -1.29
N SER D 711 6.60 18.03 -1.41
CA SER D 711 6.51 17.17 -2.59
C SER D 711 6.07 17.98 -3.80
N SER D 712 6.44 17.48 -4.98
CA SER D 712 6.08 18.12 -6.25
C SER D 712 4.80 17.55 -6.85
N ASN D 713 4.18 16.58 -6.20
CA ASN D 713 2.94 15.97 -6.69
C ASN D 713 1.71 16.48 -5.97
N PHE D 714 1.84 17.55 -5.16
CA PHE D 714 0.73 18.03 -4.37
C PHE D 714 -0.42 18.51 -5.25
N PHE D 715 -0.09 19.21 -6.34
CA PHE D 715 -1.14 19.68 -7.25
C PHE D 715 -1.90 18.51 -7.86
N PHE D 716 -1.18 17.46 -8.26
CA PHE D 716 -1.84 16.28 -8.80
C PHE D 716 -2.61 15.54 -7.72
N ALA D 717 -2.15 15.59 -6.47
CA ALA D 717 -2.91 15.01 -5.37
C ALA D 717 -4.25 15.72 -5.20
N LEU D 718 -4.23 17.06 -5.25
CA LEU D 718 -5.47 17.82 -5.18
C LEU D 718 -6.37 17.50 -6.37
N LEU D 719 -5.77 17.33 -7.55
CA LEU D 719 -6.55 16.97 -8.73
C LEU D 719 -7.21 15.62 -8.56
N ILE D 720 -6.50 14.65 -7.99
CA ILE D 720 -7.07 13.34 -7.70
C ILE D 720 -8.22 13.46 -6.71
N LEU D 721 -8.03 14.25 -5.65
CA LEU D 721 -9.07 14.41 -4.64
C LEU D 721 -10.33 14.99 -5.26
N PHE D 722 -10.18 16.03 -6.08
CA PHE D 722 -11.33 16.62 -6.73
C PHE D 722 -11.96 15.66 -7.73
N LEU D 723 -11.13 14.87 -8.43
CA LEU D 723 -11.67 13.90 -9.38
C LEU D 723 -12.55 12.88 -8.66
N PHE D 724 -12.11 12.41 -7.50
CA PHE D 724 -12.94 11.48 -6.73
C PHE D 724 -14.22 12.15 -6.25
N LEU D 725 -14.09 13.37 -5.70
CA LEU D 725 -15.25 14.06 -5.16
C LEU D 725 -16.25 14.43 -6.26
N CYS D 726 -15.81 14.47 -7.51
CA CYS D 726 -16.71 14.76 -8.61
C CYS D 726 -17.24 13.49 -9.28
N THR D 727 -16.49 12.40 -9.24
CA THR D 727 -16.99 11.15 -9.82
C THR D 727 -17.97 10.46 -8.89
N LEU D 728 -17.95 10.78 -7.59
CA LEU D 728 -18.96 10.21 -6.69
C LEU D 728 -20.38 10.64 -7.04
N PRO D 729 -20.70 11.94 -7.17
CA PRO D 729 -22.10 12.31 -7.43
C PRO D 729 -22.61 11.83 -8.78
N VAL D 730 -21.78 11.86 -9.82
CA VAL D 730 -22.24 11.41 -11.13
C VAL D 730 -22.49 9.91 -11.12
N GLY D 731 -21.65 9.16 -10.41
CA GLY D 731 -21.92 7.73 -10.26
C GLY D 731 -23.21 7.47 -9.52
N PHE D 732 -23.47 8.23 -8.45
CA PHE D 732 -24.73 8.08 -7.73
C PHE D 732 -25.92 8.40 -8.64
N VAL D 733 -25.80 9.46 -9.45
CA VAL D 733 -26.89 9.83 -10.35
C VAL D 733 -27.13 8.73 -11.38
N ILE D 734 -26.05 8.17 -11.94
CA ILE D 734 -26.20 7.10 -12.92
C ILE D 734 -26.88 5.89 -12.29
N ALA D 735 -26.47 5.53 -11.07
CA ALA D 735 -26.99 4.32 -10.44
C ALA D 735 -28.35 4.50 -9.80
N SER D 736 -28.82 5.74 -9.60
CA SER D 736 -30.06 5.94 -8.85
C SER D 736 -31.12 6.73 -9.62
N LYS D 737 -30.70 7.77 -10.33
CA LYS D 737 -31.62 8.69 -10.99
C LYS D 737 -32.14 8.07 -12.28
N THR D 738 -33.42 8.31 -12.56
CA THR D 738 -33.99 7.85 -13.82
C THR D 738 -33.93 8.96 -14.87
N PRO D 739 -33.54 8.63 -16.10
CA PRO D 739 -33.40 9.67 -17.13
C PRO D 739 -34.75 10.24 -17.54
N SER D 740 -34.67 11.43 -18.16
CA SER D 740 -35.87 12.08 -18.66
C SER D 740 -36.57 11.19 -19.68
N LYS D 741 -37.90 11.16 -19.62
CA LYS D 741 -38.66 10.18 -20.39
C LYS D 741 -38.51 10.37 -21.90
N SER D 742 -38.48 11.62 -22.35
CA SER D 742 -38.50 11.92 -23.79
C SER D 742 -37.39 12.90 -24.14
N CYS D 743 -36.18 12.63 -23.66
CA CYS D 743 -35.07 13.55 -23.88
C CYS D 743 -33.75 12.80 -23.69
N GLY D 744 -32.81 13.00 -24.62
CA GLY D 744 -31.46 12.54 -24.45
C GLY D 744 -31.16 11.21 -25.10
N PRO D 745 -29.90 10.78 -25.02
CA PRO D 745 -29.50 9.49 -25.61
C PRO D 745 -30.14 8.29 -24.94
N PHE D 746 -30.69 8.44 -23.75
CA PHE D 746 -31.32 7.34 -23.03
C PHE D 746 -32.83 7.42 -23.00
N GLY D 747 -33.39 8.56 -22.61
CA GLY D 747 -34.82 8.78 -22.80
C GLY D 747 -35.68 7.82 -21.99
N ASN D 748 -36.51 7.08 -22.72
CA ASN D 748 -37.59 6.26 -22.16
C ASN D 748 -37.10 5.23 -21.14
N GLN D 749 -35.83 4.82 -21.27
CA GLN D 749 -35.33 3.68 -20.50
C GLN D 749 -35.34 3.97 -19.01
N SER D 750 -35.50 2.90 -18.23
CA SER D 750 -35.65 2.99 -16.78
C SER D 750 -34.43 3.61 -16.11
N PHE D 751 -33.27 2.99 -16.27
CA PHE D 751 -32.04 3.48 -15.67
C PHE D 751 -31.10 4.00 -16.73
N PHE D 752 -30.04 4.68 -16.27
CA PHE D 752 -29.02 5.19 -17.18
C PHE D 752 -28.16 4.07 -17.76
N TYR D 753 -27.88 3.02 -16.99
CA TYR D 753 -27.03 1.91 -17.41
C TYR D 753 -27.84 0.83 -18.13
N SER D 754 -29.15 1.02 -18.24
CA SER D 754 -30.03 -0.01 -18.80
C SER D 754 -29.76 -0.27 -20.28
N VAL D 755 -29.15 0.67 -21.00
CA VAL D 755 -28.85 0.43 -22.40
C VAL D 755 -27.82 -0.68 -22.58
N ILE D 756 -26.71 -0.61 -21.84
CA ILE D 756 -25.69 -1.65 -21.94
C ILE D 756 -26.18 -2.96 -21.35
N THR D 757 -27.03 -2.90 -20.31
CA THR D 757 -27.63 -4.12 -19.78
C THR D 757 -28.51 -4.79 -20.83
N ASP D 758 -29.30 -4.01 -21.56
CA ASP D 758 -30.11 -4.57 -22.63
C ASP D 758 -29.23 -5.16 -23.73
N VAL D 759 -28.15 -4.45 -24.08
CA VAL D 759 -27.24 -4.95 -25.11
C VAL D 759 -26.66 -6.30 -24.70
N LEU D 760 -26.17 -6.39 -23.46
CA LEU D 760 -25.59 -7.64 -22.98
C LEU D 760 -26.63 -8.76 -22.91
N HIS D 761 -27.83 -8.44 -22.44
CA HIS D 761 -28.88 -9.44 -22.32
C HIS D 761 -29.29 -9.98 -23.69
N GLU D 762 -29.38 -9.09 -24.69
CA GLU D 762 -29.80 -9.53 -26.02
C GLU D 762 -28.69 -10.25 -26.76
N ASN D 763 -27.43 -9.85 -26.54
CA ASN D 763 -26.32 -10.40 -27.30
C ASN D 763 -25.57 -11.51 -26.58
N LEU D 764 -26.01 -11.89 -25.38
CA LEU D 764 -25.38 -12.97 -24.64
C LEU D 764 -26.46 -13.84 -24.02
N ASP D 765 -26.09 -15.08 -23.71
CA ASP D 765 -27.03 -16.03 -23.14
C ASP D 765 -27.44 -15.59 -21.73
N LYS D 766 -28.58 -16.10 -21.28
CA LYS D 766 -29.20 -15.63 -20.04
C LYS D 766 -28.32 -15.92 -18.83
N THR D 767 -27.65 -17.09 -18.83
CA THR D 767 -26.86 -17.48 -17.67
C THR D 767 -25.71 -16.52 -17.42
N LEU D 768 -25.05 -16.03 -18.49
CA LEU D 768 -23.96 -15.09 -18.31
C LEU D 768 -24.44 -13.79 -17.68
N VAL D 769 -25.58 -13.27 -18.14
CA VAL D 769 -26.12 -12.04 -17.58
C VAL D 769 -26.56 -12.25 -16.13
N ASN D 770 -27.12 -13.43 -15.85
CA ASN D 770 -27.49 -13.74 -14.47
C ASN D 770 -26.25 -13.77 -13.57
N GLY D 771 -25.16 -14.35 -14.06
CA GLY D 771 -23.93 -14.34 -13.29
C GLY D 771 -23.38 -12.95 -13.08
N ILE D 772 -23.48 -12.10 -14.11
CA ILE D 772 -23.04 -10.71 -14.00
C ILE D 772 -23.85 -10.00 -12.92
N LYS D 773 -25.17 -10.18 -12.93
CA LYS D 773 -26.02 -9.57 -11.91
C LYS D 773 -25.71 -10.11 -10.52
N TYR D 774 -25.44 -11.41 -10.40
CA TYR D 774 -25.05 -11.98 -9.11
C TYR D 774 -23.74 -11.38 -8.61
N SER D 775 -22.76 -11.21 -9.49
CA SER D 775 -21.48 -10.63 -9.11
C SER D 775 -21.55 -9.13 -8.89
N LEU D 776 -22.60 -8.46 -9.36
CA LEU D 776 -22.79 -7.03 -9.16
C LEU D 776 -23.74 -6.77 -7.99
N SER D 777 -23.70 -7.61 -6.98
CA SER D 777 -24.52 -7.50 -5.79
C SER D 777 -23.73 -6.87 -4.66
N PRO D 778 -24.41 -6.15 -3.75
CA PRO D 778 -23.68 -5.53 -2.63
C PRO D 778 -23.03 -6.54 -1.70
N GLY D 779 -23.48 -7.79 -1.69
CA GLY D 779 -22.91 -8.79 -0.81
C GLY D 779 -21.50 -9.22 -1.18
N ILE D 780 -21.05 -8.89 -2.39
CA ILE D 780 -19.71 -9.27 -2.84
C ILE D 780 -18.69 -8.15 -2.64
N ILE D 781 -19.12 -6.90 -2.50
CA ILE D 781 -18.22 -5.76 -2.43
C ILE D 781 -17.90 -5.37 -0.99
N ILE D 782 -18.88 -5.50 -0.09
CA ILE D 782 -18.74 -5.09 1.30
C ILE D 782 -17.60 -5.83 2.01
N PRO D 783 -17.48 -7.16 1.90
CA PRO D 783 -16.33 -7.82 2.55
C PRO D 783 -14.99 -7.31 2.04
N VAL D 784 -14.89 -7.00 0.75
CA VAL D 784 -13.66 -6.44 0.20
C VAL D 784 -13.36 -5.09 0.85
N LEU D 785 -14.39 -4.27 1.02
CA LEU D 785 -14.21 -2.96 1.64
C LEU D 785 -13.75 -3.11 3.09
N VAL D 786 -14.34 -4.05 3.82
CA VAL D 786 -13.95 -4.26 5.22
C VAL D 786 -12.51 -4.73 5.29
N LEU D 787 -12.13 -5.67 4.43
CA LEU D 787 -10.76 -6.17 4.41
C LEU D 787 -9.79 -5.04 4.09
N LEU D 788 -10.14 -4.20 3.11
CA LEU D 788 -9.28 -3.08 2.75
C LEU D 788 -9.13 -2.11 3.91
N SER D 789 -10.22 -1.82 4.61
CA SER D 789 -10.15 -0.91 5.76
C SER D 789 -9.24 -1.47 6.85
N LEU D 790 -9.38 -2.77 7.15
CA LEU D 790 -8.56 -3.34 8.20
C LEU D 790 -7.09 -3.41 7.80
N VAL D 791 -6.80 -3.75 6.54
CA VAL D 791 -5.41 -3.84 6.12
C VAL D 791 -4.77 -2.47 6.07
N ILE D 792 -5.53 -1.43 5.70
CA ILE D 792 -4.94 -0.10 5.72
C ILE D 792 -4.75 0.38 7.16
N TYR D 793 -5.62 -0.03 8.08
CA TYR D 793 -5.36 0.27 9.49
C TYR D 793 -4.07 -0.38 9.97
N PHE D 794 -3.86 -1.65 9.62
CA PHE D 794 -2.63 -2.33 9.98
C PHE D 794 -1.41 -1.69 9.35
N LEU D 795 -1.51 -1.30 8.08
CA LEU D 795 -0.41 -0.61 7.41
C LEU D 795 -0.12 0.74 8.04
N ILE D 796 -1.15 1.46 8.46
CA ILE D 796 -0.95 2.73 9.16
C ILE D 796 -0.21 2.49 10.48
N ALA D 797 -0.59 1.46 11.23
CA ALA D 797 0.14 1.14 12.45
C ALA D 797 1.59 0.81 12.16
N MET D 798 1.84 0.00 11.12
CA MET D 798 3.20 -0.39 10.77
C MET D 798 4.04 0.81 10.36
N VAL D 799 3.47 1.70 9.55
CA VAL D 799 4.22 2.87 9.11
C VAL D 799 4.43 3.85 10.25
N THR D 800 3.49 3.93 11.20
CA THR D 800 3.71 4.74 12.39
C THR D 800 4.88 4.19 13.21
N GLY D 801 4.93 2.87 13.37
CA GLY D 801 6.06 2.27 14.06
C GLY D 801 7.38 2.52 13.34
N LEU D 802 7.38 2.40 12.01
CA LEU D 802 8.60 2.64 11.24
C LEU D 802 9.05 4.09 11.37
N SER D 803 8.11 5.03 11.31
CA SER D 803 8.45 6.44 11.46
C SER D 803 8.98 6.74 12.86
N GLN D 804 8.39 6.12 13.89
CA GLN D 804 8.90 6.30 15.25
C GLN D 804 10.32 5.75 15.38
N ALA D 805 10.58 4.59 14.77
CA ALA D 805 11.92 4.02 14.80
C ALA D 805 12.92 4.94 14.09
N ASN D 806 12.52 5.50 12.94
CA ASN D 806 13.40 6.42 12.23
C ASN D 806 13.67 7.68 13.04
N GLN D 807 12.65 8.22 13.70
CA GLN D 807 12.83 9.39 14.54
C GLN D 807 13.77 9.09 15.70
N ASP D 808 13.61 7.93 16.33
CA ASP D 808 14.49 7.56 17.43
C ASP D 808 15.92 7.40 16.96
N LEU D 809 16.12 6.78 15.79
CA LEU D 809 17.46 6.61 15.25
C LEU D 809 18.10 7.95 14.94
N SER D 810 17.32 8.88 14.37
CA SER D 810 17.83 10.21 14.09
C SER D 810 18.21 10.94 15.37
N PHE D 811 17.39 10.80 16.40
CA PHE D 811 17.67 11.45 17.68
C PHE D 811 18.94 10.88 18.31
N GLN D 812 19.11 9.56 18.22
CA GLN D 812 20.29 8.92 18.83
C GLN D 812 21.58 9.41 18.19
N LEU D 813 21.61 9.46 16.86
CA LEU D 813 22.78 9.90 16.11
C LEU D 813 24.04 9.11 16.49
N SER E 15 13.27 21.35 -40.04
CA SER E 15 13.15 22.66 -40.69
C SER E 15 14.26 22.87 -41.71
N LYS E 16 14.63 24.13 -41.91
CA LYS E 16 15.69 24.46 -42.86
C LYS E 16 17.02 23.87 -42.42
N GLY E 17 17.55 24.31 -41.28
CA GLY E 17 18.79 23.78 -40.77
C GLY E 17 19.98 23.99 -41.67
N GLY E 18 20.11 25.18 -42.26
CA GLY E 18 21.23 25.46 -43.14
C GLY E 18 22.54 25.71 -42.43
N VAL E 19 22.50 26.09 -41.15
CA VAL E 19 23.74 26.40 -40.44
C VAL E 19 24.54 25.13 -40.16
N PHE E 20 23.86 24.04 -39.77
CA PHE E 20 24.52 22.79 -39.43
C PHE E 20 24.12 21.72 -40.43
N THR E 21 25.07 20.84 -40.76
CA THR E 21 24.75 19.68 -41.57
C THR E 21 23.89 18.71 -40.77
N ARG E 22 23.17 17.84 -41.49
CA ARG E 22 22.35 16.83 -40.83
C ARG E 22 23.21 15.95 -39.93
N GLU E 23 24.46 15.69 -40.34
CA GLU E 23 25.36 14.89 -39.53
C GLU E 23 25.64 15.57 -38.19
N GLN E 24 25.92 16.87 -38.22
CA GLN E 24 26.22 17.60 -36.99
C GLN E 24 25.02 17.62 -36.05
N LEU E 25 23.83 17.88 -36.59
CA LEU E 25 22.63 17.90 -35.76
C LEU E 25 22.33 16.53 -35.19
N ASP E 26 22.52 15.48 -35.99
CA ASP E 26 22.30 14.12 -35.49
C ASP E 26 23.29 13.79 -34.37
N GLU E 27 24.55 14.16 -34.54
CA GLU E 27 25.54 13.91 -33.50
C GLU E 27 25.19 14.67 -32.22
N TYR E 28 24.77 15.93 -32.35
CA TYR E 28 24.40 16.70 -31.18
C TYR E 28 23.19 16.12 -30.47
N GLN E 29 22.19 15.67 -31.25
CA GLN E 29 21.02 15.04 -30.64
C GLN E 29 21.39 13.75 -29.93
N ASP E 30 22.28 12.95 -30.53
CA ASP E 30 22.67 11.70 -29.90
C ASP E 30 23.58 11.92 -28.71
N CYS E 31 24.24 13.07 -28.63
CA CYS E 31 25.18 13.36 -27.56
C CYS E 31 24.64 14.36 -26.54
N THR E 32 23.48 14.97 -26.78
CA THR E 32 22.89 15.90 -25.84
C THR E 32 21.40 15.60 -25.71
N PHE E 33 20.71 16.41 -24.92
CA PHE E 33 19.28 16.27 -24.70
C PHE E 33 18.45 17.17 -25.60
N PHE E 34 19.08 17.91 -26.50
CA PHE E 34 18.39 18.89 -27.32
C PHE E 34 17.89 18.26 -28.62
N THR E 35 16.76 18.78 -29.11
CA THR E 35 16.26 18.45 -30.43
C THR E 35 16.88 19.41 -31.45
N ARG E 36 16.47 19.28 -32.71
CA ARG E 36 16.96 20.19 -33.74
C ARG E 36 16.57 21.63 -33.44
N LYS E 37 15.32 21.85 -33.05
CA LYS E 37 14.84 23.19 -32.77
C LYS E 37 15.61 23.82 -31.62
N ASP E 38 15.86 23.06 -30.56
CA ASP E 38 16.60 23.60 -29.43
C ASP E 38 18.01 23.97 -29.82
N ILE E 39 18.67 23.13 -30.62
CA ILE E 39 20.03 23.42 -31.06
C ILE E 39 20.07 24.67 -31.92
N ILE E 40 19.10 24.81 -32.83
CA ILE E 40 19.05 25.99 -33.69
C ILE E 40 18.83 27.24 -32.86
N ARG E 41 17.92 27.17 -31.88
CA ARG E 41 17.66 28.34 -31.04
C ARG E 41 18.89 28.70 -30.21
N LEU E 42 19.59 27.70 -29.68
CA LEU E 42 20.81 27.97 -28.92
C LEU E 42 21.88 28.59 -29.80
N TYR E 43 22.00 28.12 -31.04
CA TYR E 43 22.93 28.75 -31.98
C TYR E 43 22.54 30.20 -32.25
N LYS E 44 21.24 30.47 -32.40
CA LYS E 44 20.80 31.84 -32.62
C LYS E 44 21.16 32.72 -31.44
N ARG E 45 20.96 32.23 -30.21
CA ARG E 45 21.33 33.00 -29.04
C ARG E 45 22.83 33.24 -28.99
N PHE E 46 23.62 32.20 -29.30
CA PHE E 46 25.08 32.33 -29.28
C PHE E 46 25.55 33.36 -30.29
N TYR E 47 24.97 33.34 -31.49
CA TYR E 47 25.31 34.32 -32.50
C TYR E 47 24.89 35.72 -32.08
N ALA E 48 23.69 35.85 -31.50
CA ALA E 48 23.22 37.16 -31.06
C ALA E 48 24.08 37.72 -29.95
N LEU E 49 24.76 36.85 -29.18
CA LEU E 49 25.67 37.33 -28.16
C LEU E 49 26.78 38.18 -28.77
N ASN E 50 27.32 37.77 -29.91
CA ASN E 50 28.30 38.57 -30.63
C ASN E 50 28.30 38.18 -32.11
N PRO E 51 27.52 38.87 -32.94
CA PRO E 51 27.44 38.48 -34.36
C PRO E 51 28.76 38.54 -35.10
N HIS E 52 29.69 39.42 -34.69
CA HIS E 52 30.93 39.59 -35.42
C HIS E 52 31.79 38.33 -35.35
N LYS E 53 31.97 37.79 -34.14
CA LYS E 53 32.85 36.64 -33.98
C LYS E 53 32.19 35.35 -34.47
N VAL E 54 30.89 35.21 -34.23
CA VAL E 54 30.16 34.00 -34.61
C VAL E 54 29.80 34.05 -36.09
N PRO E 55 30.22 33.07 -36.88
CA PRO E 55 29.86 33.05 -38.30
C PRO E 55 28.41 32.64 -38.51
N THR E 56 27.90 32.98 -39.71
CA THR E 56 26.53 32.61 -40.06
C THR E 56 26.38 31.10 -40.17
N ASN E 57 27.37 30.42 -40.76
CA ASN E 57 27.34 28.98 -40.93
C ASN E 57 28.44 28.35 -40.09
N MET E 58 28.13 27.20 -39.50
CA MET E 58 29.07 26.47 -38.65
C MET E 58 29.23 25.04 -39.11
N GLN E 59 29.44 24.86 -40.42
CA GLN E 59 29.62 23.52 -40.96
C GLN E 59 31.00 22.98 -40.60
N GLY E 60 31.05 21.76 -40.08
CA GLY E 60 32.31 21.09 -39.85
C GLY E 60 32.87 21.39 -38.48
N ASN E 61 34.13 21.85 -38.45
CA ASN E 61 34.87 22.06 -37.21
C ASN E 61 34.57 23.41 -36.57
N ARG E 62 33.83 24.28 -37.24
CA ARG E 62 33.56 25.62 -36.71
C ARG E 62 32.91 25.64 -35.32
N PRO E 63 31.94 24.78 -34.99
CA PRO E 63 31.34 24.86 -33.64
C PRO E 63 32.34 24.78 -32.50
N ALA E 64 33.39 23.98 -32.64
CA ALA E 64 34.40 23.88 -31.59
C ALA E 64 35.47 24.96 -31.70
N ILE E 65 35.49 25.73 -32.77
CA ILE E 65 36.52 26.75 -32.97
C ILE E 65 36.07 28.11 -32.46
N THR E 66 34.85 28.52 -32.81
CA THR E 66 34.36 29.84 -32.42
C THR E 66 34.19 29.92 -30.91
N THR E 67 34.70 30.99 -30.32
CA THR E 67 34.66 31.17 -28.88
C THR E 67 34.23 32.58 -28.54
N LEU E 68 33.64 32.74 -27.36
CA LEU E 68 33.26 34.03 -26.82
C LEU E 68 33.87 34.16 -25.42
N THR E 69 34.36 35.36 -25.10
CA THR E 69 34.93 35.59 -23.78
C THR E 69 33.86 35.38 -22.70
N PHE E 70 34.34 35.10 -21.49
CA PHE E 70 33.41 34.83 -20.39
C PHE E 70 32.48 36.02 -20.14
N GLU E 71 33.00 37.25 -20.29
CA GLU E 71 32.16 38.43 -20.10
C GLU E 71 31.05 38.47 -21.14
N GLU E 72 31.37 38.14 -22.40
CA GLU E 72 30.36 38.15 -23.45
C GLU E 72 29.27 37.11 -23.23
N VAL E 73 29.55 36.08 -22.43
CA VAL E 73 28.54 35.07 -22.15
C VAL E 73 27.76 35.39 -20.87
N GLU E 74 28.42 36.00 -19.88
CA GLU E 74 27.74 36.30 -18.63
C GLU E 74 26.72 37.42 -18.78
N LYS E 75 26.85 38.25 -19.81
CA LYS E 75 25.92 39.36 -20.00
C LYS E 75 24.53 38.93 -20.42
N MET E 76 24.34 37.66 -20.78
CA MET E 76 23.01 37.18 -21.10
C MET E 76 22.16 37.14 -19.83
N PRO E 77 20.85 37.38 -19.96
CA PRO E 77 20.00 37.47 -18.75
C PRO E 77 19.98 36.20 -17.92
N GLU E 78 20.10 35.02 -18.54
CA GLU E 78 20.03 33.78 -17.79
C GLU E 78 21.20 33.61 -16.82
N LEU E 79 22.30 34.32 -17.04
CA LEU E 79 23.46 34.24 -16.17
C LEU E 79 23.84 35.55 -15.51
N LYS E 80 23.21 36.66 -15.87
CA LYS E 80 23.61 37.95 -15.34
C LYS E 80 23.43 38.02 -13.82
N GLU E 81 22.29 37.56 -13.32
CA GLU E 81 21.98 37.67 -11.90
C GLU E 81 22.47 36.49 -11.09
N ASN E 82 23.01 35.46 -11.73
CA ASN E 82 23.50 34.29 -11.01
C ASN E 82 24.86 34.60 -10.40
N PRO E 83 25.03 34.48 -9.08
CA PRO E 83 26.34 34.75 -8.48
C PRO E 83 27.40 33.73 -8.88
N PHE E 84 27.00 32.56 -9.38
CA PHE E 84 27.95 31.53 -9.79
C PHE E 84 28.17 31.51 -11.29
N LYS E 85 27.89 32.61 -11.98
CA LYS E 85 28.05 32.65 -13.43
C LYS E 85 29.49 32.37 -13.84
N ARG E 86 30.44 32.98 -13.13
CA ARG E 86 31.85 32.73 -13.43
C ARG E 86 32.20 31.27 -13.20
N ARG E 87 31.69 30.67 -12.12
CA ARG E 87 31.97 29.27 -11.86
C ARG E 87 31.38 28.37 -12.93
N ILE E 88 30.16 28.67 -13.39
CA ILE E 88 29.56 27.87 -14.46
C ILE E 88 30.40 27.96 -15.72
N CYS E 89 30.81 29.18 -16.09
CA CYS E 89 31.60 29.37 -17.30
C CYS E 89 32.94 28.64 -17.19
N GLU E 90 33.59 28.71 -16.03
CA GLU E 90 34.87 28.03 -15.87
C GLU E 90 34.71 26.52 -15.87
N VAL E 91 33.63 26.02 -15.27
CA VAL E 91 33.41 24.58 -15.21
C VAL E 91 33.17 24.01 -16.60
N PHE E 92 32.34 24.68 -17.40
CA PHE E 92 31.98 24.14 -18.70
C PHE E 92 32.97 24.49 -19.80
N SER E 93 33.97 25.34 -19.53
CA SER E 93 34.95 25.69 -20.54
C SER E 93 35.96 24.55 -20.69
N GLU E 94 36.04 23.98 -21.89
CA GLU E 94 37.02 22.94 -22.16
C GLU E 94 38.43 23.47 -22.01
N ASP E 95 38.68 24.67 -22.53
CA ASP E 95 40.00 25.29 -22.50
C ASP E 95 40.00 26.42 -21.47
N GLY E 96 41.03 26.44 -20.64
CA GLY E 96 41.11 27.38 -19.53
C GLY E 96 41.63 28.76 -19.85
N ARG E 97 41.81 29.10 -21.12
CA ARG E 97 42.31 30.43 -21.47
C ARG E 97 41.31 31.54 -21.18
N GLY E 98 40.05 31.20 -20.89
CA GLY E 98 39.06 32.18 -20.49
C GLY E 98 37.91 32.38 -21.44
N ASN E 99 37.83 31.64 -22.54
CA ASN E 99 36.74 31.77 -23.49
C ASN E 99 36.00 30.44 -23.61
N LEU E 100 34.71 30.53 -23.89
CA LEU E 100 33.82 29.38 -24.00
C LEU E 100 33.36 29.24 -25.44
N SER E 101 33.42 28.01 -25.96
CA SER E 101 33.04 27.74 -27.34
C SER E 101 31.56 27.39 -27.42
N PHE E 102 31.09 27.06 -28.63
CA PHE E 102 29.69 26.72 -28.80
C PHE E 102 29.38 25.32 -28.29
N ASP E 103 30.33 24.39 -28.43
CA ASP E 103 30.13 23.05 -27.86
C ASP E 103 29.98 23.13 -26.35
N ASP E 104 30.81 23.92 -25.69
CA ASP E 104 30.69 24.11 -24.25
C ASP E 104 29.40 24.81 -23.88
N PHE E 105 28.98 25.77 -24.71
CA PHE E 105 27.68 26.40 -24.55
C PHE E 105 26.57 25.37 -24.54
N LEU E 106 26.58 24.47 -25.52
CA LEU E 106 25.56 23.44 -25.63
C LEU E 106 25.60 22.49 -24.44
N ASP E 107 26.80 22.09 -24.03
CA ASP E 107 26.92 21.22 -22.86
C ASP E 107 26.36 21.90 -21.62
N MET E 108 26.71 23.17 -21.42
CA MET E 108 26.26 23.91 -20.25
C MET E 108 24.74 23.98 -20.20
N PHE E 109 24.11 24.31 -21.32
CA PHE E 109 22.66 24.45 -21.29
C PHE E 109 21.94 23.13 -21.47
N SER E 110 22.66 22.04 -21.75
CA SER E 110 22.04 20.71 -21.71
C SER E 110 22.07 20.14 -20.30
N VAL E 111 23.13 20.39 -19.55
CA VAL E 111 23.19 19.94 -18.16
C VAL E 111 22.12 20.65 -17.33
N PHE E 112 21.95 21.95 -17.56
CA PHE E 112 20.94 22.72 -16.83
C PHE E 112 19.54 22.54 -17.37
N SER E 113 19.36 21.81 -18.48
CA SER E 113 18.04 21.63 -19.05
C SER E 113 17.16 20.80 -18.13
N GLU E 114 15.86 20.76 -18.46
CA GLU E 114 14.90 20.05 -17.64
C GLU E 114 15.14 18.55 -17.65
N MET E 115 15.52 17.99 -18.79
CA MET E 115 15.57 16.54 -18.97
C MET E 115 16.88 15.92 -18.51
N ALA E 116 17.80 16.71 -17.97
CA ALA E 116 19.06 16.15 -17.51
C ALA E 116 18.83 15.26 -16.29
N PRO E 117 19.56 14.15 -16.16
CA PRO E 117 19.35 13.26 -15.02
C PRO E 117 19.86 13.89 -13.73
N LEU E 118 19.39 13.34 -12.60
CA LEU E 118 19.79 13.84 -11.30
C LEU E 118 21.29 13.67 -11.06
N GLN E 119 21.86 12.54 -11.46
CA GLN E 119 23.27 12.29 -11.19
C GLN E 119 24.16 13.27 -11.94
N LEU E 120 23.84 13.58 -13.20
CA LEU E 120 24.63 14.52 -13.97
C LEU E 120 24.58 15.91 -13.34
N LYS E 121 23.38 16.35 -12.94
CA LYS E 121 23.23 17.64 -12.30
C LYS E 121 23.99 17.69 -10.98
N LEU E 122 23.94 16.60 -10.21
CA LEU E 122 24.68 16.56 -8.95
C LEU E 122 26.18 16.66 -9.19
N LYS E 123 26.69 15.93 -10.18
CA LYS E 123 28.12 15.98 -10.48
C LYS E 123 28.54 17.37 -10.90
N TYR E 124 27.77 18.01 -11.78
CA TYR E 124 28.16 19.33 -12.25
C TYR E 124 27.97 20.39 -11.18
N ALA E 125 26.98 20.25 -10.30
CA ALA E 125 26.84 21.18 -9.18
C ALA E 125 28.01 21.05 -8.23
N PHE E 126 28.44 19.81 -7.95
CA PHE E 126 29.62 19.61 -7.11
C PHE E 126 30.85 20.24 -7.76
N ARG E 127 30.99 20.09 -9.08
CA ARG E 127 32.12 20.70 -9.77
C ARG E 127 32.05 22.22 -9.72
N ILE E 128 30.85 22.78 -9.83
CA ILE E 128 30.67 24.24 -9.77
C ILE E 128 31.08 24.76 -8.40
N TYR E 129 30.54 24.15 -7.34
CA TYR E 129 30.83 24.63 -6.00
C TYR E 129 32.25 24.31 -5.55
N ASP E 130 32.98 23.48 -6.29
CA ASP E 130 34.37 23.17 -5.98
C ASP E 130 35.25 24.25 -6.58
N TYR E 131 35.41 25.34 -5.82
CA TYR E 131 36.15 26.50 -6.31
C TYR E 131 37.60 26.15 -6.60
N ASP E 132 38.29 25.55 -5.63
CA ASP E 132 39.70 25.26 -5.81
C ASP E 132 39.94 24.10 -6.78
N GLY E 133 38.90 23.36 -7.13
CA GLY E 133 39.05 22.28 -8.10
C GLY E 133 39.90 21.13 -7.62
N ASP E 134 39.76 20.72 -6.36
CA ASP E 134 40.48 19.59 -5.81
C ASP E 134 39.56 18.40 -5.54
N GLU E 135 38.36 18.40 -6.12
CA GLU E 135 37.35 17.36 -5.98
C GLU E 135 36.85 17.21 -4.55
N LEU E 136 37.09 18.19 -3.69
CA LEU E 136 36.59 18.19 -2.33
C LEU E 136 35.99 19.56 -2.01
N LEU E 137 34.82 19.56 -1.38
CA LEU E 137 34.19 20.79 -0.91
C LEU E 137 34.74 21.09 0.48
N GLY E 138 35.83 21.86 0.52
CA GLY E 138 36.52 22.15 1.76
C GLY E 138 35.86 23.30 2.51
N HIS E 139 36.57 23.75 3.55
CA HIS E 139 36.08 24.85 4.39
C HIS E 139 35.97 26.14 3.60
N ASP E 140 37.00 26.47 2.82
CA ASP E 140 37.02 27.73 2.09
C ASP E 140 35.99 27.74 0.97
N ASP E 141 35.77 26.61 0.31
CA ASP E 141 34.75 26.55 -0.72
C ASP E 141 33.37 26.81 -0.15
N LEU E 142 33.06 26.19 0.99
CA LEU E 142 31.78 26.43 1.64
C LEU E 142 31.67 27.88 2.11
N SER E 143 32.76 28.45 2.62
CA SER E 143 32.74 29.84 3.04
C SER E 143 32.41 30.76 1.88
N LYS E 144 33.08 30.56 0.75
CA LYS E 144 32.81 31.39 -0.42
C LYS E 144 31.39 31.20 -0.92
N MET E 145 30.91 29.96 -0.96
CA MET E 145 29.54 29.71 -1.42
C MET E 145 28.52 30.38 -0.52
N ILE E 146 28.70 30.29 0.79
CA ILE E 146 27.75 30.88 1.73
C ILE E 146 27.79 32.41 1.62
N ARG E 147 28.98 32.99 1.58
CA ARG E 147 29.08 34.44 1.49
C ARG E 147 28.56 34.95 0.16
N SER E 148 28.60 34.12 -0.89
CA SER E 148 28.01 34.51 -2.17
C SER E 148 26.50 34.39 -2.13
N LEU E 149 25.97 33.40 -1.40
CA LEU E 149 24.53 33.20 -1.36
C LEU E 149 23.83 34.27 -0.55
N THR E 150 24.52 34.91 0.39
CA THR E 150 23.91 35.89 1.29
C THR E 150 24.47 37.29 1.11
N ARG E 151 25.25 37.51 0.04
CA ARG E 151 25.85 38.81 -0.24
C ARG E 151 26.67 39.32 0.94
N ASP E 152 27.34 38.39 1.63
CA ASP E 152 28.24 38.70 2.74
C ASP E 152 27.54 39.40 3.89
N GLU E 153 26.20 39.36 3.94
CA GLU E 153 25.48 40.03 5.01
C GLU E 153 25.69 39.32 6.35
N LEU E 154 25.76 38.00 6.33
CA LEU E 154 25.96 37.24 7.57
C LEU E 154 27.34 37.53 8.15
N SER E 155 27.43 37.52 9.47
CA SER E 155 28.68 37.79 10.15
C SER E 155 29.61 36.57 10.06
N ASP E 156 30.87 36.80 10.42
CA ASP E 156 31.88 35.74 10.31
C ASP E 156 31.55 34.56 11.20
N VAL E 157 31.09 34.83 12.43
CA VAL E 157 30.76 33.74 13.36
C VAL E 157 29.60 32.92 12.82
N GLU E 158 28.59 33.57 12.26
CA GLU E 158 27.46 32.86 11.66
C GLU E 158 27.93 31.98 10.50
N VAL E 159 28.80 32.53 9.64
CA VAL E 159 29.30 31.76 8.51
C VAL E 159 30.08 30.56 8.99
N GLU E 160 30.93 30.73 10.00
CA GLU E 160 31.69 29.61 10.54
C GLU E 160 30.77 28.55 11.13
N PHE E 161 29.73 28.98 11.84
CA PHE E 161 28.78 28.03 12.41
C PHE E 161 28.09 27.23 11.31
N ILE E 162 27.66 27.91 10.24
CA ILE E 162 26.99 27.21 9.14
C ILE E 162 27.95 26.25 8.47
N ILE E 163 29.21 26.65 8.28
CA ILE E 163 30.20 25.78 7.67
C ILE E 163 30.41 24.54 8.52
N GLU E 164 30.54 24.72 9.84
CA GLU E 164 30.74 23.58 10.72
C GLU E 164 29.55 22.64 10.70
N ARG E 165 28.33 23.20 10.71
CA ARG E 165 27.14 22.36 10.67
C ARG E 165 27.04 21.59 9.35
N ILE E 166 27.40 22.25 8.24
CA ILE E 166 27.39 21.57 6.95
C ILE E 166 28.43 20.46 6.92
N ILE E 167 29.63 20.74 7.43
CA ILE E 167 30.72 19.76 7.37
C ILE E 167 30.39 18.55 8.23
N GLU E 168 29.94 18.77 9.47
CA GLU E 168 29.64 17.65 10.34
C GLU E 168 28.48 16.81 9.81
N GLU E 169 27.69 17.36 8.89
CA GLU E 169 26.78 16.55 8.10
C GLU E 169 27.55 15.94 6.92
N ALA E 170 27.40 14.64 6.73
CA ALA E 170 28.08 13.89 5.67
C ALA E 170 29.59 13.91 5.80
N ASP E 171 30.13 14.04 7.02
CA ASP E 171 31.56 13.84 7.22
C ASP E 171 31.85 12.40 7.61
N LEU E 172 31.38 11.47 6.78
CA LEU E 172 31.50 10.05 7.10
C LEU E 172 32.96 9.63 7.20
N ASP E 173 33.80 10.12 6.27
CA ASP E 173 35.21 9.79 6.30
C ASP E 173 35.95 10.46 7.45
N GLY E 174 35.36 11.50 8.05
CA GLY E 174 36.08 12.27 9.05
C GLY E 174 37.20 13.11 8.49
N ASP E 175 37.15 13.41 7.20
CA ASP E 175 38.21 14.14 6.51
C ASP E 175 38.05 15.65 6.59
N SER E 176 37.06 16.15 7.32
CA SER E 176 36.77 17.58 7.43
C SER E 176 36.43 18.21 6.09
N SER E 177 35.95 17.42 5.14
CA SER E 177 35.57 17.91 3.82
C SER E 177 34.59 16.94 3.20
N ILE E 178 33.89 17.40 2.17
CA ILE E 178 32.84 16.63 1.52
C ILE E 178 33.33 16.21 0.14
N ASN E 179 33.51 14.91 -0.06
CA ASN E 179 33.78 14.41 -1.40
C ASN E 179 32.47 14.27 -2.16
N PHE E 180 32.57 13.78 -3.40
CA PHE E 180 31.37 13.68 -4.23
C PHE E 180 30.41 12.63 -3.72
N ALA E 181 30.92 11.58 -3.06
CA ALA E 181 30.03 10.54 -2.55
C ALA E 181 29.10 11.09 -1.48
N GLU E 182 29.66 11.77 -0.47
CA GLU E 182 28.85 12.34 0.59
C GLU E 182 27.92 13.42 0.06
N PHE E 183 28.43 14.28 -0.83
CA PHE E 183 27.62 15.34 -1.40
C PHE E 183 26.44 14.75 -2.18
N GLU E 184 26.69 13.72 -2.97
CA GLU E 184 25.62 13.09 -3.73
C GLU E 184 24.60 12.47 -2.78
N HIS E 185 25.08 11.71 -1.78
CA HIS E 185 24.18 11.05 -0.85
C HIS E 185 23.29 12.05 -0.11
N VAL E 186 23.82 13.24 0.18
CA VAL E 186 23.02 14.23 0.90
C VAL E 186 22.07 14.95 -0.05
N VAL E 187 22.61 15.55 -1.11
CA VAL E 187 21.80 16.43 -1.96
C VAL E 187 20.80 15.65 -2.81
N SER E 188 21.02 14.35 -3.05
CA SER E 188 20.05 13.59 -3.82
C SER E 188 18.73 13.46 -3.09
N ARG E 189 18.72 13.62 -1.77
CA ARG E 189 17.50 13.54 -0.98
C ARG E 189 16.88 14.91 -0.75
N SER E 190 17.48 15.98 -1.24
CA SER E 190 16.89 17.30 -1.13
C SER E 190 15.64 17.37 -2.01
N PRO E 191 14.50 17.79 -1.47
CA PRO E 191 13.26 17.80 -2.26
C PRO E 191 13.16 18.92 -3.28
N ASP E 192 14.14 19.79 -3.37
CA ASP E 192 14.06 20.93 -4.27
C ASP E 192 15.34 21.22 -5.04
N PHE E 193 16.36 20.36 -4.96
CA PHE E 193 17.57 20.59 -5.73
C PHE E 193 17.30 20.53 -7.24
N ILE E 194 16.50 19.56 -7.67
CA ILE E 194 16.22 19.40 -9.09
C ILE E 194 15.38 20.54 -9.64
N ARG E 195 14.74 21.32 -8.75
CA ARG E 195 13.96 22.47 -9.19
C ARG E 195 14.81 23.72 -9.31
N THR E 196 15.70 23.96 -8.35
CA THR E 196 16.54 25.15 -8.39
C THR E 196 17.62 25.02 -9.47
N PHE E 197 18.28 23.86 -9.54
CA PHE E 197 19.35 23.65 -10.50
C PHE E 197 18.74 23.44 -11.88
N HIS E 198 18.38 24.55 -12.51
CA HIS E 198 17.65 24.51 -13.77
C HIS E 198 17.84 25.85 -14.48
N ILE E 199 18.07 25.78 -15.79
CA ILE E 199 18.13 26.99 -16.62
C ILE E 199 17.36 26.73 -17.90
N ARG E 200 16.18 27.32 -18.02
CA ARG E 200 15.32 27.09 -19.17
C ARG E 200 15.65 28.08 -20.28
N ILE E 201 15.97 27.55 -21.46
CA ILE E 201 16.24 28.37 -22.62
C ILE E 201 15.57 27.78 -23.85
N ASP F 15 -38.15 44.16 -20.32
CA ASP F 15 -37.38 44.05 -21.56
C ASP F 15 -37.01 45.43 -22.09
N GLN F 16 -35.75 45.57 -22.51
CA GLN F 16 -35.27 46.81 -23.06
C GLN F 16 -35.86 47.04 -24.46
N PHE F 17 -35.68 48.26 -24.96
CA PHE F 17 -35.99 48.55 -26.37
C PHE F 17 -34.96 47.82 -27.21
N VAL F 18 -35.39 46.75 -27.87
CA VAL F 18 -34.47 45.70 -28.28
C VAL F 18 -34.00 45.88 -29.73
N ALA F 19 -34.91 46.11 -30.67
CA ALA F 19 -34.62 45.82 -32.08
C ALA F 19 -34.60 47.05 -32.97
N PRO F 20 -33.43 47.66 -33.20
CA PRO F 20 -33.22 48.49 -34.39
C PRO F 20 -32.70 47.68 -35.58
N GLY F 21 -33.52 46.76 -36.07
CA GLY F 21 -33.10 45.80 -37.07
C GLY F 21 -32.59 44.52 -36.44
N LEU F 22 -31.42 44.58 -35.80
CA LEU F 22 -30.96 43.51 -34.95
C LEU F 22 -31.27 43.88 -33.50
N ARG F 23 -30.89 43.04 -32.55
CA ARG F 23 -31.19 43.32 -31.15
C ARG F 23 -30.14 44.23 -30.55
N LEU F 24 -30.59 45.10 -29.63
CA LEU F 24 -29.69 46.09 -29.03
C LEU F 24 -28.56 45.42 -28.26
N TRP F 25 -28.87 44.34 -27.54
CA TRP F 25 -27.83 43.61 -26.83
C TRP F 25 -26.78 43.08 -27.80
N MET F 26 -27.20 42.70 -29.01
CA MET F 26 -26.24 42.28 -30.02
C MET F 26 -25.30 43.41 -30.40
N LEU F 27 -25.84 44.62 -30.59
CA LEU F 27 -25.01 45.76 -30.95
C LEU F 27 -24.02 46.10 -29.85
N ILE F 28 -24.49 46.13 -28.59
CA ILE F 28 -23.59 46.45 -27.50
C ILE F 28 -22.55 45.36 -27.33
N ALA F 29 -22.93 44.10 -27.55
CA ALA F 29 -21.96 43.02 -27.51
C ALA F 29 -20.91 43.17 -28.61
N LEU F 30 -21.33 43.58 -29.80
CA LEU F 30 -20.39 43.76 -30.90
C LEU F 30 -19.40 44.88 -30.59
N VAL F 31 -19.90 46.01 -30.08
CA VAL F 31 -18.99 47.13 -29.79
C VAL F 31 -18.07 46.77 -28.63
N GLY F 32 -18.58 46.06 -27.63
CA GLY F 32 -17.73 45.59 -26.56
C GLY F 32 -16.66 44.62 -27.05
N GLY F 33 -17.03 43.74 -27.98
CA GLY F 33 -16.08 42.79 -28.52
C GLY F 33 -14.98 43.46 -29.31
N VAL F 34 -15.34 44.42 -30.16
CA VAL F 34 -14.30 45.12 -30.93
C VAL F 34 -13.43 45.96 -30.01
N LEU F 35 -14.01 46.54 -28.95
CA LEU F 35 -13.21 47.25 -27.97
C LEU F 35 -12.24 46.31 -27.27
N LEU F 36 -12.71 45.12 -26.91
CA LEU F 36 -11.84 44.13 -26.26
C LEU F 36 -10.72 43.70 -27.19
N ILE F 37 -11.02 43.48 -28.47
CA ILE F 37 -10.00 43.08 -29.43
C ILE F 37 -8.95 44.17 -29.55
N MET F 38 -9.39 45.42 -29.66
CA MET F 38 -8.44 46.53 -29.78
C MET F 38 -7.56 46.62 -28.54
N ILE F 39 -8.14 46.51 -27.35
CA ILE F 39 -7.35 46.70 -26.13
C ILE F 39 -6.40 45.53 -25.93
N VAL F 40 -6.80 44.30 -26.29
CA VAL F 40 -5.87 43.19 -26.13
C VAL F 40 -4.74 43.27 -27.15
N ILE F 41 -5.04 43.77 -28.36
CA ILE F 41 -3.97 44.00 -29.33
C ILE F 41 -2.97 45.02 -28.78
N VAL F 42 -3.49 46.12 -28.22
CA VAL F 42 -2.61 47.15 -27.67
C VAL F 42 -1.79 46.59 -26.52
N CYS F 43 -2.41 45.81 -25.64
CA CYS F 43 -1.68 45.26 -24.51
C CYS F 43 -0.61 44.27 -24.98
N CYS F 44 -0.90 43.49 -26.01
CA CYS F 44 0.11 42.60 -26.56
C CYS F 44 1.29 43.39 -27.13
N PHE F 45 1.01 44.51 -27.79
CA PHE F 45 2.08 45.30 -28.40
C PHE F 45 2.72 46.32 -27.46
N MET F 46 2.26 46.42 -26.21
CA MET F 46 2.76 47.45 -25.31
C MET F 46 3.83 46.94 -24.33
N ARG F 47 3.54 45.86 -23.60
CA ARG F 47 4.44 45.31 -22.58
C ARG F 47 4.75 46.35 -21.50
N ILE F 48 3.69 46.70 -20.76
CA ILE F 48 3.78 47.66 -19.68
C ILE F 48 4.18 46.97 -18.38
N ARG F 49 4.64 47.75 -17.41
CA ARG F 49 5.03 47.21 -16.10
C ARG F 49 4.68 48.25 -15.04
N ILE F 50 3.62 48.00 -14.29
CA ILE F 50 3.09 48.96 -13.32
C ILE F 50 3.93 48.99 -12.03
N PRO F 51 4.16 47.87 -11.34
CA PRO F 51 4.80 47.95 -10.03
C PRO F 51 6.20 48.53 -10.09
N ARG F 52 6.57 49.26 -9.04
CA ARG F 52 7.91 49.81 -8.92
C ARG F 52 8.86 48.80 -8.30
N THR F 53 10.13 48.91 -8.67
CA THR F 53 11.19 48.15 -8.02
C THR F 53 11.41 48.69 -6.60
N LYS F 54 11.92 47.83 -5.73
CA LYS F 54 12.19 48.24 -4.35
C LYS F 54 13.11 49.44 -4.29
N ARG F 55 14.01 49.59 -5.26
CA ARG F 55 14.84 50.78 -5.33
C ARG F 55 13.99 52.03 -5.49
N GLN F 56 13.00 51.97 -6.39
CA GLN F 56 12.10 53.12 -6.55
C GLN F 56 11.28 53.34 -5.28
N ILE F 57 10.91 52.27 -4.59
CA ILE F 57 10.08 52.40 -3.40
C ILE F 57 10.85 53.11 -2.29
N ASP F 58 12.09 52.69 -2.05
CA ASP F 58 12.83 53.22 -0.91
C ASP F 58 13.59 54.50 -1.22
N LEU F 59 13.91 54.76 -2.49
CA LEU F 59 14.61 56.00 -2.82
C LEU F 59 13.72 57.22 -2.67
N ILE F 60 12.40 57.06 -2.73
CA ILE F 60 11.47 58.17 -2.57
C ILE F 60 10.79 58.19 -1.21
N ALA F 61 11.24 57.35 -0.28
CA ALA F 61 10.62 57.31 1.04
C ALA F 61 10.83 58.62 1.80
N ALA F 62 11.85 59.39 1.44
CA ALA F 62 12.13 60.66 2.10
C ALA F 62 11.08 61.71 1.74
#